data_3IX4
#
_entry.id   3IX4
#
_cell.length_a   54.196
_cell.length_b   84.546
_cell.length_c   156.385
_cell.angle_alpha   90.00
_cell.angle_beta   95.97
_cell.angle_gamma   90.00
#
_symmetry.space_group_name_H-M   'P 1 21 1'
#
loop_
_entity.id
_entity.type
_entity.pdbx_description
1 polymer 'Transcriptional activator protein lasR'
2 non-polymer '2,4-dibromo-6-({[(2-nitrophenyl)carbonyl]amino}methyl)phenyl 2-chlorobenzoate'
3 water water
#
_entity_poly.entity_id   1
_entity_poly.type   'polypeptide(L)'
_entity_poly.pdbx_seq_one_letter_code
;MALVDGFLELERSSGKLEWSAILQKMASDLGFSKILFGLLPKDSQDYENAFIVGNYPAAWREHYDRAGYARVDPTVSHCT
QSVLPIFWEPSIYQTRKQHEFFEEASAAGLVYGLTMPLHGARGELGALSLSVEAENRAEANRFMESVLPTLWMLKDYALQ
SGAGLAFEHPVSK
;
_entity_poly.pdbx_strand_id   A,B,C,D,E,F,G,H
#
# COMPACT_ATOMS: atom_id res chain seq x y z
N GLY A 6 -22.89 -11.27 15.94
CA GLY A 6 -21.47 -11.44 16.36
C GLY A 6 -21.32 -12.09 17.73
N PHE A 7 -20.15 -12.66 18.04
CA PHE A 7 -18.98 -12.80 17.14
C PHE A 7 -17.99 -11.61 17.24
N LEU A 8 -18.49 -10.44 17.62
CA LEU A 8 -17.66 -9.24 17.78
C LEU A 8 -16.49 -9.44 18.74
N GLU A 9 -16.80 -9.94 19.93
CA GLU A 9 -15.80 -10.07 21.00
C GLU A 9 -14.86 -11.24 20.76
N LEU A 10 -15.39 -12.33 20.23
CA LEU A 10 -14.61 -13.54 19.93
C LEU A 10 -13.51 -13.25 18.89
N GLU A 11 -13.77 -12.26 18.03
CA GLU A 11 -12.81 -11.84 17.01
C GLU A 11 -11.80 -10.83 17.53
N ARG A 12 -12.25 -9.92 18.39
CA ARG A 12 -11.38 -8.93 19.00
C ARG A 12 -10.51 -9.52 20.10
N SER A 13 -10.87 -10.73 20.57
CA SER A 13 -10.13 -11.41 21.61
C SER A 13 -8.80 -11.97 21.10
N SER A 14 -7.82 -12.05 21.99
CA SER A 14 -6.56 -12.71 21.69
C SER A 14 -6.28 -13.77 22.75
N GLY A 15 -5.86 -14.94 22.31
CA GLY A 15 -5.51 -16.02 23.21
C GLY A 15 -6.72 -16.84 23.63
N LYS A 16 -6.45 -18.10 23.98
CA LYS A 16 -7.47 -19.07 24.38
C LYS A 16 -8.27 -18.65 25.63
N LEU A 17 -7.58 -18.07 26.61
CA LEU A 17 -8.21 -17.68 27.87
C LEU A 17 -9.35 -16.67 27.69
N GLU A 18 -9.10 -15.60 26.95
CA GLU A 18 -10.15 -14.62 26.67
C GLU A 18 -11.26 -15.21 25.80
N TRP A 19 -10.88 -16.02 24.83
CA TRP A 19 -11.84 -16.65 23.92
C TRP A 19 -12.80 -17.56 24.71
N SER A 20 -12.24 -18.37 25.60
CA SER A 20 -13.04 -19.25 26.46
C SER A 20 -14.00 -18.47 27.36
N ALA A 21 -13.50 -17.37 27.94
CA ALA A 21 -14.32 -16.56 28.85
C ALA A 21 -15.51 -15.93 28.12
N ILE A 22 -15.29 -15.50 26.88
CA ILE A 22 -16.35 -14.90 26.07
C ILE A 22 -17.39 -15.96 25.71
N LEU A 23 -16.94 -17.09 25.17
CA LEU A 23 -17.86 -18.19 24.80
C LEU A 23 -18.68 -18.71 25.98
N GLN A 24 -18.02 -18.95 27.11
CA GLN A 24 -18.70 -19.39 28.33
C GLN A 24 -19.79 -18.42 28.77
N LYS A 25 -19.50 -17.12 28.69
CA LYS A 25 -20.47 -16.09 29.07
C LYS A 25 -21.66 -16.02 28.12
N MET A 26 -21.41 -16.21 26.83
CA MET A 26 -22.46 -16.24 25.83
C MET A 26 -23.44 -17.37 26.13
N ALA A 27 -22.89 -18.54 26.45
CA ALA A 27 -23.70 -19.71 26.80
C ALA A 27 -24.48 -19.49 28.09
N SER A 28 -23.79 -18.97 29.10
CA SER A 28 -24.39 -18.69 30.41
C SER A 28 -25.54 -17.67 30.31
N ASP A 29 -25.32 -16.60 29.54
CA ASP A 29 -26.34 -15.58 29.32
C ASP A 29 -27.57 -16.17 28.62
N LEU A 30 -27.32 -17.14 27.73
CA LEU A 30 -28.38 -17.83 27.01
C LEU A 30 -29.15 -18.81 27.89
N GLY A 31 -28.52 -19.28 28.96
CA GLY A 31 -29.17 -20.17 29.93
C GLY A 31 -28.49 -21.51 30.16
N PHE A 32 -27.30 -21.70 29.58
CA PHE A 32 -26.50 -22.93 29.75
C PHE A 32 -25.32 -22.74 30.70
N SER A 33 -25.29 -23.51 31.79
CA SER A 33 -24.26 -23.38 32.82
C SER A 33 -22.89 -23.97 32.43
N LYS A 34 -22.88 -25.06 31.68
CA LYS A 34 -21.62 -25.72 31.29
C LYS A 34 -21.49 -25.92 29.79
N ILE A 35 -20.29 -25.71 29.26
CA ILE A 35 -20.04 -25.90 27.83
C ILE A 35 -18.70 -26.55 27.54
N LEU A 36 -18.65 -27.28 26.44
CA LEU A 36 -17.39 -27.76 25.88
C LEU A 36 -17.37 -27.52 24.38
N PHE A 37 -16.32 -26.82 23.94
CA PHE A 37 -16.02 -26.65 22.53
C PHE A 37 -14.78 -27.51 22.26
N GLY A 38 -14.93 -28.50 21.39
CA GLY A 38 -13.87 -29.43 21.04
C GLY A 38 -13.66 -29.45 19.54
N LEU A 39 -12.40 -29.43 19.11
CA LEU A 39 -12.13 -29.35 17.67
C LEU A 39 -10.87 -30.14 17.25
N LEU A 40 -11.01 -30.85 16.14
CA LEU A 40 -9.92 -31.62 15.55
C LEU A 40 -9.62 -31.08 14.15
N PRO A 41 -8.33 -31.15 13.73
CA PRO A 41 -8.00 -30.69 12.39
C PRO A 41 -8.36 -31.77 11.37
N LYS A 42 -8.26 -31.43 10.09
CA LYS A 42 -8.59 -32.35 9.00
C LYS A 42 -7.91 -33.71 9.17
N ASP A 43 -8.68 -34.76 8.93
CA ASP A 43 -8.24 -36.16 8.99
C ASP A 43 -7.57 -36.56 10.31
N SER A 44 -8.09 -36.03 11.40
CA SER A 44 -7.65 -36.45 12.74
C SER A 44 -8.79 -37.13 13.49
N GLN A 45 -8.46 -38.23 14.17
CA GLN A 45 -9.39 -38.92 15.05
C GLN A 45 -8.82 -38.97 16.46
N ASP A 46 -7.89 -38.06 16.75
CA ASP A 46 -7.17 -38.05 18.01
C ASP A 46 -7.93 -37.24 19.05
N TYR A 47 -9.07 -37.77 19.51
CA TYR A 47 -9.96 -37.07 20.44
C TYR A 47 -9.28 -36.72 21.75
N GLU A 48 -8.37 -37.60 22.18
CA GLU A 48 -7.59 -37.41 23.40
C GLU A 48 -6.62 -36.23 23.30
N ASN A 49 -6.41 -35.73 22.09
CA ASN A 49 -5.55 -34.55 21.86
C ASN A 49 -6.27 -33.41 21.15
N ALA A 50 -7.59 -33.35 21.29
CA ALA A 50 -8.39 -32.29 20.65
C ALA A 50 -8.09 -30.91 21.25
N PHE A 51 -8.38 -29.87 20.48
CA PHE A 51 -8.38 -28.50 21.00
C PHE A 51 -9.67 -28.35 21.79
N ILE A 52 -9.56 -28.15 23.10
CA ILE A 52 -10.73 -28.13 23.97
C ILE A 52 -10.87 -26.81 24.72
N VAL A 53 -12.08 -26.27 24.72
CA VAL A 53 -12.40 -25.03 25.39
C VAL A 53 -13.64 -25.21 26.27
N GLY A 54 -13.66 -24.56 27.43
CA GLY A 54 -14.89 -24.52 28.24
C GLY A 54 -14.74 -24.80 29.72
N ASN A 55 -15.88 -24.94 30.40
CA ASN A 55 -15.91 -25.03 31.85
C ASN A 55 -16.47 -26.34 32.41
N TYR A 56 -16.42 -27.42 31.63
CA TYR A 56 -16.66 -28.76 32.14
C TYR A 56 -15.70 -28.99 33.31
N PRO A 57 -16.15 -29.68 34.38
CA PRO A 57 -15.24 -29.99 35.48
C PRO A 57 -13.96 -30.66 34.99
N ALA A 58 -12.82 -30.19 35.46
CA ALA A 58 -11.52 -30.73 35.05
C ALA A 58 -11.40 -32.24 35.27
N ALA A 59 -11.91 -32.73 36.40
CA ALA A 59 -11.80 -34.15 36.73
C ALA A 59 -12.60 -35.00 35.76
N TRP A 60 -13.74 -34.46 35.30
CA TRP A 60 -14.55 -35.12 34.28
C TRP A 60 -13.82 -35.20 32.93
N ARG A 61 -13.22 -34.09 32.51
CA ARG A 61 -12.47 -34.07 31.27
C ARG A 61 -11.34 -35.09 31.28
N GLU A 62 -10.63 -35.17 32.41
CA GLU A 62 -9.55 -36.15 32.62
C GLU A 62 -10.05 -37.58 32.55
N HIS A 63 -11.15 -37.86 33.24
CA HIS A 63 -11.77 -39.18 33.25
C HIS A 63 -12.25 -39.57 31.85
N TYR A 64 -12.87 -38.62 31.14
CA TYR A 64 -13.29 -38.83 29.75
C TYR A 64 -12.14 -39.36 28.89
N ASP A 65 -10.99 -38.70 28.97
CA ASP A 65 -9.78 -39.12 28.24
C ASP A 65 -9.26 -40.46 28.74
N ARG A 66 -9.17 -40.58 30.06
CA ARG A 66 -8.68 -41.77 30.77
C ARG A 66 -9.45 -43.01 30.36
N ALA A 67 -10.78 -42.92 30.38
CA ALA A 67 -11.68 -44.04 30.12
C ALA A 67 -11.90 -44.33 28.64
N GLY A 68 -11.37 -43.46 27.78
CA GLY A 68 -11.55 -43.58 26.33
C GLY A 68 -13.01 -43.42 25.93
N TYR A 69 -13.70 -42.49 26.60
CA TYR A 69 -15.13 -42.29 26.41
C TYR A 69 -15.49 -41.80 25.01
N ALA A 70 -14.51 -41.30 24.26
CA ALA A 70 -14.73 -40.94 22.85
C ALA A 70 -15.22 -42.13 22.02
N ARG A 71 -14.87 -43.34 22.46
CA ARG A 71 -15.29 -44.58 21.81
C ARG A 71 -16.68 -45.02 22.27
N VAL A 72 -17.19 -44.38 23.32
CA VAL A 72 -18.44 -44.78 23.96
C VAL A 72 -19.53 -43.70 23.81
N ASP A 73 -19.18 -42.47 24.17
CA ASP A 73 -20.04 -41.29 24.02
C ASP A 73 -20.75 -41.30 22.67
N PRO A 74 -22.10 -41.44 22.68
CA PRO A 74 -22.86 -41.55 21.43
C PRO A 74 -22.88 -40.28 20.58
N THR A 75 -22.57 -39.14 21.19
CA THR A 75 -22.55 -37.88 20.43
C THR A 75 -21.35 -37.82 19.48
N VAL A 76 -20.28 -38.54 19.80
CA VAL A 76 -19.06 -38.54 18.98
C VAL A 76 -19.33 -39.12 17.58
N SER A 77 -19.84 -40.34 17.54
CA SER A 77 -20.18 -41.00 16.27
C SER A 77 -21.23 -40.20 15.51
N HIS A 78 -22.18 -39.62 16.24
CA HIS A 78 -23.20 -38.78 15.60
C HIS A 78 -22.55 -37.64 14.85
N CYS A 79 -21.60 -36.98 15.49
CA CYS A 79 -20.91 -35.84 14.90
C CYS A 79 -20.19 -36.18 13.59
N THR A 80 -19.69 -37.42 13.47
CA THR A 80 -19.04 -37.83 12.21
C THR A 80 -20.02 -38.00 11.05
N GLN A 81 -21.32 -38.07 11.36
CA GLN A 81 -22.31 -38.41 10.34
C GLN A 81 -23.29 -37.29 10.00
N SER A 82 -23.37 -36.27 10.86
CA SER A 82 -24.43 -35.28 10.75
C SER A 82 -23.99 -33.87 11.11
N VAL A 83 -24.71 -32.89 10.55
CA VAL A 83 -24.57 -31.47 10.93
C VAL A 83 -25.68 -31.03 11.90
N LEU A 84 -26.61 -31.94 12.19
CA LEU A 84 -27.77 -31.64 13.03
C LEU A 84 -27.47 -31.95 14.50
N PRO A 85 -28.13 -31.24 15.44
CA PRO A 85 -27.82 -31.47 16.86
C PRO A 85 -28.28 -32.84 17.34
N ILE A 86 -27.59 -33.37 18.33
CA ILE A 86 -28.04 -34.57 19.04
C ILE A 86 -28.34 -34.15 20.49
N PHE A 87 -29.62 -34.24 20.87
CA PHE A 87 -30.03 -33.94 22.23
C PHE A 87 -29.70 -35.12 23.13
N TRP A 88 -29.35 -34.82 24.39
CA TRP A 88 -28.95 -35.83 25.36
C TRP A 88 -30.18 -36.57 25.89
N GLU A 89 -30.86 -37.25 24.97
CA GLU A 89 -32.09 -37.97 25.28
C GLU A 89 -31.76 -39.37 25.77
N PRO A 90 -32.63 -39.97 26.61
CA PRO A 90 -32.29 -41.26 27.17
C PRO A 90 -32.10 -42.33 26.09
N SER A 91 -32.76 -42.17 24.94
CA SER A 91 -32.66 -43.13 23.84
C SER A 91 -31.28 -43.21 23.18
N ILE A 92 -30.43 -42.18 23.35
CA ILE A 92 -29.10 -42.22 22.74
C ILE A 92 -28.10 -43.10 23.50
N TYR A 93 -28.43 -43.42 24.75
CA TYR A 93 -27.57 -44.27 25.57
C TYR A 93 -28.11 -45.70 25.50
N GLN A 94 -27.54 -46.47 24.57
CA GLN A 94 -28.08 -47.78 24.20
C GLN A 94 -27.36 -48.95 24.86
N THR A 95 -26.03 -48.96 24.79
CA THR A 95 -25.23 -50.03 25.37
C THR A 95 -25.04 -49.86 26.87
N ARG A 96 -24.58 -50.92 27.54
CA ARG A 96 -24.28 -50.89 28.97
C ARG A 96 -23.15 -49.91 29.29
N LYS A 97 -22.16 -49.85 28.40
CA LYS A 97 -21.09 -48.87 28.52
C LYS A 97 -21.62 -47.44 28.41
N GLN A 98 -22.59 -47.22 27.53
CA GLN A 98 -23.20 -45.90 27.38
C GLN A 98 -24.08 -45.53 28.57
N HIS A 99 -24.69 -46.54 29.20
CA HIS A 99 -25.42 -46.33 30.45
C HIS A 99 -24.48 -45.85 31.56
N GLU A 100 -23.29 -46.43 31.63
CA GLU A 100 -22.29 -46.01 32.62
C GLU A 100 -21.79 -44.61 32.30
N PHE A 101 -21.59 -44.33 31.01
CA PHE A 101 -21.19 -43.00 30.55
C PHE A 101 -22.20 -41.95 31.01
N PHE A 102 -23.49 -42.23 30.78
CA PHE A 102 -24.57 -41.35 31.24
C PHE A 102 -24.51 -41.10 32.74
N GLU A 103 -24.36 -42.19 33.50
CA GLU A 103 -24.29 -42.10 34.97
C GLU A 103 -23.11 -41.26 35.43
N GLU A 104 -21.96 -41.48 34.80
CA GLU A 104 -20.72 -40.79 35.18
C GLU A 104 -20.79 -39.30 34.82
N ALA A 105 -21.26 -38.99 33.61
CA ALA A 105 -21.47 -37.60 33.20
C ALA A 105 -22.47 -36.88 34.11
N SER A 106 -23.53 -37.60 34.49
CA SER A 106 -24.54 -37.06 35.39
C SER A 106 -23.95 -36.73 36.76
N ALA A 107 -23.11 -37.62 37.27
CA ALA A 107 -22.40 -37.39 38.53
C ALA A 107 -21.62 -36.08 38.47
N ALA A 108 -21.03 -35.81 37.30
CA ALA A 108 -20.30 -34.56 37.02
C ALA A 108 -21.22 -33.37 36.81
N GLY A 109 -22.53 -33.58 36.90
CA GLY A 109 -23.52 -32.52 36.76
C GLY A 109 -23.99 -32.29 35.35
N LEU A 110 -23.63 -33.21 34.45
CA LEU A 110 -23.91 -33.07 33.03
C LEU A 110 -24.94 -34.11 32.61
N VAL A 111 -26.22 -33.79 32.80
CA VAL A 111 -27.31 -34.71 32.52
C VAL A 111 -28.21 -34.25 31.36
N TYR A 112 -28.51 -32.95 31.34
CA TYR A 112 -29.36 -32.36 30.30
C TYR A 112 -28.54 -31.48 29.38
N GLY A 113 -28.83 -31.57 28.09
CA GLY A 113 -28.10 -30.77 27.12
C GLY A 113 -28.19 -31.30 25.72
N LEU A 114 -27.29 -30.78 24.87
CA LEU A 114 -27.24 -31.15 23.47
C LEU A 114 -25.83 -30.97 22.96
N THR A 115 -25.51 -31.67 21.87
CA THR A 115 -24.23 -31.52 21.20
C THR A 115 -24.47 -31.10 19.77
N MET A 116 -23.89 -29.96 19.39
CA MET A 116 -23.99 -29.47 18.03
C MET A 116 -22.71 -29.85 17.30
N PRO A 117 -22.82 -30.72 16.27
CA PRO A 117 -21.62 -31.09 15.51
C PRO A 117 -21.04 -29.87 14.82
N LEU A 118 -19.72 -29.86 14.67
CA LEU A 118 -19.03 -28.78 13.98
C LEU A 118 -18.26 -29.36 12.81
N HIS A 119 -18.47 -28.78 11.63
CA HIS A 119 -17.76 -29.21 10.41
C HIS A 119 -17.28 -27.97 9.66
N GLY A 120 -15.97 -27.71 9.78
CA GLY A 120 -15.39 -26.48 9.25
C GLY A 120 -15.09 -26.48 7.77
N ALA A 121 -14.87 -25.28 7.25
CA ALA A 121 -14.60 -25.05 5.83
C ALA A 121 -13.32 -25.74 5.34
N ARG A 122 -12.41 -26.05 6.27
CA ARG A 122 -11.15 -26.72 5.96
C ARG A 122 -11.06 -28.16 6.51
N GLY A 123 -12.23 -28.78 6.73
CA GLY A 123 -12.29 -30.17 7.16
C GLY A 123 -12.14 -30.39 8.66
N GLU A 124 -12.23 -29.31 9.42
CA GLU A 124 -12.21 -29.38 10.89
C GLU A 124 -13.42 -30.18 11.36
N LEU A 125 -13.22 -30.98 12.40
CA LEU A 125 -14.27 -31.80 12.97
C LEU A 125 -14.35 -31.51 14.46
N GLY A 126 -15.52 -31.08 14.92
CA GLY A 126 -15.67 -30.66 16.32
C GLY A 126 -17.07 -30.85 16.86
N ALA A 127 -17.27 -30.34 18.08
CA ALA A 127 -18.57 -30.38 18.72
C ALA A 127 -18.69 -29.20 19.67
N LEU A 128 -19.84 -28.54 19.68
CA LEU A 128 -20.16 -27.65 20.77
C LEU A 128 -21.24 -28.31 21.60
N SER A 129 -20.87 -28.68 22.83
CA SER A 129 -21.81 -29.30 23.76
C SER A 129 -22.18 -28.29 24.81
N LEU A 130 -23.46 -28.23 25.15
CA LEU A 130 -23.95 -27.31 26.15
C LEU A 130 -24.93 -28.02 27.08
N SER A 131 -24.71 -27.85 28.37
CA SER A 131 -25.58 -28.45 29.38
C SER A 131 -26.42 -27.40 30.11
N VAL A 132 -27.63 -27.79 30.49
CA VAL A 132 -28.52 -26.91 31.22
C VAL A 132 -28.90 -27.56 32.56
N GLU A 133 -28.98 -26.74 33.59
CA GLU A 133 -29.53 -27.17 34.87
C GLU A 133 -31.05 -27.06 34.80
N ALA A 134 -31.72 -28.14 35.16
CA ALA A 134 -33.17 -28.19 35.14
C ALA A 134 -33.66 -29.14 36.22
N GLU A 135 -34.93 -29.03 36.57
CA GLU A 135 -35.54 -29.89 37.59
C GLU A 135 -35.92 -31.26 37.02
N ASN A 136 -36.11 -31.32 35.70
CA ASN A 136 -36.36 -32.58 34.99
C ASN A 136 -36.07 -32.41 33.50
N ARG A 137 -36.05 -33.52 32.76
CA ARG A 137 -35.73 -33.45 31.32
C ARG A 137 -36.78 -32.68 30.51
N ALA A 138 -38.03 -32.74 30.95
CA ALA A 138 -39.10 -31.98 30.28
C ALA A 138 -38.82 -30.47 30.35
N GLU A 139 -38.45 -29.99 31.53
CA GLU A 139 -38.10 -28.59 31.72
C GLU A 139 -36.89 -28.21 30.86
N ALA A 140 -35.89 -29.08 30.84
CA ALA A 140 -34.67 -28.85 30.06
C ALA A 140 -34.99 -28.73 28.57
N ASN A 141 -35.84 -29.63 28.08
CA ASN A 141 -36.23 -29.64 26.66
C ASN A 141 -37.03 -28.42 26.24
N ARG A 142 -37.92 -27.94 27.12
CA ARG A 142 -38.67 -26.71 26.85
C ARG A 142 -37.71 -25.53 26.74
N PHE A 143 -36.75 -25.45 27.67
CA PHE A 143 -35.75 -24.40 27.62
C PHE A 143 -34.90 -24.44 26.35
N MET A 144 -34.38 -25.64 26.02
CA MET A 144 -33.52 -25.81 24.84
C MET A 144 -34.25 -25.46 23.53
N GLU A 145 -35.54 -25.83 23.43
CA GLU A 145 -36.35 -25.45 22.26
C GLU A 145 -36.51 -23.93 22.14
N SER A 146 -36.64 -23.25 23.29
CA SER A 146 -36.83 -21.78 23.32
C SER A 146 -35.61 -20.99 22.84
N VAL A 147 -34.42 -21.60 22.91
CA VAL A 147 -33.18 -20.91 22.53
C VAL A 147 -32.48 -21.53 21.32
N LEU A 148 -33.05 -22.61 20.78
CA LEU A 148 -32.39 -23.39 19.73
C LEU A 148 -31.93 -22.58 18.50
N PRO A 149 -32.78 -21.67 17.98
CA PRO A 149 -32.34 -20.91 16.80
C PRO A 149 -31.10 -20.06 17.09
N THR A 150 -30.99 -19.52 18.30
CA THR A 150 -29.84 -18.71 18.72
C THR A 150 -28.59 -19.56 18.82
N LEU A 151 -28.73 -20.71 19.49
CA LEU A 151 -27.66 -21.70 19.61
C LEU A 151 -27.13 -22.16 18.26
N TRP A 152 -28.04 -22.34 17.31
CA TRP A 152 -27.71 -22.82 15.98
C TRP A 152 -26.80 -21.83 15.24
N MET A 153 -27.05 -20.54 15.43
CA MET A 153 -26.16 -19.51 14.89
C MET A 153 -24.84 -19.49 15.67
N LEU A 154 -24.94 -19.52 17.01
CA LEU A 154 -23.77 -19.51 17.89
C LEU A 154 -22.72 -20.55 17.52
N LYS A 155 -23.17 -21.79 17.27
CA LYS A 155 -22.23 -22.88 17.02
C LYS A 155 -21.37 -22.66 15.78
N ASP A 156 -21.93 -22.02 14.76
CA ASP A 156 -21.18 -21.71 13.55
C ASP A 156 -20.21 -20.53 13.76
N TYR A 157 -20.66 -19.50 14.47
CA TYR A 157 -19.75 -18.39 14.86
C TYR A 157 -18.58 -18.90 15.70
N ALA A 158 -18.88 -19.81 16.64
CA ALA A 158 -17.85 -20.41 17.49
C ALA A 158 -16.88 -21.26 16.67
N LEU A 159 -17.40 -21.99 15.70
CA LEU A 159 -16.56 -22.81 14.82
C LEU A 159 -15.61 -21.96 13.96
N GLN A 160 -16.15 -20.93 13.32
CA GLN A 160 -15.35 -20.12 12.39
C GLN A 160 -14.22 -19.42 13.15
N SER A 161 -14.56 -18.87 14.31
CA SER A 161 -13.61 -18.15 15.17
C SER A 161 -12.57 -19.09 15.79
N GLY A 162 -13.04 -20.22 16.33
CA GLY A 162 -12.20 -21.16 17.06
C GLY A 162 -11.28 -22.03 16.23
N ALA A 163 -11.63 -22.24 14.96
CA ALA A 163 -10.81 -23.03 14.05
C ALA A 163 -9.45 -22.36 13.82
N GLY A 164 -9.48 -21.04 13.65
CA GLY A 164 -8.27 -20.26 13.43
C GLY A 164 -7.41 -20.20 14.69
N LEU A 165 -8.06 -20.03 15.84
CA LEU A 165 -7.36 -20.06 17.12
C LEU A 165 -6.65 -21.40 17.36
N ALA A 166 -7.33 -22.50 17.02
CA ALA A 166 -6.80 -23.84 17.23
C ALA A 166 -5.64 -24.22 16.31
N PHE A 167 -5.76 -23.87 15.02
CA PHE A 167 -4.90 -24.47 13.98
C PHE A 167 -4.11 -23.49 13.12
N GLU A 168 -4.34 -22.20 13.30
CA GLU A 168 -3.73 -21.18 12.45
C GLU A 168 -2.95 -20.13 13.24
N LEU B 3 14.96 46.67 -5.32
CA LEU B 3 15.79 45.54 -5.86
C LEU B 3 16.84 46.03 -6.84
N VAL B 4 16.42 46.79 -7.85
CA VAL B 4 17.34 47.40 -8.81
C VAL B 4 18.19 48.44 -8.09
N ASP B 5 17.57 49.11 -7.12
CA ASP B 5 18.23 50.08 -6.24
C ASP B 5 19.28 49.35 -5.41
N GLY B 6 20.35 48.94 -6.10
CA GLY B 6 21.34 48.03 -5.54
C GLY B 6 20.74 46.65 -5.35
N PHE B 7 20.98 45.68 -6.24
CA PHE B 7 21.92 45.65 -7.41
C PHE B 7 23.05 46.66 -7.63
N LEU B 8 22.69 47.94 -7.77
CA LEU B 8 23.68 49.00 -7.97
C LEU B 8 24.58 49.16 -6.75
N GLU B 9 24.07 48.74 -5.58
CA GLU B 9 24.88 48.60 -4.37
C GLU B 9 25.88 47.47 -4.52
N LEU B 10 25.39 46.31 -4.93
CA LEU B 10 26.24 45.15 -5.20
C LEU B 10 27.34 45.55 -6.17
N GLU B 11 26.96 46.26 -7.22
CA GLU B 11 27.88 46.68 -8.26
C GLU B 11 28.92 47.70 -7.80
N ARG B 12 28.50 48.64 -6.96
CA ARG B 12 29.43 49.64 -6.42
C ARG B 12 30.26 49.13 -5.25
N SER B 13 29.84 48.00 -4.67
CA SER B 13 30.52 47.43 -3.50
C SER B 13 31.96 47.05 -3.78
N SER B 14 32.79 47.16 -2.76
CA SER B 14 34.20 46.79 -2.85
C SER B 14 34.45 45.56 -2.00
N GLY B 15 34.77 44.45 -2.66
CA GLY B 15 35.18 43.23 -1.96
C GLY B 15 34.04 42.28 -1.64
N LYS B 16 34.41 41.06 -1.28
CA LYS B 16 33.46 39.99 -0.96
C LYS B 16 32.66 40.25 0.32
N LEU B 17 33.31 40.79 1.35
CA LEU B 17 32.60 41.09 2.60
C LEU B 17 31.43 42.05 2.39
N GLU B 18 31.68 43.15 1.69
CA GLU B 18 30.61 44.13 1.46
C GLU B 18 29.51 43.55 0.59
N TRP B 19 29.90 42.83 -0.47
CA TRP B 19 28.95 42.19 -1.37
C TRP B 19 28.05 41.21 -0.61
N SER B 20 28.67 40.40 0.24
CA SER B 20 27.95 39.45 1.10
C SER B 20 26.95 40.13 2.02
N ALA B 21 27.35 41.25 2.62
CA ALA B 21 26.49 41.99 3.54
C ALA B 21 25.27 42.55 2.82
N ILE B 22 25.48 43.08 1.62
CA ILE B 22 24.40 43.65 0.81
C ILE B 22 23.42 42.56 0.38
N LEU B 23 23.94 41.45 -0.12
CA LEU B 23 23.09 40.34 -0.58
C LEU B 23 22.27 39.77 0.57
N GLN B 24 22.94 39.51 1.69
CA GLN B 24 22.26 39.02 2.90
C GLN B 24 21.14 39.95 3.37
N LYS B 25 21.40 41.25 3.36
CA LYS B 25 20.38 42.21 3.77
C LYS B 25 19.17 42.20 2.82
N MET B 26 19.43 42.13 1.52
CA MET B 26 18.35 42.07 0.52
C MET B 26 17.43 40.88 0.80
N ALA B 27 18.05 39.73 1.09
CA ALA B 27 17.30 38.51 1.37
C ALA B 27 16.54 38.62 2.68
N SER B 28 17.23 39.11 3.71
CA SER B 28 16.65 39.35 5.04
C SER B 28 15.46 40.32 4.97
N ASP B 29 15.67 41.43 4.27
CA ASP B 29 14.62 42.42 4.03
C ASP B 29 13.42 41.78 3.35
N LEU B 30 13.67 40.87 2.42
CA LEU B 30 12.61 40.20 1.67
C LEU B 30 11.88 39.15 2.51
N GLY B 31 12.52 38.69 3.59
CA GLY B 31 11.93 37.75 4.51
C GLY B 31 12.66 36.43 4.70
N PHE B 32 13.87 36.31 4.14
CA PHE B 32 14.70 35.10 4.27
C PHE B 32 15.90 35.29 5.20
N SER B 33 15.98 34.48 6.25
CA SER B 33 17.01 34.65 7.29
C SER B 33 18.39 34.09 6.93
N LYS B 34 18.43 33.02 6.16
CA LYS B 34 19.71 32.40 5.78
C LYS B 34 19.82 32.22 4.28
N ILE B 35 20.98 32.52 3.73
CA ILE B 35 21.20 32.35 2.30
C ILE B 35 22.58 31.78 2.01
N LEU B 36 22.68 31.08 0.89
CA LEU B 36 23.95 30.70 0.34
C LEU B 36 23.94 30.94 -1.16
N PHE B 37 24.94 31.70 -1.62
CA PHE B 37 25.18 31.92 -3.04
C PHE B 37 26.44 31.13 -3.34
N GLY B 38 26.33 30.15 -4.23
CA GLY B 38 27.47 29.34 -4.63
C GLY B 38 27.69 29.43 -6.12
N LEU B 39 28.95 29.53 -6.54
CA LEU B 39 29.24 29.67 -7.97
C LEU B 39 30.52 28.94 -8.37
N LEU B 40 30.42 28.25 -9.51
CA LEU B 40 31.56 27.60 -10.12
C LEU B 40 31.81 28.15 -11.53
N PRO B 41 33.08 28.13 -11.98
CA PRO B 41 33.39 28.57 -13.33
C PRO B 41 32.98 27.52 -14.35
N LYS B 42 32.95 27.91 -15.63
CA LYS B 42 32.59 26.98 -16.71
C LYS B 42 33.35 25.65 -16.58
N ASP B 43 32.62 24.56 -16.83
CA ASP B 43 33.16 23.18 -16.86
C ASP B 43 33.75 22.64 -15.55
N SER B 44 33.49 23.31 -14.44
CA SER B 44 33.96 22.85 -13.14
C SER B 44 32.90 22.05 -12.40
N GLN B 45 33.31 20.94 -11.78
CA GLN B 45 32.45 20.17 -10.89
C GLN B 45 33.04 20.17 -9.48
N ASP B 46 33.91 21.14 -9.20
CA ASP B 46 34.68 21.15 -7.96
C ASP B 46 33.92 21.87 -6.85
N TYR B 47 32.82 21.26 -6.41
CA TYR B 47 31.91 21.91 -5.45
C TYR B 47 32.57 22.31 -4.14
N GLU B 48 33.53 21.50 -3.70
CA GLU B 48 34.26 21.70 -2.45
C GLU B 48 35.15 22.96 -2.50
N ASN B 49 35.30 23.53 -3.69
CA ASN B 49 36.11 24.73 -3.92
C ASN B 49 35.34 25.83 -4.66
N ALA B 50 34.01 25.79 -4.53
CA ALA B 50 33.15 26.79 -5.14
C ALA B 50 33.33 28.15 -4.47
N PHE B 51 33.01 29.22 -5.21
CA PHE B 51 32.93 30.55 -4.64
C PHE B 51 31.63 30.59 -3.85
N ILE B 52 31.74 30.77 -2.53
CA ILE B 52 30.57 30.71 -1.65
C ILE B 52 30.41 31.99 -0.85
N VAL B 53 29.20 32.53 -0.89
CA VAL B 53 28.83 33.72 -0.13
C VAL B 53 27.61 33.40 0.72
N GLY B 54 27.57 33.97 1.93
CA GLY B 54 26.34 33.92 2.73
C GLY B 54 26.55 33.62 4.20
N ASN B 55 25.43 33.35 4.87
CA ASN B 55 25.39 33.24 6.33
C ASN B 55 24.82 31.91 6.84
N TYR B 56 24.93 30.84 6.05
CA TYR B 56 24.71 29.47 6.56
C TYR B 56 25.65 29.27 7.73
N PRO B 57 25.22 28.54 8.78
CA PRO B 57 26.16 28.24 9.87
C PRO B 57 27.46 27.63 9.34
N ALA B 58 28.60 28.14 9.80
CA ALA B 58 29.92 27.69 9.35
C ALA B 58 30.11 26.17 9.53
N ALA B 59 29.66 25.64 10.65
CA ALA B 59 29.82 24.22 10.95
C ALA B 59 29.05 23.34 9.95
N TRP B 60 27.93 23.87 9.45
CA TRP B 60 27.14 23.18 8.43
C TRP B 60 27.85 23.20 7.07
N ARG B 61 28.36 24.36 6.68
CA ARG B 61 29.14 24.47 5.45
C ARG B 61 30.34 23.51 5.47
N GLU B 62 31.03 23.43 6.61
CA GLU B 62 32.14 22.49 6.78
C GLU B 62 31.68 21.04 6.66
N HIS B 63 30.57 20.71 7.32
CA HIS B 63 29.96 19.37 7.26
C HIS B 63 29.64 18.97 5.81
N TYR B 64 28.99 19.88 5.09
CA TYR B 64 28.60 19.67 3.71
C TYR B 64 29.80 19.26 2.86
N ASP B 65 30.90 20.00 2.99
CA ASP B 65 32.13 19.74 2.26
C ASP B 65 32.77 18.42 2.66
N ARG B 66 32.81 18.16 3.97
CA ARG B 66 33.47 16.94 4.50
C ARG B 66 32.73 15.68 4.07
N ALA B 67 31.41 15.74 4.10
CA ALA B 67 30.55 14.61 3.78
C ALA B 67 30.35 14.44 2.28
N GLY B 68 30.81 15.42 1.50
CA GLY B 68 30.61 15.40 0.05
C GLY B 68 29.15 15.44 -0.33
N TYR B 69 28.38 16.29 0.34
CA TYR B 69 26.94 16.34 0.13
C TYR B 69 26.53 16.85 -1.25
N ALA B 70 27.44 17.51 -1.96
CA ALA B 70 27.17 17.95 -3.32
C ALA B 70 26.77 16.77 -4.21
N ARG B 71 27.24 15.57 -3.86
CA ARG B 71 26.91 14.35 -4.59
C ARG B 71 25.53 13.80 -4.23
N VAL B 72 24.94 14.33 -3.16
CA VAL B 72 23.71 13.81 -2.54
C VAL B 72 22.56 14.81 -2.62
N ASP B 73 22.87 16.06 -2.27
CA ASP B 73 21.93 17.19 -2.30
C ASP B 73 21.10 17.19 -3.59
N PRO B 74 19.76 16.96 -3.48
CA PRO B 74 18.94 16.86 -4.70
C PRO B 74 18.83 18.18 -5.46
N THR B 75 19.16 19.29 -4.81
CA THR B 75 19.12 20.59 -5.50
C THR B 75 20.30 20.78 -6.45
N VAL B 76 21.42 20.12 -6.14
CA VAL B 76 22.62 20.17 -6.98
C VAL B 76 22.35 19.52 -8.34
N SER B 77 21.83 18.29 -8.34
CA SER B 77 21.46 17.62 -9.59
C SER B 77 20.41 18.41 -10.36
N HIS B 78 19.43 18.94 -9.64
CA HIS B 78 18.41 19.79 -10.27
C HIS B 78 19.04 20.98 -11.01
N CYS B 79 19.96 21.67 -10.34
CA CYS B 79 20.62 22.83 -10.94
C CYS B 79 21.28 22.48 -12.26
N THR B 80 21.84 21.28 -12.37
CA THR B 80 22.49 20.82 -13.61
C THR B 80 21.51 20.65 -14.77
N GLN B 81 20.22 20.48 -14.44
CA GLN B 81 19.20 20.11 -15.42
C GLN B 81 18.24 21.25 -15.75
N SER B 82 18.17 22.27 -14.89
CA SER B 82 17.06 23.23 -14.95
C SER B 82 17.45 24.65 -14.57
N VAL B 83 16.69 25.61 -15.11
CA VAL B 83 16.79 27.01 -14.70
C VAL B 83 15.66 27.40 -13.76
N LEU B 84 14.82 26.42 -13.41
CA LEU B 84 13.63 26.70 -12.61
C LEU B 84 13.90 26.43 -11.12
N PRO B 85 13.16 27.11 -10.21
CA PRO B 85 13.35 26.91 -8.77
C PRO B 85 13.03 25.50 -8.32
N ILE B 86 13.74 25.02 -7.31
CA ILE B 86 13.36 23.79 -6.62
C ILE B 86 13.07 24.12 -5.15
N PHE B 87 11.83 23.90 -4.74
CA PHE B 87 11.44 24.11 -3.35
C PHE B 87 11.83 22.91 -2.50
N TRP B 88 12.17 23.17 -1.24
CA TRP B 88 12.68 22.13 -0.35
C TRP B 88 11.55 21.30 0.25
N GLU B 89 10.81 20.61 -0.62
CA GLU B 89 9.69 19.76 -0.22
C GLU B 89 10.25 18.37 0.14
N PRO B 90 9.65 17.71 1.15
CA PRO B 90 10.05 16.34 1.51
C PRO B 90 10.22 15.42 0.29
N SER B 91 9.38 15.59 -0.72
CA SER B 91 9.41 14.74 -1.92
C SER B 91 10.72 14.80 -2.72
N ILE B 92 11.53 15.84 -2.53
CA ILE B 92 12.81 15.88 -3.26
C ILE B 92 13.90 15.01 -2.62
N TYR B 93 13.69 14.59 -1.38
CA TYR B 93 14.66 13.75 -0.67
C TYR B 93 14.22 12.31 -0.80
N GLN B 94 14.79 11.61 -1.77
CA GLN B 94 14.28 10.31 -2.18
C GLN B 94 15.13 9.13 -1.71
N THR B 95 16.44 9.26 -1.81
CA THR B 95 17.36 8.19 -1.44
C THR B 95 17.63 8.21 0.07
N ARG B 96 18.21 7.10 0.56
CA ARG B 96 18.62 6.98 1.94
C ARG B 96 19.55 8.13 2.34
N LYS B 97 20.59 8.37 1.53
CA LYS B 97 21.55 9.45 1.79
C LYS B 97 20.88 10.84 1.78
N GLN B 98 19.89 10.99 0.92
CA GLN B 98 19.11 12.24 0.86
C GLN B 98 18.24 12.48 2.10
N HIS B 99 17.68 11.40 2.67
CA HIS B 99 16.99 11.52 3.96
C HIS B 99 17.94 11.95 5.07
N GLU B 100 19.16 11.42 5.06
CA GLU B 100 20.16 11.82 6.05
C GLU B 100 20.51 13.29 5.85
N PHE B 101 20.71 13.68 4.59
CA PHE B 101 20.98 15.06 4.23
C PHE B 101 19.88 15.99 4.76
N PHE B 102 18.62 15.66 4.50
CA PHE B 102 17.48 16.44 4.99
C PHE B 102 17.52 16.62 6.52
N GLU B 103 17.76 15.52 7.22
CA GLU B 103 17.86 15.53 8.69
C GLU B 103 18.98 16.44 9.17
N GLU B 104 20.16 16.33 8.55
CA GLU B 104 21.31 17.15 8.96
C GLU B 104 21.15 18.64 8.65
N ALA B 105 20.61 18.95 7.48
CA ALA B 105 20.32 20.35 7.12
C ALA B 105 19.27 20.97 8.04
N SER B 106 18.23 20.19 8.36
CA SER B 106 17.19 20.63 9.29
C SER B 106 17.75 20.97 10.67
N ALA B 107 18.71 20.17 11.14
CA ALA B 107 19.38 20.42 12.42
C ALA B 107 20.13 21.75 12.42
N ALA B 108 20.63 22.14 11.26
CA ALA B 108 21.30 23.43 11.06
C ALA B 108 20.32 24.61 10.91
N GLY B 109 19.02 24.32 11.01
CA GLY B 109 17.97 25.34 10.87
C GLY B 109 17.52 25.54 9.44
N LEU B 110 18.01 24.69 8.53
CA LEU B 110 17.70 24.83 7.11
C LEU B 110 16.72 23.75 6.69
N VAL B 111 15.45 23.97 7.03
CA VAL B 111 14.39 23.01 6.72
C VAL B 111 13.44 23.52 5.64
N TYR B 112 13.05 24.79 5.74
CA TYR B 112 12.18 25.41 4.74
C TYR B 112 12.97 26.36 3.86
N GLY B 113 12.72 26.28 2.57
CA GLY B 113 13.38 27.17 1.62
C GLY B 113 13.25 26.73 0.18
N LEU B 114 14.10 27.32 -0.67
CA LEU B 114 14.16 26.97 -2.08
C LEU B 114 15.55 27.26 -2.64
N THR B 115 15.86 26.66 -3.78
CA THR B 115 17.12 26.88 -4.46
C THR B 115 16.83 27.35 -5.88
N MET B 116 17.42 28.48 -6.25
CA MET B 116 17.30 29.00 -7.61
C MET B 116 18.59 28.62 -8.34
N PRO B 117 18.49 27.80 -9.41
CA PRO B 117 19.70 27.51 -10.17
C PRO B 117 20.22 28.77 -10.84
N LEU B 118 21.54 28.84 -10.94
CA LEU B 118 22.20 29.96 -11.63
C LEU B 118 22.99 29.43 -12.81
N HIS B 119 22.78 30.03 -13.98
CA HIS B 119 23.54 29.66 -15.17
C HIS B 119 23.95 30.96 -15.87
N GLY B 120 25.22 31.32 -15.68
CA GLY B 120 25.72 32.61 -16.16
C GLY B 120 26.05 32.63 -17.65
N ALA B 121 26.22 33.84 -18.17
CA ALA B 121 26.49 34.08 -19.60
C ALA B 121 27.81 33.47 -20.08
N ARG B 122 28.74 33.25 -19.16
CA ARG B 122 30.03 32.64 -19.49
C ARG B 122 30.14 31.19 -19.02
N GLY B 123 28.99 30.54 -18.80
CA GLY B 123 28.97 29.12 -18.47
C GLY B 123 29.12 28.84 -16.98
N GLU B 124 29.05 29.89 -16.17
CA GLU B 124 29.08 29.73 -14.72
C GLU B 124 27.90 28.91 -14.25
N LEU B 125 28.15 28.06 -13.26
CA LEU B 125 27.13 27.19 -12.71
C LEU B 125 27.02 27.46 -11.22
N GLY B 126 25.81 27.73 -10.76
CA GLY B 126 25.65 28.06 -9.35
C GLY B 126 24.26 27.86 -8.80
N ALA B 127 24.08 28.32 -7.56
CA ALA B 127 22.79 28.24 -6.89
C ALA B 127 22.65 29.40 -5.94
N LEU B 128 21.44 29.96 -5.86
CA LEU B 128 21.08 30.84 -4.76
C LEU B 128 20.02 30.11 -3.97
N SER B 129 20.41 29.68 -2.78
CA SER B 129 19.53 28.95 -1.89
C SER B 129 19.13 29.91 -0.78
N LEU B 130 17.85 29.91 -0.44
CA LEU B 130 17.36 30.78 0.64
C LEU B 130 16.46 29.98 1.55
N SER B 131 16.68 30.13 2.86
CA SER B 131 15.87 29.45 3.84
C SER B 131 14.96 30.45 4.54
N VAL B 132 13.76 30.02 4.90
CA VAL B 132 12.83 30.87 5.63
C VAL B 132 12.52 30.28 7.01
N GLU B 133 12.59 31.15 8.01
CA GLU B 133 12.21 30.77 9.36
C GLU B 133 10.70 30.86 9.42
N ALA B 134 10.06 29.72 9.63
CA ALA B 134 8.61 29.64 9.72
C ALA B 134 8.19 28.61 10.75
N GLU B 135 6.93 28.67 11.16
CA GLU B 135 6.41 27.77 12.17
C GLU B 135 6.16 26.38 11.59
N ASN B 136 5.84 26.34 10.31
CA ASN B 136 5.60 25.09 9.59
C ASN B 136 5.79 25.30 8.10
N ARG B 137 5.83 24.20 7.35
CA ARG B 137 6.10 24.26 5.91
C ARG B 137 4.98 24.94 5.14
N ALA B 138 3.75 24.76 5.60
CA ALA B 138 2.60 25.44 4.97
C ALA B 138 2.78 26.95 4.97
N GLU B 139 3.10 27.50 6.15
CA GLU B 139 3.39 28.93 6.31
C GLU B 139 4.59 29.37 5.46
N ALA B 140 5.64 28.55 5.47
CA ALA B 140 6.84 28.80 4.64
C ALA B 140 6.51 28.87 3.15
N ASN B 141 5.69 27.95 2.68
CA ASN B 141 5.27 27.93 1.27
C ASN B 141 4.43 29.12 0.86
N ARG B 142 3.55 29.54 1.76
CA ARG B 142 2.72 30.73 1.59
C ARG B 142 3.58 31.96 1.39
N PHE B 143 4.56 32.13 2.27
CA PHE B 143 5.49 33.25 2.17
C PHE B 143 6.32 33.23 0.89
N MET B 144 6.93 32.08 0.58
CA MET B 144 7.79 31.96 -0.61
C MET B 144 7.03 32.25 -1.90
N GLU B 145 5.77 31.82 -1.97
CA GLU B 145 4.94 32.14 -3.13
C GLU B 145 4.69 33.64 -3.26
N SER B 146 4.47 34.30 -2.12
CA SER B 146 4.16 35.72 -2.08
C SER B 146 5.32 36.61 -2.56
N VAL B 147 6.55 36.09 -2.49
CA VAL B 147 7.74 36.87 -2.88
C VAL B 147 8.49 36.29 -4.09
N LEU B 148 7.97 35.19 -4.63
CA LEU B 148 8.65 34.50 -5.75
C LEU B 148 9.07 35.42 -6.92
N PRO B 149 8.17 36.30 -7.41
CA PRO B 149 8.59 37.14 -8.55
C PRO B 149 9.80 38.02 -8.24
N THR B 150 9.85 38.58 -7.03
CA THR B 150 10.99 39.40 -6.60
C THR B 150 12.27 38.57 -6.50
N LEU B 151 12.18 37.39 -5.88
CA LEU B 151 13.30 36.47 -5.77
C LEU B 151 13.84 36.03 -7.14
N TRP B 152 12.94 35.87 -8.10
CA TRP B 152 13.31 35.39 -9.43
C TRP B 152 14.15 36.44 -10.16
N MET B 153 13.85 37.70 -9.96
CA MET B 153 14.69 38.77 -10.52
C MET B 153 15.99 38.87 -9.73
N LEU B 154 15.88 38.76 -8.40
CA LEU B 154 17.05 38.86 -7.52
C LEU B 154 18.16 37.85 -7.86
N LYS B 155 17.78 36.61 -8.15
CA LYS B 155 18.77 35.57 -8.42
C LYS B 155 19.63 35.89 -9.65
N ASP B 156 19.03 36.50 -10.66
CA ASP B 156 19.78 36.92 -11.86
C ASP B 156 20.66 38.14 -11.63
N TYR B 157 20.17 39.14 -10.90
CA TYR B 157 21.02 40.26 -10.48
C TYR B 157 22.21 39.75 -9.65
N ALA B 158 21.94 38.86 -8.70
CA ALA B 158 23.01 38.30 -7.87
C ALA B 158 23.99 37.49 -8.74
N LEU B 159 23.47 36.75 -9.71
CA LEU B 159 24.34 36.02 -10.63
C LEU B 159 25.26 36.95 -11.43
N GLN B 160 24.68 37.97 -12.04
CA GLN B 160 25.43 38.85 -12.93
C GLN B 160 26.54 39.56 -12.17
N SER B 161 26.19 40.06 -10.98
CA SER B 161 27.14 40.78 -10.12
C SER B 161 28.18 39.85 -9.50
N GLY B 162 27.70 38.75 -8.91
CA GLY B 162 28.55 37.76 -8.27
C GLY B 162 29.53 37.05 -9.19
N ALA B 163 29.15 36.84 -10.44
CA ALA B 163 30.04 36.22 -11.41
C ALA B 163 31.26 37.10 -11.69
N GLY B 164 31.04 38.41 -11.71
CA GLY B 164 32.13 39.38 -11.85
C GLY B 164 33.05 39.34 -10.64
N LEU B 165 32.45 39.46 -9.46
CA LEU B 165 33.20 39.36 -8.21
C LEU B 165 34.05 38.09 -8.14
N ALA B 166 33.45 36.95 -8.45
CA ALA B 166 34.12 35.66 -8.34
C ALA B 166 35.26 35.43 -9.32
N PHE B 167 35.03 35.76 -10.59
CA PHE B 167 35.87 35.24 -11.67
C PHE B 167 36.59 36.25 -12.57
N GLU B 168 36.16 37.51 -12.56
CA GLU B 168 36.78 38.52 -13.41
C GLU B 168 38.01 39.13 -12.73
N MET C 1 -39.52 -31.76 18.84
CA MET C 1 -39.85 -30.33 19.07
C MET C 1 -40.68 -29.77 17.92
N ALA C 2 -41.75 -29.06 18.26
CA ALA C 2 -42.61 -28.38 17.28
C ALA C 2 -41.81 -27.44 16.36
N LEU C 3 -40.78 -26.80 16.93
CA LEU C 3 -39.94 -25.83 16.22
C LEU C 3 -39.40 -26.35 14.89
N VAL C 4 -38.98 -27.63 14.88
CA VAL C 4 -38.29 -28.21 13.75
C VAL C 4 -39.14 -29.19 12.93
N ASP C 5 -40.43 -29.30 13.29
CA ASP C 5 -41.36 -30.21 12.61
C ASP C 5 -41.47 -29.91 11.10
N GLY C 6 -41.46 -28.62 10.77
CA GLY C 6 -41.52 -28.18 9.38
C GLY C 6 -40.40 -28.78 8.56
N PHE C 7 -39.19 -28.77 9.13
CA PHE C 7 -37.99 -29.27 8.45
C PHE C 7 -37.98 -30.77 8.19
N LEU C 8 -38.87 -31.52 8.85
CA LEU C 8 -38.89 -32.99 8.74
C LEU C 8 -39.38 -33.51 7.39
N GLU C 9 -40.12 -32.68 6.67
CA GLU C 9 -40.62 -33.04 5.34
C GLU C 9 -39.49 -33.17 4.31
N LEU C 10 -38.34 -32.56 4.60
CA LEU C 10 -37.16 -32.63 3.73
C LEU C 10 -36.53 -34.03 3.66
N GLU C 11 -36.74 -34.84 4.69
CA GLU C 11 -36.32 -36.25 4.67
C GLU C 11 -37.44 -37.19 4.21
N ARG C 12 -38.67 -36.70 4.25
CA ARG C 12 -39.85 -37.50 3.89
C ARG C 12 -40.14 -37.49 2.39
N SER C 13 -39.30 -36.81 1.61
CA SER C 13 -39.51 -36.70 0.17
C SER C 13 -39.00 -37.94 -0.57
N SER C 14 -39.51 -38.14 -1.77
CA SER C 14 -39.06 -39.23 -2.63
C SER C 14 -38.65 -38.69 -4.00
N GLY C 15 -37.36 -38.43 -4.16
CA GLY C 15 -36.83 -37.95 -5.43
C GLY C 15 -36.48 -36.47 -5.41
N LYS C 16 -35.68 -36.07 -6.40
CA LYS C 16 -35.19 -34.70 -6.50
C LYS C 16 -36.30 -33.68 -6.75
N LEU C 17 -37.29 -34.03 -7.57
CA LEU C 17 -38.39 -33.10 -7.88
C LEU C 17 -39.18 -32.71 -6.62
N GLU C 18 -39.60 -33.70 -5.85
CA GLU C 18 -40.37 -33.41 -4.62
C GLU C 18 -39.51 -32.65 -3.63
N TRP C 19 -38.26 -33.09 -3.47
CA TRP C 19 -37.34 -32.41 -2.56
C TRP C 19 -37.17 -30.94 -2.93
N SER C 20 -36.96 -30.67 -4.23
CA SER C 20 -36.84 -29.30 -4.75
C SER C 20 -38.11 -28.50 -4.48
N ALA C 21 -39.27 -29.12 -4.71
CA ALA C 21 -40.54 -28.44 -4.46
C ALA C 21 -40.71 -28.07 -2.98
N ILE C 22 -40.36 -28.99 -2.09
CA ILE C 22 -40.43 -28.75 -0.65
C ILE C 22 -39.48 -27.61 -0.22
N LEU C 23 -38.24 -27.65 -0.69
CA LEU C 23 -37.27 -26.65 -0.29
C LEU C 23 -37.68 -25.26 -0.79
N GLN C 24 -38.10 -25.20 -2.05
CA GLN C 24 -38.53 -23.93 -2.66
C GLN C 24 -39.70 -23.32 -1.89
N LYS C 25 -40.63 -24.15 -1.45
CA LYS C 25 -41.79 -23.68 -0.71
C LYS C 25 -41.43 -23.16 0.67
N MET C 26 -40.59 -23.89 1.40
CA MET C 26 -40.10 -23.44 2.70
C MET C 26 -39.47 -22.05 2.59
N ALA C 27 -38.65 -21.86 1.55
CA ALA C 27 -37.99 -20.58 1.30
C ALA C 27 -39.01 -19.50 0.96
N SER C 28 -39.94 -19.83 0.06
CA SER C 28 -41.00 -18.91 -0.37
C SER C 28 -41.90 -18.52 0.80
N ASP C 29 -42.34 -19.52 1.57
CA ASP C 29 -43.13 -19.32 2.79
C ASP C 29 -42.42 -18.43 3.81
N LEU C 30 -41.09 -18.51 3.85
CA LEU C 30 -40.30 -17.74 4.80
C LEU C 30 -40.14 -16.29 4.33
N GLY C 31 -40.37 -16.06 3.04
CA GLY C 31 -40.35 -14.71 2.46
C GLY C 31 -39.33 -14.47 1.35
N PHE C 32 -38.53 -15.48 1.02
CA PHE C 32 -37.55 -15.36 -0.07
C PHE C 32 -38.23 -15.62 -1.42
N SER C 33 -37.59 -15.19 -2.50
CA SER C 33 -38.19 -15.36 -3.84
C SER C 33 -37.61 -16.55 -4.57
N LYS C 34 -36.33 -16.47 -4.95
CA LYS C 34 -35.67 -17.53 -5.68
C LYS C 34 -34.54 -18.14 -4.84
N ILE C 35 -34.28 -19.42 -5.07
CA ILE C 35 -33.24 -20.13 -4.36
C ILE C 35 -32.41 -21.02 -5.27
N LEU C 36 -31.17 -21.26 -4.84
CA LEU C 36 -30.31 -22.24 -5.46
C LEU C 36 -29.58 -23.00 -4.37
N PHE C 37 -29.78 -24.31 -4.36
CA PHE C 37 -29.05 -25.21 -3.48
C PHE C 37 -28.05 -25.93 -4.36
N GLY C 38 -26.77 -25.75 -4.06
CA GLY C 38 -25.73 -26.42 -4.83
C GLY C 38 -24.87 -27.28 -3.93
N LEU C 39 -24.53 -28.48 -4.40
CA LEU C 39 -23.69 -29.35 -3.60
C LEU C 39 -22.69 -30.15 -4.43
N LEU C 40 -21.45 -30.18 -3.93
CA LEU C 40 -20.37 -30.99 -4.50
C LEU C 40 -19.88 -32.04 -3.49
N PRO C 41 -19.35 -33.17 -3.99
CA PRO C 41 -18.79 -34.17 -3.09
C PRO C 41 -17.38 -33.78 -2.64
N LYS C 42 -16.87 -34.49 -1.62
CA LYS C 42 -15.53 -34.27 -1.09
C LYS C 42 -14.48 -34.11 -2.18
N ASP C 43 -13.65 -33.07 -2.05
CA ASP C 43 -12.48 -32.84 -2.92
C ASP C 43 -12.81 -32.28 -4.31
N SER C 44 -14.09 -32.18 -4.64
CA SER C 44 -14.50 -31.74 -5.97
C SER C 44 -14.51 -30.22 -6.11
N GLN C 45 -14.05 -29.75 -7.26
CA GLN C 45 -14.10 -28.33 -7.61
C GLN C 45 -14.86 -28.18 -8.92
N ASP C 46 -15.70 -29.17 -9.21
CA ASP C 46 -16.38 -29.27 -10.50
C ASP C 46 -17.75 -28.59 -10.46
N TYR C 47 -17.73 -27.27 -10.27
CA TYR C 47 -18.94 -26.45 -10.11
C TYR C 47 -19.93 -26.57 -11.26
N GLU C 48 -19.41 -26.81 -12.47
CA GLU C 48 -20.25 -26.95 -13.66
C GLU C 48 -21.03 -28.27 -13.65
N ASN C 49 -20.69 -29.16 -12.72
CA ASN C 49 -21.37 -30.46 -12.61
C ASN C 49 -21.88 -30.75 -11.20
N ALA C 50 -22.13 -29.67 -10.44
CA ALA C 50 -22.67 -29.78 -9.09
C ALA C 50 -24.09 -30.32 -9.09
N PHE C 51 -24.51 -30.84 -7.94
CA PHE C 51 -25.90 -31.18 -7.71
C PHE C 51 -26.59 -29.86 -7.43
N ILE C 52 -27.52 -29.47 -8.31
CA ILE C 52 -28.19 -28.18 -8.16
C ILE C 52 -29.70 -28.32 -8.13
N VAL C 53 -30.30 -27.61 -7.18
CA VAL C 53 -31.73 -27.58 -6.95
C VAL C 53 -32.18 -26.13 -6.86
N GLY C 54 -33.34 -25.83 -7.43
CA GLY C 54 -33.97 -24.52 -7.21
C GLY C 54 -34.66 -23.89 -8.41
N ASN C 55 -35.01 -22.61 -8.25
CA ASN C 55 -35.83 -21.92 -9.24
C ASN C 55 -35.17 -20.66 -9.82
N TYR C 56 -33.83 -20.61 -9.81
CA TYR C 56 -33.09 -19.60 -10.57
C TYR C 56 -33.46 -19.79 -12.04
N PRO C 57 -33.68 -18.68 -12.77
CA PRO C 57 -33.94 -18.77 -14.21
C PRO C 57 -32.95 -19.70 -14.92
N ALA C 58 -33.46 -20.63 -15.71
CA ALA C 58 -32.62 -21.64 -16.35
C ALA C 58 -31.54 -21.02 -17.23
N ALA C 59 -31.89 -19.96 -17.95
CA ALA C 59 -30.94 -19.28 -18.83
C ALA C 59 -29.80 -18.66 -18.03
N TRP C 60 -30.09 -18.22 -16.80
CA TRP C 60 -29.07 -17.70 -15.89
C TRP C 60 -28.08 -18.77 -15.45
N ARG C 61 -28.60 -19.93 -15.04
CA ARG C 61 -27.77 -21.07 -14.66
C ARG C 61 -26.91 -21.55 -15.83
N GLU C 62 -27.50 -21.55 -17.03
CA GLU C 62 -26.76 -21.91 -18.23
C GLU C 62 -25.64 -20.92 -18.49
N HIS C 63 -25.94 -19.63 -18.35
CA HIS C 63 -24.96 -18.55 -18.53
C HIS C 63 -23.83 -18.64 -17.51
N TYR C 64 -24.19 -18.85 -16.25
CA TYR C 64 -23.21 -18.98 -15.16
C TYR C 64 -22.18 -20.06 -15.48
N ASP C 65 -22.66 -21.22 -15.93
CA ASP C 65 -21.79 -22.35 -16.31
C ASP C 65 -20.90 -22.00 -17.51
N ARG C 66 -21.54 -21.45 -18.55
CA ARG C 66 -20.88 -21.09 -19.80
C ARG C 66 -19.76 -20.06 -19.58
N ALA C 67 -20.05 -19.04 -18.79
CA ALA C 67 -19.14 -17.91 -18.59
C ALA C 67 -18.06 -18.20 -17.52
N GLY C 68 -18.15 -19.37 -16.89
CA GLY C 68 -17.22 -19.77 -15.83
C GLY C 68 -17.25 -18.88 -14.60
N TYR C 69 -18.44 -18.40 -14.24
CA TYR C 69 -18.60 -17.46 -13.13
C TYR C 69 -18.22 -18.00 -11.74
N ALA C 70 -18.19 -19.32 -11.58
CA ALA C 70 -17.75 -19.93 -10.32
C ALA C 70 -16.33 -19.46 -9.95
N ARG C 71 -15.52 -19.19 -10.97
CA ARG C 71 -14.15 -18.67 -10.78
C ARG C 71 -14.10 -17.26 -10.20
N VAL C 72 -15.15 -16.47 -10.39
CA VAL C 72 -15.16 -15.07 -9.93
C VAL C 72 -16.24 -14.71 -8.92
N ASP C 73 -17.31 -15.49 -8.88
CA ASP C 73 -18.40 -15.30 -7.93
C ASP C 73 -17.79 -15.24 -6.52
N PRO C 74 -17.90 -14.08 -5.85
CA PRO C 74 -17.30 -13.89 -4.53
C PRO C 74 -17.93 -14.78 -3.43
N THR C 75 -19.15 -15.25 -3.66
CA THR C 75 -19.78 -16.16 -2.70
C THR C 75 -19.16 -17.55 -2.76
N VAL C 76 -18.65 -17.93 -3.94
CA VAL C 76 -17.99 -19.22 -4.11
C VAL C 76 -16.69 -19.29 -3.30
N SER C 77 -15.81 -18.31 -3.50
CA SER C 77 -14.55 -18.26 -2.75
C SER C 77 -14.82 -18.15 -1.24
N HIS C 78 -15.86 -17.39 -0.87
CA HIS C 78 -16.24 -17.27 0.53
C HIS C 78 -16.60 -18.61 1.17
N CYS C 79 -17.35 -19.42 0.41
CA CYS C 79 -17.80 -20.73 0.89
C CYS C 79 -16.65 -21.71 1.12
N THR C 80 -15.55 -21.54 0.40
CA THR C 80 -14.38 -22.40 0.61
C THR C 80 -13.67 -22.06 1.92
N GLN C 81 -13.91 -20.86 2.43
CA GLN C 81 -13.18 -20.32 3.58
C GLN C 81 -13.99 -20.30 4.89
N SER C 82 -15.32 -20.29 4.79
CA SER C 82 -16.16 -19.97 5.94
C SER C 82 -17.47 -20.76 6.02
N VAL C 83 -18.01 -20.85 7.24
CA VAL C 83 -19.33 -21.45 7.48
C VAL C 83 -20.37 -20.35 7.70
N LEU C 84 -19.93 -19.10 7.65
CA LEU C 84 -20.81 -17.98 7.96
C LEU C 84 -21.45 -17.42 6.69
N PRO C 85 -22.66 -16.81 6.82
CA PRO C 85 -23.34 -16.26 5.64
C PRO C 85 -22.53 -15.15 5.00
N ILE C 86 -22.70 -15.00 3.68
CA ILE C 86 -22.22 -13.82 2.97
C ILE C 86 -23.43 -13.15 2.31
N PHE C 87 -23.69 -11.92 2.74
CA PHE C 87 -24.80 -11.14 2.21
C PHE C 87 -24.42 -10.47 0.90
N TRP C 88 -25.36 -10.41 -0.04
CA TRP C 88 -25.10 -9.85 -1.36
C TRP C 88 -25.07 -8.32 -1.33
N GLU C 89 -23.95 -7.79 -0.84
CA GLU C 89 -23.72 -6.35 -0.71
C GLU C 89 -22.78 -5.90 -1.82
N PRO C 90 -22.94 -4.66 -2.32
CA PRO C 90 -22.03 -4.11 -3.33
C PRO C 90 -20.55 -4.28 -2.99
N SER C 91 -20.23 -4.31 -1.70
CA SER C 91 -18.85 -4.44 -1.23
C SER C 91 -18.18 -5.78 -1.52
N ILE C 92 -18.98 -6.82 -1.78
CA ILE C 92 -18.40 -8.14 -2.07
C ILE C 92 -17.96 -8.29 -3.53
N TYR C 93 -18.42 -7.37 -4.37
CA TYR C 93 -18.04 -7.34 -5.78
C TYR C 93 -16.95 -6.30 -5.92
N GLN C 94 -15.71 -6.77 -5.95
CA GLN C 94 -14.55 -5.87 -5.83
C GLN C 94 -13.80 -5.69 -7.13
N THR C 95 -13.50 -6.81 -7.79
CA THR C 95 -12.81 -6.76 -9.07
C THR C 95 -13.79 -6.31 -10.16
N ARG C 96 -13.25 -5.80 -11.26
CA ARG C 96 -14.08 -5.40 -12.39
C ARG C 96 -14.93 -6.57 -12.90
N LYS C 97 -14.35 -7.76 -12.94
CA LYS C 97 -15.07 -8.97 -13.35
C LYS C 97 -16.24 -9.27 -12.42
N GLN C 98 -16.05 -9.03 -11.12
CA GLN C 98 -17.11 -9.24 -10.14
C GLN C 98 -18.22 -8.20 -10.29
N HIS C 99 -17.85 -6.99 -10.73
CA HIS C 99 -18.84 -5.97 -11.10
C HIS C 99 -19.69 -6.42 -12.29
N GLU C 100 -19.05 -7.01 -13.30
CA GLU C 100 -19.76 -7.61 -14.43
C GLU C 100 -20.72 -8.68 -13.94
N PHE C 101 -20.20 -9.58 -13.11
CA PHE C 101 -21.00 -10.67 -12.55
C PHE C 101 -22.23 -10.12 -11.85
N PHE C 102 -22.03 -9.12 -10.98
CA PHE C 102 -23.13 -8.45 -10.27
C PHE C 102 -24.17 -7.88 -11.23
N GLU C 103 -23.70 -7.25 -12.29
CA GLU C 103 -24.59 -6.68 -13.31
C GLU C 103 -25.42 -7.75 -13.99
N GLU C 104 -24.77 -8.85 -14.36
CA GLU C 104 -25.44 -9.96 -15.03
C GLU C 104 -26.44 -10.67 -14.12
N ALA C 105 -26.07 -10.83 -12.85
CA ALA C 105 -26.96 -11.42 -11.84
C ALA C 105 -28.18 -10.53 -11.59
N SER C 106 -27.96 -9.22 -11.55
CA SER C 106 -29.05 -8.26 -11.37
C SER C 106 -30.08 -8.34 -12.50
N ALA C 107 -29.59 -8.51 -13.72
CA ALA C 107 -30.46 -8.66 -14.90
C ALA C 107 -31.33 -9.91 -14.80
N ALA C 108 -30.81 -10.96 -14.17
CA ALA C 108 -31.56 -12.18 -13.92
C ALA C 108 -32.51 -12.05 -12.72
N GLY C 109 -32.55 -10.86 -12.12
CA GLY C 109 -33.45 -10.57 -11.01
C GLY C 109 -32.87 -10.88 -9.63
N LEU C 110 -31.57 -11.16 -9.60
CA LEU C 110 -30.90 -11.54 -8.36
C LEU C 110 -29.99 -10.40 -7.88
N VAL C 111 -30.52 -9.57 -7.00
CA VAL C 111 -29.79 -8.39 -6.51
C VAL C 111 -29.64 -8.39 -4.98
N TYR C 112 -30.74 -8.60 -4.26
CA TYR C 112 -30.73 -8.69 -2.81
C TYR C 112 -30.84 -10.14 -2.35
N GLY C 113 -30.05 -10.49 -1.34
CA GLY C 113 -30.07 -11.85 -0.81
C GLY C 113 -28.80 -12.20 -0.06
N LEU C 114 -28.59 -13.49 0.11
CA LEU C 114 -27.45 -14.00 0.88
C LEU C 114 -27.14 -15.43 0.47
N THR C 115 -25.93 -15.86 0.79
CA THR C 115 -25.49 -17.22 0.50
C THR C 115 -25.00 -17.85 1.81
N MET C 116 -25.62 -18.95 2.18
CA MET C 116 -25.18 -19.73 3.34
C MET C 116 -24.26 -20.83 2.84
N PRO C 117 -22.96 -20.78 3.24
CA PRO C 117 -22.05 -21.89 2.90
C PRO C 117 -22.53 -23.21 3.51
N LEU C 118 -22.29 -24.31 2.80
CA LEU C 118 -22.61 -25.63 3.32
C LEU C 118 -21.38 -26.52 3.39
N HIS C 119 -21.11 -27.06 4.57
CA HIS C 119 -20.02 -28.01 4.76
C HIS C 119 -20.53 -29.24 5.47
N GLY C 120 -20.62 -30.34 4.74
CA GLY C 120 -21.24 -31.57 5.25
C GLY C 120 -20.29 -32.43 6.07
N ALA C 121 -20.89 -33.37 6.81
CA ALA C 121 -20.13 -34.28 7.68
C ALA C 121 -19.15 -35.17 6.90
N ARG C 122 -19.40 -35.36 5.61
CA ARG C 122 -18.57 -36.22 4.77
C ARG C 122 -17.71 -35.45 3.77
N GLY C 123 -17.53 -34.16 4.01
CA GLY C 123 -16.68 -33.32 3.19
C GLY C 123 -17.40 -32.64 2.04
N GLU C 124 -18.72 -32.84 1.97
CA GLU C 124 -19.54 -32.16 0.96
C GLU C 124 -19.35 -30.64 1.05
N LEU C 125 -19.25 -30.01 -0.11
CA LEU C 125 -19.11 -28.55 -0.19
C LEU C 125 -20.28 -27.99 -0.99
N GLY C 126 -20.95 -26.97 -0.45
CA GLY C 126 -22.14 -26.44 -1.09
C GLY C 126 -22.50 -25.02 -0.72
N ALA C 127 -23.64 -24.57 -1.22
CA ALA C 127 -24.19 -23.27 -0.89
C ALA C 127 -25.71 -23.31 -0.95
N LEU C 128 -26.34 -22.58 -0.04
CA LEU C 128 -27.76 -22.27 -0.17
C LEU C 128 -27.89 -20.78 -0.35
N SER C 129 -28.21 -20.38 -1.59
CA SER C 129 -28.40 -18.98 -1.94
C SER C 129 -29.88 -18.67 -2.04
N LEU C 130 -30.26 -17.53 -1.49
CA LEU C 130 -31.66 -17.11 -1.46
C LEU C 130 -31.73 -15.65 -1.83
N SER C 131 -32.58 -15.32 -2.79
CA SER C 131 -32.80 -13.93 -3.19
C SER C 131 -34.06 -13.34 -2.53
N VAL C 132 -34.03 -12.04 -2.31
CA VAL C 132 -35.11 -11.30 -1.67
C VAL C 132 -35.60 -10.22 -2.63
N GLU C 133 -36.90 -10.17 -2.84
CA GLU C 133 -37.50 -9.04 -3.56
C GLU C 133 -37.89 -7.95 -2.58
N ALA C 134 -37.34 -6.75 -2.81
CA ALA C 134 -37.59 -5.61 -1.94
C ALA C 134 -37.44 -4.32 -2.75
N GLU C 135 -37.87 -3.21 -2.16
CA GLU C 135 -37.77 -1.91 -2.80
C GLU C 135 -36.32 -1.39 -2.79
N ASN C 136 -35.62 -1.66 -1.69
CA ASN C 136 -34.19 -1.32 -1.57
C ASN C 136 -33.44 -2.26 -0.63
N ARG C 137 -32.12 -2.10 -0.59
CA ARG C 137 -31.25 -2.97 0.22
C ARG C 137 -31.56 -2.95 1.71
N ALA C 138 -31.88 -1.76 2.24
CA ALA C 138 -32.20 -1.59 3.66
C ALA C 138 -33.44 -2.39 4.09
N GLU C 139 -34.46 -2.37 3.24
CA GLU C 139 -35.67 -3.17 3.46
C GLU C 139 -35.33 -4.65 3.34
N ALA C 140 -34.52 -5.00 2.34
CA ALA C 140 -34.08 -6.37 2.11
C ALA C 140 -33.29 -6.91 3.31
N ASN C 141 -32.39 -6.09 3.83
CA ASN C 141 -31.61 -6.41 5.03
C ASN C 141 -32.47 -6.54 6.28
N ARG C 142 -33.47 -5.66 6.41
CA ARG C 142 -34.42 -5.72 7.52
C ARG C 142 -35.17 -7.05 7.54
N PHE C 143 -35.66 -7.45 6.38
CA PHE C 143 -36.32 -8.75 6.26
C PHE C 143 -35.37 -9.90 6.60
N MET C 144 -34.18 -9.91 5.99
CA MET C 144 -33.22 -11.00 6.17
C MET C 144 -32.81 -11.18 7.63
N GLU C 145 -32.61 -10.08 8.34
CA GLU C 145 -32.29 -10.11 9.77
C GLU C 145 -33.42 -10.76 10.59
N SER C 146 -34.66 -10.50 10.19
CA SER C 146 -35.84 -11.01 10.88
C SER C 146 -36.04 -12.52 10.74
N VAL C 147 -35.53 -13.10 9.65
CA VAL C 147 -35.69 -14.54 9.39
C VAL C 147 -34.39 -15.33 9.54
N LEU C 148 -33.29 -14.64 9.82
CA LEU C 148 -31.97 -15.26 9.83
C LEU C 148 -31.83 -16.51 10.71
N PRO C 149 -32.33 -16.47 11.97
CA PRO C 149 -32.21 -17.67 12.81
C PRO C 149 -32.91 -18.90 12.22
N THR C 150 -34.10 -18.70 11.64
CA THR C 150 -34.85 -19.78 11.00
C THR C 150 -34.09 -20.28 9.78
N LEU C 151 -33.60 -19.36 8.96
CA LEU C 151 -32.77 -19.70 7.82
C LEU C 151 -31.51 -20.48 8.22
N TRP C 152 -30.88 -20.10 9.34
CA TRP C 152 -29.67 -20.77 9.82
C TRP C 152 -29.92 -22.24 10.13
N MET C 153 -31.07 -22.53 10.74
CA MET C 153 -31.45 -23.92 10.96
C MET C 153 -31.78 -24.63 9.64
N LEU C 154 -32.56 -23.96 8.79
CA LEU C 154 -32.96 -24.50 7.49
C LEU C 154 -31.78 -24.97 6.64
N LYS C 155 -30.72 -24.16 6.56
CA LYS C 155 -29.57 -24.50 5.71
C LYS C 155 -28.90 -25.83 6.12
N ASP C 156 -28.83 -26.11 7.42
CA ASP C 156 -28.24 -27.36 7.89
C ASP C 156 -29.17 -28.56 7.65
N TYR C 157 -30.46 -28.36 7.86
CA TYR C 157 -31.46 -29.39 7.52
C TYR C 157 -31.44 -29.71 6.03
N ALA C 158 -31.39 -28.66 5.20
CA ALA C 158 -31.26 -28.83 3.76
C ALA C 158 -29.97 -29.56 3.38
N LEU C 159 -28.85 -29.22 4.03
CA LEU C 159 -27.58 -29.87 3.75
C LEU C 159 -27.64 -31.36 4.10
N GLN C 160 -28.12 -31.67 5.30
CA GLN C 160 -28.12 -33.05 5.77
C GLN C 160 -28.97 -33.95 4.86
N SER C 161 -30.17 -33.47 4.53
CA SER C 161 -31.09 -34.24 3.69
C SER C 161 -30.65 -34.22 2.22
N GLY C 162 -30.23 -33.04 1.75
CA GLY C 162 -29.72 -32.87 0.38
C GLY C 162 -28.54 -33.77 0.02
N ALA C 163 -27.59 -33.90 0.95
CA ALA C 163 -26.41 -34.75 0.76
C ALA C 163 -26.80 -36.22 0.53
N GLY C 164 -27.81 -36.69 1.27
CA GLY C 164 -28.32 -38.06 1.10
C GLY C 164 -28.90 -38.28 -0.28
N LEU C 165 -29.64 -37.29 -0.77
CA LEU C 165 -30.26 -37.34 -2.10
C LEU C 165 -29.22 -37.24 -3.21
N ALA C 166 -28.21 -36.40 -3.01
CA ALA C 166 -27.18 -36.15 -4.01
C ALA C 166 -26.18 -37.31 -4.16
N PHE C 167 -25.72 -37.87 -3.04
CA PHE C 167 -24.56 -38.77 -3.06
C PHE C 167 -24.77 -40.13 -2.38
N GLU C 168 -25.72 -40.22 -1.47
CA GLU C 168 -25.98 -41.48 -0.78
C GLU C 168 -27.21 -42.19 -1.36
N LEU D 3 1.04 -2.18 4.72
CA LEU D 3 2.36 -2.66 4.21
C LEU D 3 3.14 -1.51 3.56
N VAL D 4 2.43 -0.71 2.75
CA VAL D 4 3.00 0.48 2.12
C VAL D 4 3.57 1.46 3.16
N ASP D 5 2.83 1.68 4.24
CA ASP D 5 3.24 2.58 5.32
C ASP D 5 4.62 2.22 5.87
N GLY D 6 5.00 0.96 5.81
CA GLY D 6 6.25 0.65 6.43
C GLY D 6 7.34 -0.18 5.78
N PHE D 7 7.31 -0.52 4.50
CA PHE D 7 7.83 0.33 3.39
C PHE D 7 8.36 1.72 3.59
N LEU D 8 7.46 2.69 3.71
CA LEU D 8 7.85 4.08 3.87
C LEU D 8 8.67 4.26 5.14
N GLU D 9 8.31 3.52 6.19
CA GLU D 9 9.08 3.47 7.43
C GLU D 9 10.49 2.92 7.21
N LEU D 10 10.60 1.79 6.51
CA LEU D 10 11.91 1.25 6.14
C LEU D 10 12.75 2.28 5.37
N GLU D 11 12.14 2.92 4.39
CA GLU D 11 12.82 3.92 3.56
C GLU D 11 13.33 5.11 4.35
N ARG D 12 12.58 5.51 5.37
CA ARG D 12 12.92 6.71 6.16
C ARG D 12 13.79 6.39 7.38
N SER D 13 13.99 5.10 7.64
CA SER D 13 14.73 4.67 8.83
C SER D 13 16.17 5.19 8.81
N SER D 14 16.66 5.53 9.99
CA SER D 14 18.03 5.94 10.14
C SER D 14 18.82 4.73 10.59
N GLY D 15 19.38 4.00 9.63
CA GLY D 15 20.37 3.00 9.93
C GLY D 15 19.83 1.59 10.04
N LYS D 16 20.77 0.65 10.03
CA LYS D 16 20.44 -0.76 10.04
C LYS D 16 19.67 -1.20 11.27
N LEU D 17 19.99 -0.65 12.44
CA LEU D 17 19.30 -1.02 13.66
C LEU D 17 17.79 -0.76 13.54
N GLU D 18 17.41 0.47 13.20
CA GLU D 18 15.99 0.79 13.04
C GLU D 18 15.34 -0.01 11.91
N TRP D 19 16.06 -0.14 10.79
CA TRP D 19 15.54 -0.91 9.64
C TRP D 19 15.22 -2.35 10.06
N SER D 20 16.15 -3.00 10.75
CA SER D 20 15.94 -4.34 11.28
C SER D 20 14.76 -4.42 12.24
N ALA D 21 14.64 -3.42 13.12
CA ALA D 21 13.53 -3.37 14.09
C ALA D 21 12.19 -3.32 13.38
N ILE D 22 12.09 -2.48 12.35
CA ILE D 22 10.86 -2.33 11.58
C ILE D 22 10.52 -3.63 10.83
N LEU D 23 11.50 -4.20 10.13
CA LEU D 23 11.26 -5.43 9.35
C LEU D 23 10.86 -6.61 10.25
N GLN D 24 11.56 -6.77 11.37
CA GLN D 24 11.23 -7.82 12.34
C GLN D 24 9.81 -7.70 12.89
N LYS D 25 9.38 -6.47 13.18
CA LYS D 25 8.03 -6.23 13.69
C LYS D 25 6.95 -6.50 12.64
N MET D 26 7.19 -6.07 11.40
CA MET D 26 6.31 -6.38 10.28
C MET D 26 6.13 -7.90 10.19
N ALA D 27 7.24 -8.63 10.25
CA ALA D 27 7.21 -10.08 10.17
C ALA D 27 6.51 -10.72 11.38
N SER D 28 6.80 -10.20 12.57
CA SER D 28 6.17 -10.68 13.81
C SER D 28 4.67 -10.42 13.81
N ASP D 29 4.26 -9.21 13.41
CA ASP D 29 2.84 -8.87 13.31
C ASP D 29 2.12 -9.79 12.35
N LEU D 30 2.83 -10.26 11.33
CA LEU D 30 2.27 -11.19 10.37
C LEU D 30 2.20 -12.60 10.94
N GLY D 31 3.05 -12.90 11.92
CA GLY D 31 3.02 -14.19 12.61
C GLY D 31 4.31 -15.00 12.59
N PHE D 32 5.37 -14.44 12.02
CA PHE D 32 6.68 -15.09 11.98
C PHE D 32 7.62 -14.55 13.05
N SER D 33 8.11 -15.43 13.93
CA SER D 33 8.92 -14.98 15.08
C SER D 33 10.40 -14.75 14.77
N LYS D 34 10.95 -15.47 13.78
CA LYS D 34 12.36 -15.26 13.39
C LYS D 34 12.50 -14.99 11.90
N ILE D 35 13.34 -14.02 11.55
CA ILE D 35 13.61 -13.74 10.14
C ILE D 35 15.09 -13.52 9.89
N LEU D 36 15.49 -13.79 8.66
CA LEU D 36 16.81 -13.40 8.17
C LEU D 36 16.63 -12.80 6.78
N PHE D 37 17.16 -11.59 6.61
CA PHE D 37 17.23 -10.92 5.32
C PHE D 37 18.70 -10.88 4.94
N GLY D 38 19.03 -11.50 3.82
CA GLY D 38 20.41 -11.57 3.33
C GLY D 38 20.48 -10.97 1.94
N LEU D 39 21.53 -10.18 1.69
CA LEU D 39 21.66 -9.56 0.38
C LEU D 39 23.11 -9.45 -0.03
N LEU D 40 23.36 -9.77 -1.30
CA LEU D 40 24.65 -9.62 -1.93
C LEU D 40 24.54 -8.69 -3.14
N PRO D 41 25.63 -7.96 -3.46
CA PRO D 41 25.63 -7.13 -4.66
C PRO D 41 25.72 -7.98 -5.92
N LYS D 42 25.48 -7.37 -7.08
CA LYS D 42 25.54 -8.05 -8.36
C LYS D 42 26.88 -8.78 -8.52
N ASP D 43 26.82 -10.01 -9.05
CA ASP D 43 27.99 -10.82 -9.39
C ASP D 43 28.79 -11.34 -8.18
N SER D 44 28.16 -11.37 -7.01
CA SER D 44 28.82 -11.89 -5.81
C SER D 44 28.26 -13.24 -5.38
N GLN D 45 29.16 -14.11 -4.93
CA GLN D 45 28.80 -15.41 -4.36
C GLN D 45 29.34 -15.53 -2.94
N ASP D 46 29.71 -14.39 -2.38
CA ASP D 46 30.40 -14.33 -1.09
C ASP D 46 29.39 -14.29 0.07
N TYR D 47 28.68 -15.41 0.26
CA TYR D 47 27.62 -15.53 1.27
C TYR D 47 28.10 -15.24 2.69
N GLU D 48 29.35 -15.57 2.97
CA GLU D 48 29.95 -15.35 4.30
C GLU D 48 30.14 -13.86 4.60
N ASN D 49 30.00 -13.03 3.57
CA ASN D 49 30.10 -11.59 3.71
C ASN D 49 28.87 -10.84 3.19
N ALA D 50 27.75 -11.56 3.13
CA ALA D 50 26.48 -10.95 2.75
C ALA D 50 26.09 -9.89 3.77
N PHE D 51 25.28 -8.95 3.33
CA PHE D 51 24.62 -8.03 4.24
C PHE D 51 23.47 -8.78 4.86
N ILE D 52 23.50 -8.95 6.18
CA ILE D 52 22.51 -9.74 6.89
C ILE D 52 21.77 -8.94 7.96
N VAL D 53 20.45 -9.08 7.97
CA VAL D 53 19.57 -8.44 8.95
C VAL D 53 18.67 -9.48 9.58
N GLY D 54 18.40 -9.35 10.88
CA GLY D 54 17.37 -10.16 11.48
C GLY D 54 17.65 -10.62 12.89
N ASN D 55 16.82 -11.56 13.35
CA ASN D 55 16.88 -12.01 14.73
C ASN D 55 17.13 -13.52 14.89
N TYR D 56 17.68 -14.15 13.85
CA TYR D 56 18.19 -15.51 13.99
C TYR D 56 19.20 -15.51 15.15
N PRO D 57 19.21 -16.58 15.97
CA PRO D 57 20.18 -16.68 17.07
C PRO D 57 21.59 -16.45 16.56
N ALA D 58 22.34 -15.56 17.23
CA ALA D 58 23.68 -15.20 16.77
C ALA D 58 24.58 -16.43 16.62
N ALA D 59 24.47 -17.36 17.57
CA ALA D 59 25.29 -18.58 17.56
C ALA D 59 24.98 -19.44 16.33
N TRP D 60 23.72 -19.41 15.90
CA TRP D 60 23.34 -20.11 14.67
C TRP D 60 23.94 -19.46 13.42
N ARG D 61 23.81 -18.13 13.32
CA ARG D 61 24.44 -17.39 12.21
C ARG D 61 25.95 -17.63 12.15
N GLU D 62 26.60 -17.65 13.31
CA GLU D 62 28.03 -17.93 13.39
C GLU D 62 28.37 -19.34 12.91
N HIS D 63 27.57 -20.32 13.36
CA HIS D 63 27.74 -21.71 12.98
C HIS D 63 27.60 -21.89 11.46
N TYR D 64 26.57 -21.27 10.89
CA TYR D 64 26.28 -21.34 9.46
C TYR D 64 27.47 -20.87 8.64
N ASP D 65 28.08 -19.75 9.04
CA ASP D 65 29.26 -19.21 8.39
C ASP D 65 30.46 -20.15 8.55
N ARG D 66 30.69 -20.59 9.80
CA ARG D 66 31.83 -21.45 10.12
C ARG D 66 31.75 -22.82 9.42
N ALA D 67 30.55 -23.38 9.33
CA ALA D 67 30.34 -24.69 8.71
C ALA D 67 30.24 -24.61 7.18
N GLY D 68 30.28 -23.39 6.65
CA GLY D 68 30.13 -23.14 5.21
C GLY D 68 28.80 -23.61 4.65
N TYR D 69 27.74 -23.44 5.44
CA TYR D 69 26.43 -23.97 5.10
C TYR D 69 25.79 -23.37 3.85
N ALA D 70 26.28 -22.23 3.38
CA ALA D 70 25.80 -21.67 2.11
C ALA D 70 25.98 -22.66 0.95
N ARG D 71 26.94 -23.58 1.10
CA ARG D 71 27.17 -24.62 0.10
C ARG D 71 26.31 -25.89 0.32
N VAL D 72 25.60 -25.95 1.43
CA VAL D 72 24.81 -27.14 1.82
C VAL D 72 23.31 -26.83 1.82
N ASP D 73 22.97 -25.71 2.45
CA ASP D 73 21.61 -25.17 2.54
C ASP D 73 20.92 -25.20 1.17
N PRO D 74 19.89 -26.08 1.01
CA PRO D 74 19.22 -26.21 -0.28
C PRO D 74 18.48 -24.96 -0.73
N THR D 75 18.17 -24.04 0.19
CA THR D 75 17.48 -22.82 -0.23
C THR D 75 18.39 -21.88 -1.01
N VAL D 76 19.69 -21.93 -0.74
CA VAL D 76 20.65 -21.07 -1.43
C VAL D 76 20.67 -21.37 -2.93
N SER D 77 20.93 -22.63 -3.30
CA SER D 77 20.88 -23.02 -4.71
C SER D 77 19.53 -22.70 -5.35
N HIS D 78 18.44 -22.93 -4.62
CA HIS D 78 17.11 -22.59 -5.13
C HIS D 78 17.03 -21.12 -5.51
N CYS D 79 17.52 -20.24 -4.62
CA CYS D 79 17.47 -18.79 -4.87
C CYS D 79 18.22 -18.37 -6.13
N THR D 80 19.28 -19.10 -6.49
CA THR D 80 20.04 -18.78 -7.70
C THR D 80 19.26 -19.09 -8.98
N GLN D 81 18.23 -19.94 -8.87
CA GLN D 81 17.49 -20.49 -10.01
C GLN D 81 16.04 -20.00 -10.13
N SER D 82 15.48 -19.44 -9.06
CA SER D 82 14.04 -19.15 -9.05
C SER D 82 13.71 -17.85 -8.31
N VAL D 83 12.58 -17.26 -8.67
CA VAL D 83 11.98 -16.15 -7.93
C VAL D 83 10.81 -16.62 -7.04
N LEU D 84 10.53 -17.93 -7.08
CA LEU D 84 9.42 -18.50 -6.30
C LEU D 84 9.88 -18.98 -4.94
N PRO D 85 9.00 -18.97 -3.92
CA PRO D 85 9.45 -19.40 -2.59
C PRO D 85 9.77 -20.87 -2.52
N ILE D 86 10.64 -21.23 -1.57
CA ILE D 86 10.88 -22.63 -1.23
C ILE D 86 10.52 -22.86 0.23
N PHE D 87 9.55 -23.74 0.46
CA PHE D 87 9.08 -24.05 1.80
C PHE D 87 10.01 -25.06 2.47
N TRP D 88 10.19 -24.92 3.78
CA TRP D 88 11.11 -25.78 4.51
C TRP D 88 10.43 -27.11 4.84
N GLU D 89 10.45 -28.01 3.87
CA GLU D 89 9.82 -29.32 3.97
C GLU D 89 10.92 -30.39 3.94
N PRO D 90 10.68 -31.56 4.56
CA PRO D 90 11.68 -32.62 4.56
C PRO D 90 12.25 -32.96 3.19
N SER D 91 11.43 -32.85 2.15
CA SER D 91 11.84 -33.21 0.78
C SER D 91 13.00 -32.38 0.21
N ILE D 92 13.22 -31.18 0.74
CA ILE D 92 14.30 -30.33 0.23
C ILE D 92 15.68 -30.74 0.79
N TYR D 93 15.68 -31.51 1.87
CA TYR D 93 16.94 -31.98 2.47
C TYR D 93 17.16 -33.44 2.09
N GLN D 94 17.93 -33.62 1.01
CA GLN D 94 18.05 -34.91 0.35
C GLN D 94 19.30 -35.69 0.79
N THR D 95 20.45 -35.04 0.77
CA THR D 95 21.71 -35.69 1.15
C THR D 95 21.86 -35.71 2.67
N ARG D 96 22.79 -36.54 3.18
CA ARG D 96 23.06 -36.55 4.62
C ARG D 96 23.52 -35.17 5.13
N LYS D 97 24.38 -34.51 4.36
CA LYS D 97 24.82 -33.14 4.67
C LYS D 97 23.62 -32.20 4.87
N GLN D 98 22.70 -32.24 3.92
CA GLN D 98 21.50 -31.40 3.98
C GLN D 98 20.59 -31.80 5.14
N HIS D 99 20.48 -33.10 5.39
CA HIS D 99 19.65 -33.53 6.50
C HIS D 99 20.17 -33.01 7.84
N GLU D 100 21.48 -33.09 8.05
CA GLU D 100 22.06 -32.63 9.30
C GLU D 100 21.99 -31.11 9.41
N PHE D 101 22.06 -30.42 8.26
CA PHE D 101 21.81 -28.99 8.23
C PHE D 101 20.43 -28.69 8.82
N PHE D 102 19.42 -29.43 8.34
CA PHE D 102 18.06 -29.28 8.85
C PHE D 102 17.98 -29.51 10.35
N GLU D 103 18.67 -30.55 10.83
CA GLU D 103 18.62 -30.93 12.24
C GLU D 103 19.22 -29.85 13.13
N GLU D 104 20.30 -29.25 12.66
CA GLU D 104 20.98 -28.22 13.41
C GLU D 104 20.21 -26.90 13.40
N ALA D 105 19.60 -26.56 12.26
CA ALA D 105 18.71 -25.41 12.18
C ALA D 105 17.52 -25.58 13.12
N SER D 106 16.97 -26.79 13.15
CA SER D 106 15.82 -27.11 14.02
C SER D 106 16.18 -26.93 15.48
N ALA D 107 17.39 -27.39 15.84
CA ALA D 107 17.92 -27.24 17.19
C ALA D 107 18.00 -25.78 17.60
N ALA D 108 18.21 -24.91 16.61
CA ALA D 108 18.24 -23.46 16.81
C ALA D 108 16.84 -22.84 16.91
N GLY D 109 15.81 -23.66 16.76
CA GLY D 109 14.43 -23.19 16.84
C GLY D 109 13.81 -22.91 15.48
N LEU D 110 14.57 -23.20 14.42
CA LEU D 110 14.15 -22.92 13.05
C LEU D 110 13.76 -24.19 12.31
N VAL D 111 12.52 -24.64 12.51
CA VAL D 111 12.05 -25.89 11.91
C VAL D 111 11.04 -25.69 10.78
N TYR D 112 10.09 -24.77 11.00
CA TYR D 112 9.05 -24.48 10.01
C TYR D 112 9.24 -23.10 9.43
N GLY D 113 9.10 -22.99 8.12
CA GLY D 113 9.15 -21.69 7.47
C GLY D 113 9.33 -21.75 5.98
N LEU D 114 9.83 -20.65 5.42
CA LEU D 114 10.03 -20.57 3.98
C LEU D 114 11.13 -19.55 3.68
N THR D 115 11.68 -19.64 2.47
CA THR D 115 12.65 -18.67 1.99
C THR D 115 12.16 -18.10 0.67
N MET D 116 12.07 -16.78 0.62
CA MET D 116 11.68 -16.06 -0.60
C MET D 116 12.95 -15.55 -1.26
N PRO D 117 13.28 -16.05 -2.47
CA PRO D 117 14.44 -15.50 -3.15
C PRO D 117 14.26 -14.01 -3.43
N LEU D 118 15.35 -13.28 -3.38
CA LEU D 118 15.34 -11.86 -3.76
C LEU D 118 16.23 -11.62 -4.96
N HIS D 119 15.68 -11.00 -6.00
CA HIS D 119 16.48 -10.59 -7.15
C HIS D 119 16.19 -9.13 -7.46
N GLY D 120 17.16 -8.29 -7.15
CA GLY D 120 16.98 -6.84 -7.26
C GLY D 120 17.15 -6.29 -8.66
N ALA D 121 16.68 -5.06 -8.85
CA ALA D 121 16.71 -4.36 -10.12
C ALA D 121 18.12 -4.10 -10.62
N ARG D 122 19.08 -4.05 -9.70
CA ARG D 122 20.47 -3.80 -10.06
C ARG D 122 21.34 -5.03 -9.89
N GLY D 123 20.70 -6.20 -9.97
CA GLY D 123 21.43 -7.47 -9.91
C GLY D 123 21.65 -8.03 -8.51
N GLU D 124 21.12 -7.36 -7.49
CA GLU D 124 21.28 -7.83 -6.11
C GLU D 124 20.69 -9.23 -6.00
N LEU D 125 21.30 -10.06 -5.16
CA LEU D 125 20.84 -11.42 -4.95
C LEU D 125 20.68 -11.61 -3.45
N GLY D 126 19.51 -12.09 -3.04
CA GLY D 126 19.29 -12.27 -1.63
C GLY D 126 18.24 -13.29 -1.29
N ALA D 127 17.86 -13.30 -0.02
CA ALA D 127 16.81 -14.18 0.47
C ALA D 127 16.13 -13.50 1.64
N LEU D 128 14.81 -13.64 1.73
CA LEU D 128 14.14 -13.36 2.99
C LEU D 128 13.62 -14.69 3.52
N SER D 129 14.20 -15.14 4.62
CA SER D 129 13.76 -16.37 5.28
C SER D 129 12.96 -16.03 6.52
N LEU D 130 11.85 -16.74 6.70
CA LEU D 130 10.96 -16.51 7.84
C LEU D 130 10.54 -17.84 8.44
N SER D 131 10.67 -17.92 9.76
CA SER D 131 10.31 -19.13 10.50
C SER D 131 9.03 -18.88 11.30
N VAL D 132 8.21 -19.93 11.45
CA VAL D 132 7.00 -19.85 12.24
C VAL D 132 7.05 -20.86 13.37
N GLU D 133 6.69 -20.40 14.57
CA GLU D 133 6.53 -21.29 15.70
C GLU D 133 5.17 -21.95 15.54
N ALA D 134 5.18 -23.25 15.28
CA ALA D 134 3.96 -24.01 15.09
C ALA D 134 4.03 -25.31 15.87
N GLU D 135 2.85 -25.86 16.20
CA GLU D 135 2.78 -27.13 16.90
C GLU D 135 3.23 -28.29 16.04
N ASN D 136 2.95 -28.20 14.73
CA ASN D 136 3.31 -29.21 13.76
C ASN D 136 3.33 -28.65 12.35
N ARG D 137 3.78 -29.48 11.39
CA ARG D 137 3.88 -29.10 9.98
C ARG D 137 2.56 -28.67 9.35
N ALA D 138 1.50 -29.44 9.58
CA ALA D 138 0.18 -29.12 9.03
C ALA D 138 -0.28 -27.72 9.48
N GLU D 139 -0.08 -27.43 10.76
CA GLU D 139 -0.43 -26.13 11.29
C GLU D 139 0.44 -25.02 10.69
N ALA D 140 1.74 -25.30 10.59
CA ALA D 140 2.69 -24.37 9.97
C ALA D 140 2.25 -24.01 8.56
N ASN D 141 1.93 -25.03 7.76
CA ASN D 141 1.51 -24.84 6.37
C ASN D 141 0.19 -24.12 6.21
N ARG D 142 -0.75 -24.39 7.13
CA ARG D 142 -2.02 -23.68 7.12
C ARG D 142 -1.81 -22.20 7.38
N PHE D 143 -1.04 -21.89 8.43
CA PHE D 143 -0.69 -20.51 8.73
C PHE D 143 -0.04 -19.82 7.54
N MET D 144 0.98 -20.46 6.96
CA MET D 144 1.72 -19.84 5.87
C MET D 144 0.84 -19.56 4.66
N GLU D 145 -0.07 -20.47 4.35
CA GLU D 145 -1.01 -20.22 3.25
C GLU D 145 -1.85 -18.97 3.51
N SER D 146 -2.25 -18.78 4.77
CA SER D 146 -3.14 -17.68 5.14
C SER D 146 -2.47 -16.32 5.02
N VAL D 147 -1.15 -16.28 5.10
CA VAL D 147 -0.43 -14.98 5.03
C VAL D 147 0.41 -14.81 3.76
N LEU D 148 0.48 -15.86 2.92
CA LEU D 148 1.37 -15.86 1.76
C LEU D 148 1.23 -14.67 0.79
N PRO D 149 -0.01 -14.23 0.45
CA PRO D 149 -0.06 -13.07 -0.46
C PRO D 149 0.53 -11.80 0.15
N THR D 150 0.34 -11.60 1.45
CA THR D 150 0.91 -10.44 2.15
C THR D 150 2.44 -10.56 2.20
N LEU D 151 2.93 -11.76 2.54
CA LEU D 151 4.37 -12.01 2.56
C LEU D 151 5.01 -11.79 1.20
N TRP D 152 4.28 -12.11 0.14
CA TRP D 152 4.81 -12.04 -1.22
C TRP D 152 5.08 -10.58 -1.60
N MET D 153 4.20 -9.69 -1.14
CA MET D 153 4.42 -8.26 -1.33
C MET D 153 5.56 -7.79 -0.44
N LEU D 154 5.54 -8.20 0.83
CA LEU D 154 6.55 -7.85 1.83
C LEU D 154 7.98 -8.09 1.34
N LYS D 155 8.25 -9.27 0.78
CA LYS D 155 9.62 -9.61 0.37
C LYS D 155 10.17 -8.63 -0.66
N ASP D 156 9.31 -8.16 -1.57
CA ASP D 156 9.74 -7.17 -2.57
C ASP D 156 9.95 -5.78 -1.98
N TYR D 157 9.05 -5.36 -1.08
CA TYR D 157 9.25 -4.10 -0.32
C TYR D 157 10.57 -4.15 0.47
N ALA D 158 10.82 -5.27 1.13
CA ALA D 158 12.04 -5.47 1.91
C ALA D 158 13.28 -5.41 1.01
N LEU D 159 13.22 -6.08 -0.13
CA LEU D 159 14.31 -6.04 -1.13
C LEU D 159 14.54 -4.62 -1.62
N GLN D 160 13.48 -3.93 -2.02
CA GLN D 160 13.64 -2.61 -2.62
C GLN D 160 14.32 -1.65 -1.65
N SER D 161 13.85 -1.64 -0.41
CA SER D 161 14.43 -0.77 0.62
C SER D 161 15.79 -1.26 1.09
N GLY D 162 15.88 -2.57 1.32
CA GLY D 162 17.12 -3.19 1.81
C GLY D 162 18.29 -2.93 0.90
N ALA D 163 18.02 -2.92 -0.41
CA ALA D 163 19.06 -2.67 -1.41
C ALA D 163 19.65 -1.27 -1.28
N GLY D 164 18.84 -0.31 -0.84
CA GLY D 164 19.32 1.06 -0.60
C GLY D 164 20.12 1.19 0.68
N LEU D 165 19.90 0.27 1.61
CA LEU D 165 20.61 0.24 2.89
C LEU D 165 21.94 -0.51 2.77
N ALA D 166 21.91 -1.66 2.11
CA ALA D 166 23.09 -2.49 1.92
C ALA D 166 24.13 -1.82 1.02
N PHE D 167 23.68 -1.15 -0.04
CA PHE D 167 24.59 -0.60 -1.05
C PHE D 167 24.26 0.85 -1.45
N GLU D 168 23.97 1.07 -2.74
CA GLU D 168 23.45 2.34 -3.26
C GLU D 168 24.20 3.55 -2.71
N VAL E 4 41.33 21.80 -41.30
CA VAL E 4 42.50 21.70 -42.22
C VAL E 4 43.76 22.31 -41.59
N ASP E 5 43.55 23.31 -40.73
CA ASP E 5 44.64 23.92 -39.98
C ASP E 5 45.44 22.86 -39.25
N GLY E 6 44.85 21.67 -39.10
CA GLY E 6 45.41 20.72 -38.19
C GLY E 6 46.09 19.41 -38.48
N PHE E 7 45.75 18.64 -39.52
CA PHE E 7 46.29 18.74 -40.88
C PHE E 7 47.59 19.45 -41.23
N LEU E 8 47.52 20.76 -41.43
CA LEU E 8 48.72 21.50 -41.78
C LEU E 8 49.76 21.40 -40.67
N GLU E 9 49.28 21.44 -39.42
CA GLU E 9 50.12 21.23 -38.25
C GLU E 9 50.76 19.86 -38.25
N LEU E 10 49.95 18.84 -38.54
CA LEU E 10 50.46 17.48 -38.67
C LEU E 10 51.58 17.41 -39.71
N GLU E 11 51.36 18.05 -40.84
CA GLU E 11 52.31 18.01 -41.96
C GLU E 11 53.51 18.94 -41.79
N ARG E 12 53.52 19.70 -40.68
CA ARG E 12 54.69 20.53 -40.34
C ARG E 12 55.33 20.07 -39.03
N SER E 13 54.89 18.92 -38.54
CA SER E 13 55.42 18.36 -37.29
C SER E 13 56.64 17.50 -37.58
N SER E 14 57.44 17.26 -36.55
CA SER E 14 58.60 16.37 -36.67
C SER E 14 58.61 15.38 -35.52
N GLY E 15 58.72 14.11 -35.86
CA GLY E 15 58.71 13.04 -34.87
C GLY E 15 57.32 12.57 -34.48
N LYS E 16 57.27 11.37 -33.92
CA LYS E 16 55.99 10.75 -33.56
C LYS E 16 55.29 11.46 -32.39
N LEU E 17 56.05 11.93 -31.40
CA LEU E 17 55.44 12.58 -30.23
C LEU E 17 54.62 13.79 -30.62
N GLU E 18 55.21 14.70 -31.41
CA GLU E 18 54.52 15.92 -31.82
C GLU E 18 53.27 15.60 -32.63
N TRP E 19 53.41 14.68 -33.58
CA TRP E 19 52.31 14.24 -34.42
C TRP E 19 51.15 13.69 -33.55
N SER E 20 51.49 12.83 -32.59
CA SER E 20 50.51 12.30 -31.64
C SER E 20 49.81 13.38 -30.81
N ALA E 21 50.60 14.35 -30.34
CA ALA E 21 50.05 15.45 -29.55
C ALA E 21 49.01 16.23 -30.35
N ILE E 22 49.32 16.53 -31.62
CA ILE E 22 48.44 17.28 -32.50
C ILE E 22 47.15 16.50 -32.79
N LEU E 23 47.30 15.23 -33.19
CA LEU E 23 46.11 14.40 -33.45
C LEU E 23 45.23 14.24 -32.22
N GLN E 24 45.85 14.01 -31.07
CA GLN E 24 45.09 13.85 -29.82
C GLN E 24 44.29 15.10 -29.48
N LYS E 25 44.91 16.26 -29.68
CA LYS E 25 44.24 17.53 -29.42
C LYS E 25 43.12 17.81 -30.41
N MET E 26 43.29 17.42 -31.67
CA MET E 26 42.21 17.56 -32.66
C MET E 26 40.98 16.76 -32.22
N ALA E 27 41.22 15.52 -31.80
CA ALA E 27 40.14 14.65 -31.36
C ALA E 27 39.43 15.17 -30.12
N SER E 28 40.20 15.65 -29.14
CA SER E 28 39.60 16.14 -27.90
C SER E 28 38.92 17.51 -28.08
N ASP E 29 39.48 18.35 -28.94
CA ASP E 29 38.80 19.59 -29.36
C ASP E 29 37.44 19.30 -30.01
N LEU E 30 37.35 18.19 -30.75
CA LEU E 30 36.10 17.78 -31.37
C LEU E 30 35.12 17.20 -30.34
N GLY E 31 35.63 16.74 -29.21
CA GLY E 31 34.79 16.29 -28.10
C GLY E 31 34.97 14.83 -27.72
N PHE E 32 35.91 14.16 -28.37
CA PHE E 32 36.25 12.79 -28.00
C PHE E 32 37.23 12.80 -26.83
N SER E 33 37.39 11.67 -26.16
CA SER E 33 38.28 11.59 -25.01
C SER E 33 39.59 10.90 -25.35
N LYS E 34 39.51 9.62 -25.71
CA LYS E 34 40.69 8.83 -26.02
C LYS E 34 40.70 8.43 -27.48
N ILE E 35 41.90 8.33 -28.06
CA ILE E 35 42.03 7.88 -29.44
C ILE E 35 43.13 6.86 -29.60
N LEU E 36 42.96 6.00 -30.61
CA LEU E 36 44.01 5.11 -31.04
C LEU E 36 44.05 5.12 -32.57
N PHE E 37 45.19 5.52 -33.11
CA PHE E 37 45.44 5.48 -34.55
C PHE E 37 46.40 4.32 -34.77
N GLY E 38 45.96 3.31 -35.50
CA GLY E 38 46.79 2.15 -35.79
C GLY E 38 46.96 1.96 -37.27
N LEU E 39 48.18 1.61 -37.69
CA LEU E 39 48.45 1.46 -39.11
C LEU E 39 49.48 0.37 -39.37
N LEU E 40 49.16 -0.49 -40.34
CA LEU E 40 50.04 -1.55 -40.83
C LEU E 40 50.36 -1.31 -42.28
N PRO E 41 51.53 -1.79 -42.75
CA PRO E 41 51.86 -1.66 -44.16
C PRO E 41 51.09 -2.69 -44.99
N LYS E 42 51.09 -2.50 -46.31
CA LYS E 42 50.44 -3.41 -47.25
C LYS E 42 50.78 -4.87 -46.97
N ASP E 43 49.75 -5.72 -46.99
CA ASP E 43 49.86 -7.18 -46.84
C ASP E 43 50.20 -7.69 -45.44
N SER E 44 50.22 -6.80 -44.46
CA SER E 44 50.59 -7.18 -43.09
C SER E 44 49.38 -7.51 -42.22
N GLN E 45 49.52 -8.54 -41.39
CA GLN E 45 48.52 -8.89 -40.37
C GLN E 45 49.20 -8.88 -39.00
N ASP E 46 50.33 -8.20 -38.91
CA ASP E 46 51.12 -8.18 -37.69
C ASP E 46 50.60 -7.10 -36.73
N TYR E 47 49.38 -7.29 -36.24
CA TYR E 47 48.72 -6.29 -35.39
C TYR E 47 49.49 -5.93 -34.12
N GLU E 48 50.20 -6.91 -33.55
CA GLU E 48 50.98 -6.70 -32.34
C GLU E 48 52.18 -5.79 -32.56
N ASN E 49 52.53 -5.56 -33.82
CA ASN E 49 53.63 -4.67 -34.20
C ASN E 49 53.20 -3.53 -35.12
N ALA E 50 51.93 -3.17 -35.06
CA ALA E 50 51.41 -2.04 -35.83
C ALA E 50 52.02 -0.72 -35.37
N PHE E 51 51.97 0.29 -36.23
CA PHE E 51 52.30 1.65 -35.85
C PHE E 51 51.09 2.17 -35.10
N ILE E 52 51.26 2.43 -33.80
CA ILE E 52 50.16 2.86 -32.96
C ILE E 52 50.44 4.22 -32.34
N VAL E 53 49.47 5.10 -32.46
CA VAL E 53 49.51 6.45 -31.91
C VAL E 53 48.29 6.66 -31.04
N GLY E 54 48.48 7.31 -29.89
CA GLY E 54 47.32 7.79 -29.12
C GLY E 54 47.47 7.69 -27.63
N ASN E 55 46.34 7.83 -26.92
CA ASN E 55 46.33 7.95 -25.47
C ASN E 55 45.43 6.94 -24.76
N TYR E 56 45.22 5.77 -25.39
CA TYR E 56 44.63 4.62 -24.68
C TYR E 56 45.55 4.29 -23.52
N PRO E 57 44.98 3.84 -22.38
CA PRO E 57 45.81 3.44 -21.23
C PRO E 57 46.84 2.43 -21.64
N ALA E 58 48.10 2.67 -21.26
CA ALA E 58 49.20 1.77 -21.61
C ALA E 58 48.92 0.33 -21.25
N ALA E 59 48.43 0.11 -20.02
CA ALA E 59 48.10 -1.23 -19.54
C ALA E 59 47.04 -1.94 -20.41
N TRP E 60 46.11 -1.16 -20.97
CA TRP E 60 45.11 -1.71 -21.88
C TRP E 60 45.73 -2.13 -23.22
N ARG E 61 46.57 -1.27 -23.81
CA ARG E 61 47.28 -1.64 -25.04
C ARG E 61 48.13 -2.91 -24.85
N GLU E 62 48.83 -2.99 -23.73
CA GLU E 62 49.64 -4.16 -23.39
C GLU E 62 48.77 -5.42 -23.30
N HIS E 63 47.63 -5.30 -22.65
CA HIS E 63 46.70 -6.41 -22.48
C HIS E 63 46.13 -6.89 -23.81
N TYR E 64 45.74 -5.94 -24.67
CA TYR E 64 45.21 -6.22 -26.00
C TYR E 64 46.20 -7.08 -26.80
N ASP E 65 47.47 -6.67 -26.80
CA ASP E 65 48.55 -7.42 -27.48
C ASP E 65 48.77 -8.80 -26.87
N ARG E 66 48.79 -8.87 -25.54
CA ARG E 66 49.06 -10.11 -24.81
C ARG E 66 47.96 -11.15 -25.00
N ALA E 67 46.71 -10.69 -24.98
CA ALA E 67 45.54 -11.55 -25.14
C ALA E 67 45.22 -11.87 -26.61
N GLY E 68 45.96 -11.25 -27.54
CA GLY E 68 45.73 -11.42 -28.98
C GLY E 68 44.34 -10.96 -29.40
N TYR E 69 43.87 -9.87 -28.80
CA TYR E 69 42.52 -9.37 -29.06
C TYR E 69 42.25 -8.92 -30.50
N ALA E 70 43.31 -8.71 -31.29
CA ALA E 70 43.15 -8.42 -32.72
C ALA E 70 42.36 -9.53 -33.43
N ARG E 71 42.42 -10.74 -32.88
CA ARG E 71 41.66 -11.87 -33.42
C ARG E 71 40.21 -11.94 -32.92
N VAL E 72 39.88 -11.07 -31.97
CA VAL E 72 38.59 -11.11 -31.26
C VAL E 72 37.81 -9.83 -31.52
N ASP E 73 38.51 -8.71 -31.41
CA ASP E 73 37.96 -7.37 -31.60
C ASP E 73 37.12 -7.30 -32.87
N PRO E 74 35.80 -7.10 -32.74
CA PRO E 74 34.94 -7.11 -33.94
C PRO E 74 35.21 -5.94 -34.91
N THR E 75 35.83 -4.88 -34.40
CA THR E 75 36.17 -3.76 -35.28
C THR E 75 37.30 -4.11 -36.24
N VAL E 76 38.16 -5.04 -35.85
CA VAL E 76 39.30 -5.43 -36.68
C VAL E 76 38.83 -6.14 -37.95
N SER E 77 38.00 -7.15 -37.79
CA SER E 77 37.46 -7.86 -38.94
C SER E 77 36.60 -6.93 -39.80
N HIS E 78 35.88 -6.01 -39.17
CA HIS E 78 35.11 -5.01 -39.90
C HIS E 78 36.00 -4.18 -40.82
N CYS E 79 37.13 -3.72 -40.28
CA CYS E 79 38.07 -2.91 -41.04
C CYS E 79 38.64 -3.62 -42.27
N THR E 80 38.80 -4.94 -42.18
CA THR E 80 39.26 -5.72 -43.34
C THR E 80 38.23 -5.77 -44.47
N GLN E 81 36.98 -5.45 -44.16
CA GLN E 81 35.91 -5.61 -45.15
C GLN E 81 35.22 -4.31 -45.55
N SER E 82 35.49 -3.22 -44.85
CA SER E 82 34.73 -1.99 -45.09
C SER E 82 35.56 -0.72 -44.95
N VAL E 83 35.08 0.35 -45.58
CA VAL E 83 35.60 1.70 -45.41
C VAL E 83 34.67 2.54 -44.53
N LEU E 84 33.57 1.95 -44.09
CA LEU E 84 32.57 2.66 -43.30
C LEU E 84 32.78 2.50 -41.80
N PRO E 85 32.36 3.48 -40.98
CA PRO E 85 32.57 3.38 -39.53
C PRO E 85 31.77 2.25 -38.91
N ILE E 86 32.31 1.71 -37.82
CA ILE E 86 31.57 0.76 -36.99
C ILE E 86 31.46 1.36 -35.59
N PHE E 87 30.22 1.54 -35.13
CA PHE E 87 30.00 2.12 -33.82
C PHE E 87 30.06 1.03 -32.76
N TRP E 88 30.53 1.38 -31.57
CA TRP E 88 30.69 0.39 -30.51
C TRP E 88 29.34 0.14 -29.84
N GLU E 89 28.52 -0.66 -30.49
CA GLU E 89 27.19 -1.00 -30.00
C GLU E 89 27.22 -2.44 -29.50
N PRO E 90 26.42 -2.76 -28.45
CA PRO E 90 26.33 -4.12 -27.92
C PRO E 90 26.25 -5.21 -28.99
N SER E 91 25.56 -4.91 -30.08
CA SER E 91 25.29 -5.90 -31.13
C SER E 91 26.54 -6.36 -31.87
N ILE E 92 27.64 -5.61 -31.78
CA ILE E 92 28.88 -6.02 -32.45
C ILE E 92 29.66 -7.08 -31.66
N TYR E 93 29.34 -7.22 -30.38
CA TYR E 93 29.98 -8.19 -29.50
C TYR E 93 29.07 -9.41 -29.39
N GLN E 94 29.44 -10.48 -30.07
CA GLN E 94 28.54 -11.63 -30.24
C GLN E 94 29.10 -12.93 -29.66
N THR E 95 30.38 -13.20 -29.88
CA THR E 95 31.01 -14.41 -29.36
C THR E 95 31.34 -14.25 -27.87
N ARG E 96 31.61 -15.36 -27.19
CA ARG E 96 32.01 -15.30 -25.78
C ARG E 96 33.28 -14.45 -25.58
N LYS E 97 34.28 -14.66 -26.42
CA LYS E 97 35.52 -13.88 -26.36
C LYS E 97 35.24 -12.39 -26.60
N GLN E 98 34.32 -12.08 -27.50
CA GLN E 98 33.95 -10.68 -27.79
C GLN E 98 33.22 -10.03 -26.61
N HIS E 99 32.42 -10.82 -25.90
CA HIS E 99 31.82 -10.34 -24.65
C HIS E 99 32.88 -10.04 -23.58
N GLU E 100 33.86 -10.92 -23.45
CA GLU E 100 34.95 -10.69 -22.51
C GLU E 100 35.74 -9.44 -22.92
N PHE E 101 35.99 -9.31 -24.22
CA PHE E 101 36.65 -8.12 -24.78
C PHE E 101 35.91 -6.84 -24.41
N PHE E 102 34.61 -6.81 -24.69
CA PHE E 102 33.77 -5.67 -24.31
C PHE E 102 33.91 -5.30 -22.83
N GLU E 103 33.88 -6.32 -21.96
CA GLU E 103 34.00 -6.11 -20.51
C GLU E 103 35.34 -5.51 -20.13
N GLU E 104 36.42 -6.06 -20.70
CA GLU E 104 37.78 -5.61 -20.41
C GLU E 104 38.04 -4.20 -20.94
N ALA E 105 37.53 -3.90 -22.13
CA ALA E 105 37.68 -2.56 -22.71
C ALA E 105 36.88 -1.53 -21.92
N SER E 106 35.71 -1.93 -21.43
CA SER E 106 34.87 -1.06 -20.61
C SER E 106 35.59 -0.68 -19.33
N ALA E 107 36.21 -1.67 -18.69
CA ALA E 107 37.03 -1.47 -17.49
C ALA E 107 38.14 -0.44 -17.74
N ALA E 108 38.63 -0.39 -18.97
CA ALA E 108 39.67 0.56 -19.35
C ALA E 108 39.12 1.95 -19.64
N GLY E 109 37.80 2.11 -19.53
CA GLY E 109 37.15 3.40 -19.77
C GLY E 109 36.71 3.56 -21.21
N LEU E 110 36.81 2.49 -21.98
CA LEU E 110 36.42 2.51 -23.39
C LEU E 110 35.09 1.78 -23.59
N VAL E 111 33.99 2.52 -23.56
CA VAL E 111 32.65 1.92 -23.65
C VAL E 111 31.83 2.46 -24.83
N TYR E 112 31.82 3.79 -24.98
CA TYR E 112 31.14 4.42 -26.11
C TYR E 112 32.16 4.95 -27.10
N GLY E 113 31.90 4.74 -28.38
CA GLY E 113 32.80 5.22 -29.41
C GLY E 113 32.56 4.60 -30.76
N LEU E 114 33.52 4.79 -31.65
CA LEU E 114 33.43 4.25 -33.00
C LEU E 114 34.83 3.99 -33.53
N THR E 115 34.91 3.22 -34.61
CA THR E 115 36.18 2.96 -35.28
C THR E 115 36.02 3.25 -36.77
N MET E 116 36.88 4.12 -37.30
CA MET E 116 36.90 4.42 -38.74
C MET E 116 38.00 3.58 -39.39
N PRO E 117 37.63 2.65 -40.29
CA PRO E 117 38.66 1.91 -41.00
C PRO E 117 39.52 2.85 -41.83
N LEU E 118 40.80 2.53 -41.94
CA LEU E 118 41.72 3.29 -42.77
C LEU E 118 42.26 2.37 -43.85
N HIS E 119 42.13 2.81 -45.10
CA HIS E 119 42.72 2.09 -46.21
C HIS E 119 43.46 3.10 -47.08
N GLY E 120 44.79 3.01 -47.04
CA GLY E 120 45.66 4.02 -47.66
C GLY E 120 45.90 3.79 -49.14
N ALA E 121 46.43 4.81 -49.81
CA ALA E 121 46.72 4.77 -51.24
C ALA E 121 47.77 3.73 -51.62
N ARG E 122 48.63 3.36 -50.67
CA ARG E 122 49.66 2.36 -50.94
C ARG E 122 49.40 1.03 -50.23
N GLY E 123 48.12 0.78 -49.93
CA GLY E 123 47.70 -0.50 -49.38
C GLY E 123 47.78 -0.59 -47.87
N GLU E 124 48.11 0.52 -47.20
CA GLU E 124 48.17 0.53 -45.74
C GLU E 124 46.79 0.19 -45.19
N LEU E 125 46.77 -0.60 -44.12
CA LEU E 125 45.53 -0.97 -43.43
C LEU E 125 45.58 -0.45 -42.01
N GLY E 126 44.54 0.25 -41.59
CA GLY E 126 44.54 0.85 -40.26
C GLY E 126 43.18 1.08 -39.66
N ALA E 127 43.18 1.77 -38.52
CA ALA E 127 41.96 2.14 -37.83
C ALA E 127 42.19 3.42 -37.06
N LEU E 128 41.19 4.29 -37.09
CA LEU E 128 41.15 5.38 -36.13
C LEU E 128 39.95 5.16 -35.23
N SER E 129 40.23 4.83 -33.98
CA SER E 129 39.20 4.58 -32.97
C SER E 129 39.16 5.76 -32.03
N LEU E 130 37.96 6.17 -31.64
CA LEU E 130 37.78 7.32 -30.79
C LEU E 130 36.69 7.01 -29.78
N SER E 131 36.99 7.23 -28.51
CA SER E 131 36.05 6.96 -27.44
C SER E 131 35.40 8.25 -26.98
N VAL E 132 34.18 8.16 -26.46
CA VAL E 132 33.49 9.33 -25.95
C VAL E 132 33.02 9.12 -24.51
N GLU E 133 33.21 10.14 -23.69
CA GLU E 133 32.66 10.18 -22.35
C GLU E 133 31.22 10.65 -22.41
N ALA E 134 30.31 9.87 -21.84
CA ALA E 134 28.89 10.18 -21.85
C ALA E 134 28.19 9.56 -20.64
N GLU E 135 27.03 10.11 -20.29
CA GLU E 135 26.21 9.57 -19.20
C GLU E 135 25.54 8.27 -19.62
N ASN E 136 25.15 8.20 -20.90
CA ASN E 136 24.51 7.02 -21.47
C ASN E 136 24.82 6.89 -22.97
N ARG E 137 24.50 5.72 -23.53
CA ARG E 137 24.74 5.42 -24.94
C ARG E 137 23.98 6.35 -25.90
N ALA E 138 22.77 6.75 -25.51
CA ALA E 138 21.98 7.68 -26.31
C ALA E 138 22.66 9.03 -26.47
N GLU E 139 23.18 9.56 -25.36
CA GLU E 139 23.94 10.81 -25.35
C GLU E 139 25.20 10.68 -26.21
N ALA E 140 25.88 9.53 -26.10
CA ALA E 140 27.08 9.25 -26.89
C ALA E 140 26.79 9.27 -28.39
N ASN E 141 25.76 8.53 -28.80
CA ASN E 141 25.36 8.48 -30.21
C ASN E 141 24.90 9.82 -30.78
N ARG E 142 24.23 10.63 -29.95
CA ARG E 142 23.85 11.98 -30.35
C ARG E 142 25.08 12.83 -30.65
N PHE E 143 26.08 12.76 -29.77
CA PHE E 143 27.32 13.49 -29.98
C PHE E 143 28.02 13.03 -31.25
N MET E 144 28.23 11.72 -31.39
CA MET E 144 28.96 11.17 -32.54
C MET E 144 28.32 11.57 -33.87
N GLU E 145 26.99 11.47 -33.95
CA GLU E 145 26.29 11.90 -35.15
C GLU E 145 26.49 13.38 -35.46
N SER E 146 26.53 14.22 -34.42
CA SER E 146 26.71 15.66 -34.58
C SER E 146 28.09 16.06 -35.15
N VAL E 147 29.08 15.20 -34.94
CA VAL E 147 30.44 15.48 -35.39
C VAL E 147 30.93 14.56 -36.51
N LEU E 148 30.08 13.61 -36.92
CA LEU E 148 30.49 12.59 -37.89
C LEU E 148 31.08 13.11 -39.22
N PRO E 149 30.46 14.15 -39.83
CA PRO E 149 31.07 14.65 -41.08
C PRO E 149 32.49 15.18 -40.90
N THR E 150 32.75 15.86 -39.79
CA THR E 150 34.09 16.34 -39.46
C THR E 150 35.04 15.18 -39.20
N LEU E 151 34.58 14.21 -38.42
CA LEU E 151 35.35 12.99 -38.17
C LEU E 151 35.71 12.28 -39.47
N TRP E 152 34.76 12.20 -40.40
CA TRP E 152 34.96 11.45 -41.63
C TRP E 152 36.10 12.05 -42.47
N MET E 153 36.19 13.38 -42.50
CA MET E 153 37.30 14.04 -43.16
C MET E 153 38.60 13.83 -42.37
N LEU E 154 38.51 13.99 -41.05
CA LEU E 154 39.65 13.84 -40.16
C LEU E 154 40.38 12.50 -40.31
N LYS E 155 39.63 11.40 -40.36
CA LYS E 155 40.25 10.09 -40.49
C LYS E 155 41.10 9.97 -41.75
N ASP E 156 40.68 10.59 -42.85
CA ASP E 156 41.46 10.53 -44.08
C ASP E 156 42.69 11.45 -44.05
N TYR E 157 42.53 12.63 -43.47
CA TYR E 157 43.68 13.53 -43.21
C TYR E 157 44.73 12.84 -42.32
N ALA E 158 44.27 12.18 -41.27
CA ALA E 158 45.15 11.47 -40.34
C ALA E 158 45.85 10.28 -41.02
N LEU E 159 45.09 9.56 -41.85
CA LEU E 159 45.65 8.48 -42.66
C LEU E 159 46.75 9.00 -43.59
N GLN E 160 46.46 10.06 -44.36
CA GLN E 160 47.41 10.52 -45.38
C GLN E 160 48.70 10.98 -44.72
N SER E 161 48.57 11.75 -43.64
CA SER E 161 49.74 12.27 -42.93
C SER E 161 50.44 11.14 -42.17
N GLY E 162 49.66 10.34 -41.45
CA GLY E 162 50.20 9.26 -40.62
C GLY E 162 50.98 8.21 -41.39
N ALA E 163 50.51 7.89 -42.59
CA ALA E 163 51.18 6.90 -43.47
C ALA E 163 52.60 7.32 -43.80
N GLY E 164 52.82 8.63 -43.98
CA GLY E 164 54.17 9.16 -44.23
C GLY E 164 55.05 9.03 -43.01
N LEU E 165 54.48 9.24 -41.83
CA LEU E 165 55.22 9.15 -40.59
C LEU E 165 55.58 7.71 -40.30
N ALA E 166 54.61 6.83 -40.49
CA ALA E 166 54.76 5.42 -40.19
C ALA E 166 55.78 4.75 -41.10
N PHE E 167 55.73 5.06 -42.40
CA PHE E 167 56.37 4.24 -43.43
C PHE E 167 57.31 4.94 -44.42
N GLU E 168 57.28 6.26 -44.49
CA GLU E 168 58.30 6.98 -45.28
C GLU E 168 59.65 6.98 -44.58
N LEU F 3 -15.01 29.29 36.91
CA LEU F 3 -14.51 27.91 36.69
C LEU F 3 -15.32 26.88 37.49
N VAL F 4 -15.49 27.14 38.78
CA VAL F 4 -16.32 26.29 39.64
C VAL F 4 -17.80 26.35 39.18
N ASP F 5 -18.19 27.47 38.58
CA ASP F 5 -19.51 27.63 37.95
C ASP F 5 -19.87 26.41 37.09
N GLY F 6 -18.87 25.90 36.39
CA GLY F 6 -18.99 24.65 35.67
C GLY F 6 -17.60 24.36 35.17
N PHE F 7 -16.93 23.30 35.62
CA PHE F 7 -17.40 22.22 36.54
C PHE F 7 -18.87 21.91 36.82
N LEU F 8 -19.50 22.72 37.67
CA LEU F 8 -20.88 22.45 38.10
C LEU F 8 -21.87 22.40 36.94
N GLU F 9 -21.59 23.15 35.88
CA GLU F 9 -22.31 23.00 34.62
C GLU F 9 -21.99 21.65 33.98
N LEU F 10 -20.70 21.29 33.98
CA LEU F 10 -20.20 20.04 33.38
C LEU F 10 -20.74 18.82 34.11
N GLU F 11 -20.45 18.75 35.41
CA GLU F 11 -20.86 17.64 36.27
C GLU F 11 -22.37 17.47 36.25
N ARG F 12 -23.09 18.59 36.18
CA ARG F 12 -24.54 18.58 36.17
C ARG F 12 -25.16 18.63 34.76
N SER F 13 -24.32 18.49 33.73
CA SER F 13 -24.83 18.39 32.36
C SER F 13 -25.52 17.05 32.13
N SER F 14 -26.44 17.02 31.16
CA SER F 14 -27.29 15.85 30.92
C SER F 14 -26.60 14.71 30.17
N GLY F 15 -25.68 15.05 29.28
CA GLY F 15 -25.00 14.05 28.45
C GLY F 15 -23.85 14.65 27.66
N LYS F 16 -23.33 13.87 26.72
CA LYS F 16 -22.10 14.22 25.99
C LYS F 16 -22.20 15.52 25.19
N LEU F 17 -23.30 15.70 24.45
CA LEU F 17 -23.46 16.90 23.62
C LEU F 17 -23.35 18.18 24.45
N GLU F 18 -24.06 18.23 25.57
CA GLU F 18 -24.02 19.40 26.46
C GLU F 18 -22.65 19.55 27.14
N TRP F 19 -22.12 18.43 27.63
CA TRP F 19 -20.82 18.40 28.31
C TRP F 19 -19.74 18.93 27.37
N SER F 20 -19.75 18.45 26.13
CA SER F 20 -18.87 18.93 25.07
C SER F 20 -19.00 20.44 24.86
N ALA F 21 -20.23 20.92 24.70
CA ALA F 21 -20.49 22.35 24.51
C ALA F 21 -19.94 23.21 25.64
N ILE F 22 -20.20 22.80 26.89
CA ILE F 22 -19.72 23.53 28.07
C ILE F 22 -18.19 23.59 28.13
N LEU F 23 -17.53 22.45 27.95
CA LEU F 23 -16.07 22.39 28.05
C LEU F 23 -15.39 23.21 26.95
N GLN F 24 -15.92 23.14 25.73
CA GLN F 24 -15.40 23.91 24.60
C GLN F 24 -15.51 25.41 24.85
N LYS F 25 -16.64 25.83 25.42
CA LYS F 25 -16.89 27.23 25.75
C LYS F 25 -15.99 27.69 26.89
N MET F 26 -15.75 26.80 27.86
CA MET F 26 -14.83 27.11 28.95
C MET F 26 -13.43 27.38 28.41
N ALA F 27 -13.00 26.52 27.50
CA ALA F 27 -11.70 26.65 26.85
C ALA F 27 -11.61 27.91 25.98
N SER F 28 -12.66 28.14 25.18
CA SER F 28 -12.72 29.29 24.29
C SER F 28 -12.73 30.60 25.06
N ASP F 29 -13.54 30.66 26.12
CA ASP F 29 -13.58 31.81 27.01
C ASP F 29 -12.23 32.11 27.64
N LEU F 30 -11.48 31.06 27.96
CA LEU F 30 -10.15 31.21 28.55
C LEU F 30 -9.11 31.69 27.53
N GLY F 31 -9.40 31.49 26.24
CA GLY F 31 -8.54 31.99 25.16
C GLY F 31 -8.00 30.95 24.20
N PHE F 32 -8.39 29.69 24.41
CA PHE F 32 -7.96 28.62 23.53
C PHE F 32 -8.88 28.46 22.33
N SER F 33 -8.35 27.89 21.26
CA SER F 33 -9.07 27.79 20.01
C SER F 33 -9.68 26.41 19.83
N LYS F 34 -8.83 25.40 19.71
CA LYS F 34 -9.28 24.04 19.49
C LYS F 34 -8.96 23.21 20.71
N ILE F 35 -9.81 22.22 20.98
CA ILE F 35 -9.69 21.41 22.17
C ILE F 35 -9.95 19.95 21.83
N LEU F 36 -9.20 19.05 22.46
CA LEU F 36 -9.52 17.63 22.43
C LEU F 36 -9.35 17.09 23.84
N PHE F 37 -10.43 16.49 24.35
CA PHE F 37 -10.40 15.75 25.60
C PHE F 37 -10.50 14.29 25.20
N GLY F 38 -9.51 13.49 25.60
CA GLY F 38 -9.53 12.06 25.28
C GLY F 38 -9.43 11.25 26.56
N LEU F 39 -10.17 10.16 26.63
CA LEU F 39 -10.16 9.33 27.85
C LEU F 39 -10.32 7.84 27.56
N LEU F 40 -9.49 7.03 28.21
CA LEU F 40 -9.57 5.57 28.15
C LEU F 40 -9.79 5.01 29.55
N PRO F 41 -10.45 3.84 29.64
CA PRO F 41 -10.58 3.19 30.94
C PRO F 41 -9.27 2.54 31.39
N LYS F 42 -9.22 2.14 32.66
CA LYS F 42 -8.05 1.48 33.25
C LYS F 42 -7.53 0.36 32.34
N ASP F 43 -6.21 0.30 32.17
CA ASP F 43 -5.52 -0.77 31.45
C ASP F 43 -5.57 -0.70 29.92
N SER F 44 -6.44 0.16 29.38
CA SER F 44 -6.65 0.23 27.94
C SER F 44 -5.59 1.05 27.19
N GLN F 45 -5.21 0.55 26.02
CA GLN F 45 -4.21 1.16 25.15
C GLN F 45 -4.84 1.48 23.80
N ASP F 46 -6.16 1.36 23.72
CA ASP F 46 -6.91 1.42 22.47
C ASP F 46 -7.30 2.86 22.10
N TYR F 47 -6.30 3.66 21.73
CA TYR F 47 -6.48 5.08 21.42
C TYR F 47 -7.51 5.35 20.31
N GLU F 48 -7.59 4.44 19.35
CA GLU F 48 -8.51 4.54 18.22
C GLU F 48 -9.97 4.46 18.65
N ASN F 49 -10.21 3.96 19.87
CA ASN F 49 -11.56 3.87 20.42
C ASN F 49 -11.71 4.59 21.76
N ALA F 50 -10.94 5.66 21.94
CA ALA F 50 -11.03 6.46 23.15
C ALA F 50 -12.35 7.23 23.16
N PHE F 51 -12.79 7.62 24.36
CA PHE F 51 -13.86 8.60 24.51
C PHE F 51 -13.26 9.95 24.14
N ILE F 52 -13.77 10.57 23.09
CA ILE F 52 -13.21 11.85 22.61
C ILE F 52 -14.25 12.95 22.51
N VAL F 53 -13.88 14.11 23.04
CA VAL F 53 -14.71 15.30 23.03
C VAL F 53 -13.89 16.45 22.45
N GLY F 54 -14.52 17.30 21.65
CA GLY F 54 -13.88 18.55 21.25
C GLY F 54 -14.14 18.95 19.81
N ASN F 55 -13.37 19.94 19.34
CA ASN F 55 -13.63 20.59 18.07
C ASN F 55 -12.42 20.59 17.15
N TYR F 56 -11.50 19.63 17.35
CA TYR F 56 -10.47 19.37 16.35
C TYR F 56 -11.19 19.06 15.05
N PRO F 57 -10.63 19.49 13.90
CA PRO F 57 -11.27 19.19 12.63
C PRO F 57 -11.47 17.68 12.49
N ALA F 58 -12.69 17.29 12.11
CA ALA F 58 -13.05 15.87 11.97
C ALA F 58 -12.08 15.12 11.08
N ALA F 59 -11.67 15.73 9.98
CA ALA F 59 -10.74 15.12 9.02
C ALA F 59 -9.37 14.84 9.64
N TRP F 60 -8.92 15.72 10.55
CA TRP F 60 -7.68 15.51 11.28
C TRP F 60 -7.79 14.32 12.24
N ARG F 61 -8.89 14.27 12.99
CA ARG F 61 -9.13 13.15 13.90
C ARG F 61 -9.15 11.81 13.17
N GLU F 62 -9.82 11.77 12.01
CA GLU F 62 -9.89 10.54 11.21
C GLU F 62 -8.52 10.12 10.67
N HIS F 63 -7.72 11.10 10.26
CA HIS F 63 -6.35 10.87 9.78
C HIS F 63 -5.43 10.36 10.89
N TYR F 64 -5.53 10.99 12.06
CA TYR F 64 -4.80 10.56 13.25
C TYR F 64 -5.05 9.07 13.56
N ASP F 65 -6.31 8.64 13.50
CA ASP F 65 -6.67 7.24 13.73
C ASP F 65 -6.16 6.32 12.63
N ARG F 66 -6.40 6.71 11.39
CA ARG F 66 -6.02 5.90 10.22
C ARG F 66 -4.51 5.68 10.17
N ALA F 67 -3.77 6.76 10.42
CA ALA F 67 -2.30 6.71 10.34
C ALA F 67 -1.64 6.20 11.62
N GLY F 68 -2.46 5.89 12.63
CA GLY F 68 -1.96 5.36 13.91
C GLY F 68 -0.98 6.31 14.58
N TYR F 69 -1.30 7.61 14.53
CA TYR F 69 -0.41 8.63 15.07
C TYR F 69 -0.23 8.56 16.59
N ALA F 70 -1.08 7.79 17.26
CA ALA F 70 -0.93 7.60 18.71
C ALA F 70 0.40 6.91 19.05
N ARG F 71 0.95 6.20 18.06
CA ARG F 71 2.26 5.56 18.18
C ARG F 71 3.43 6.52 17.93
N VAL F 72 3.13 7.72 17.42
CA VAL F 72 4.13 8.68 16.97
C VAL F 72 4.07 9.96 17.80
N ASP F 73 2.85 10.46 17.99
CA ASP F 73 2.56 11.66 18.77
C ASP F 73 3.33 11.65 20.09
N PRO F 74 4.28 12.60 20.26
CA PRO F 74 5.14 12.61 21.45
C PRO F 74 4.39 12.93 22.73
N THR F 75 3.21 13.54 22.63
CA THR F 75 2.39 13.84 23.81
C THR F 75 1.72 12.60 24.38
N VAL F 76 1.44 11.60 23.54
CA VAL F 76 0.85 10.35 24.02
C VAL F 76 1.81 9.61 24.95
N SER F 77 3.06 9.44 24.52
CA SER F 77 4.08 8.80 25.34
C SER F 77 4.34 9.58 26.63
N HIS F 78 4.34 10.91 26.53
CA HIS F 78 4.50 11.74 27.73
C HIS F 78 3.41 11.46 28.74
N CYS F 79 2.16 11.40 28.27
CA CYS F 79 1.01 11.15 29.15
C CYS F 79 1.13 9.88 29.99
N THR F 80 1.70 8.82 29.41
CA THR F 80 1.88 7.55 30.13
C THR F 80 2.93 7.65 31.25
N GLN F 81 3.77 8.67 31.19
CA GLN F 81 4.91 8.83 32.11
C GLN F 81 4.73 9.92 33.15
N SER F 82 3.85 10.89 32.89
CA SER F 82 3.83 12.10 33.71
C SER F 82 2.43 12.64 33.98
N VAL F 83 2.29 13.40 35.08
CA VAL F 83 1.08 14.20 35.35
C VAL F 83 1.29 15.67 34.94
N LEU F 84 2.49 16.01 34.47
CA LEU F 84 2.82 17.40 34.16
C LEU F 84 2.52 17.70 32.69
N PRO F 85 2.18 18.98 32.37
CA PRO F 85 1.86 19.28 30.97
C PRO F 85 3.09 19.16 30.05
N ILE F 86 2.82 18.91 28.77
CA ILE F 86 3.84 19.01 27.73
C ILE F 86 3.43 20.08 26.73
N PHE F 87 4.28 21.09 26.60
CA PHE F 87 4.06 22.17 25.65
C PHE F 87 4.50 21.75 24.26
N TRP F 88 3.73 22.17 23.26
CA TRP F 88 3.99 21.76 21.88
C TRP F 88 5.14 22.57 21.30
N GLU F 89 6.35 22.25 21.72
CA GLU F 89 7.56 22.96 21.29
C GLU F 89 8.28 22.12 20.23
N PRO F 90 9.09 22.76 19.35
CA PRO F 90 9.84 21.99 18.36
C PRO F 90 10.67 20.86 18.99
N SER F 91 11.17 21.08 20.20
CA SER F 91 12.01 20.10 20.90
C SER F 91 11.34 18.75 21.18
N ILE F 92 10.01 18.72 21.26
CA ILE F 92 9.29 17.47 21.55
C ILE F 92 9.15 16.55 20.33
N TYR F 93 9.43 17.08 19.14
CA TYR F 93 9.41 16.28 17.92
C TYR F 93 10.85 15.93 17.61
N GLN F 94 11.21 14.69 17.87
CA GLN F 94 12.62 14.28 17.84
C GLN F 94 12.95 13.36 16.66
N THR F 95 12.05 12.42 16.37
CA THR F 95 12.26 11.46 15.30
C THR F 95 11.81 12.04 13.96
N ARG F 96 12.27 11.42 12.87
CA ARG F 96 11.88 11.82 11.52
C ARG F 96 10.35 11.75 11.33
N LYS F 97 9.74 10.70 11.87
CA LYS F 97 8.28 10.52 11.82
C LYS F 97 7.53 11.59 12.63
N GLN F 98 8.09 11.97 13.77
CA GLN F 98 7.52 13.02 14.61
C GLN F 98 7.58 14.39 13.95
N HIS F 99 8.62 14.63 13.15
CA HIS F 99 8.68 15.87 12.37
C HIS F 99 7.56 15.89 11.32
N GLU F 100 7.32 14.75 10.68
CA GLU F 100 6.22 14.64 9.72
C GLU F 100 4.86 14.86 10.41
N PHE F 101 4.70 14.28 11.59
CA PHE F 101 3.48 14.47 12.41
C PHE F 101 3.22 15.95 12.69
N PHE F 102 4.26 16.66 13.11
CA PHE F 102 4.22 18.11 13.36
C PHE F 102 3.68 18.87 12.15
N GLU F 103 4.24 18.59 10.98
CA GLU F 103 3.82 19.30 9.76
C GLU F 103 2.34 19.05 9.43
N GLU F 104 1.89 17.82 9.62
CA GLU F 104 0.49 17.48 9.35
C GLU F 104 -0.48 18.07 10.38
N ALA F 105 -0.10 18.03 11.65
CA ALA F 105 -0.90 18.67 12.69
C ALA F 105 -0.98 20.18 12.47
N SER F 106 0.16 20.79 12.12
CA SER F 106 0.24 22.23 11.87
C SER F 106 -0.62 22.65 10.71
N ALA F 107 -0.69 21.80 9.68
CA ALA F 107 -1.50 22.06 8.50
C ALA F 107 -2.98 22.08 8.88
N ALA F 108 -3.31 21.37 9.95
CA ALA F 108 -4.67 21.32 10.49
C ALA F 108 -4.90 22.42 11.54
N GLY F 109 -3.96 23.35 11.65
CA GLY F 109 -4.12 24.50 12.54
C GLY F 109 -3.68 24.27 13.97
N LEU F 110 -3.04 23.12 14.21
CA LEU F 110 -2.55 22.78 15.55
C LEU F 110 -1.05 23.05 15.66
N VAL F 111 -0.70 24.31 15.90
CA VAL F 111 0.71 24.72 15.91
C VAL F 111 1.22 25.08 17.30
N TYR F 112 0.44 25.89 18.02
CA TYR F 112 0.77 26.27 19.39
C TYR F 112 -0.23 25.67 20.34
N GLY F 113 0.26 25.22 21.49
CA GLY F 113 -0.64 24.65 22.49
C GLY F 113 0.09 23.81 23.51
N LEU F 114 -0.68 23.01 24.24
CA LEU F 114 -0.15 22.13 25.27
C LEU F 114 -1.09 20.94 25.49
N THR F 115 -0.53 19.88 26.05
CA THR F 115 -1.33 18.71 26.41
C THR F 115 -1.16 18.44 27.89
N MET F 116 -2.29 18.36 28.58
CA MET F 116 -2.29 18.03 30.00
C MET F 116 -2.67 16.56 30.15
N PRO F 117 -1.73 15.72 30.64
CA PRO F 117 -2.06 14.32 30.89
C PRO F 117 -3.18 14.22 31.92
N LEU F 118 -4.03 13.21 31.78
CA LEU F 118 -5.08 12.97 32.74
C LEU F 118 -4.93 11.58 33.33
N HIS F 119 -4.95 11.50 34.65
CA HIS F 119 -4.83 10.23 35.35
C HIS F 119 -5.89 10.19 36.45
N GLY F 120 -6.93 9.41 36.19
CA GLY F 120 -8.10 9.41 37.06
C GLY F 120 -7.96 8.51 38.27
N ALA F 121 -8.83 8.70 39.25
CA ALA F 121 -8.82 7.93 40.49
C ALA F 121 -9.09 6.44 40.28
N ARG F 122 -9.73 6.11 39.17
CA ARG F 122 -10.03 4.71 38.87
C ARG F 122 -9.15 4.14 37.76
N GLY F 123 -8.00 4.76 37.52
CA GLY F 123 -7.04 4.22 36.55
C GLY F 123 -7.25 4.72 35.14
N GLU F 124 -8.20 5.65 34.97
CA GLU F 124 -8.49 6.22 33.66
C GLU F 124 -7.25 6.95 33.15
N LEU F 125 -7.02 6.84 31.85
CA LEU F 125 -5.90 7.51 31.21
C LEU F 125 -6.40 8.43 30.11
N GLY F 126 -5.95 9.68 30.13
CA GLY F 126 -6.43 10.64 29.15
C GLY F 126 -5.50 11.80 28.89
N ALA F 127 -5.99 12.73 28.09
CA ALA F 127 -5.27 13.95 27.77
C ALA F 127 -6.29 15.05 27.54
N LEU F 128 -5.97 16.25 27.99
CA LEU F 128 -6.70 17.43 27.56
C LEU F 128 -5.71 18.27 26.77
N SER F 129 -5.92 18.34 25.45
CA SER F 129 -5.07 19.13 24.57
C SER F 129 -5.79 20.41 24.18
N LEU F 130 -5.05 21.51 24.18
CA LEU F 130 -5.63 22.81 23.84
C LEU F 130 -4.68 23.58 22.96
N SER F 131 -5.22 24.12 21.86
CA SER F 131 -4.42 24.89 20.92
C SER F 131 -4.71 26.38 21.04
N VAL F 132 -3.70 27.19 20.78
CA VAL F 132 -3.89 28.65 20.79
C VAL F 132 -3.53 29.25 19.44
N GLU F 133 -4.40 30.13 18.94
CA GLU F 133 -4.09 30.90 17.75
C GLU F 133 -3.35 32.17 18.15
N ALA F 134 -2.12 32.32 17.67
CA ALA F 134 -1.26 33.44 18.04
C ALA F 134 -0.41 33.92 16.85
N GLU F 135 0.13 35.14 16.97
CA GLU F 135 0.95 35.73 15.92
C GLU F 135 2.31 35.05 15.82
N ASN F 136 2.85 34.65 16.97
CA ASN F 136 4.14 33.96 17.05
C ASN F 136 4.27 33.11 18.31
N ARG F 137 5.27 32.23 18.33
CA ARG F 137 5.52 31.33 19.47
C ARG F 137 5.67 32.07 20.79
N ALA F 138 6.35 33.22 20.74
CA ALA F 138 6.51 34.07 21.92
C ALA F 138 5.16 34.52 22.49
N GLU F 139 4.25 34.97 21.61
CA GLU F 139 2.90 35.39 22.03
C GLU F 139 2.10 34.22 22.58
N ALA F 140 2.20 33.08 21.92
CA ALA F 140 1.53 31.86 22.37
C ALA F 140 1.99 31.46 23.78
N ASN F 141 3.30 31.49 24.00
CA ASN F 141 3.87 31.11 25.29
C ASN F 141 3.57 32.10 26.41
N ARG F 142 3.53 33.39 26.08
CA ARG F 142 3.12 34.43 27.02
C ARG F 142 1.66 34.26 27.44
N PHE F 143 0.80 33.92 26.48
CA PHE F 143 -0.60 33.65 26.81
C PHE F 143 -0.75 32.43 27.71
N MET F 144 -0.12 31.32 27.33
CA MET F 144 -0.27 30.07 28.07
C MET F 144 0.27 30.20 29.49
N GLU F 145 1.39 30.91 29.64
CA GLU F 145 1.94 31.27 30.95
C GLU F 145 0.86 31.96 31.81
N SER F 146 0.12 32.87 31.19
CA SER F 146 -0.84 33.71 31.91
C SER F 146 -2.08 32.96 32.41
N VAL F 147 -2.42 31.85 31.75
CA VAL F 147 -3.64 31.10 32.09
C VAL F 147 -3.37 29.71 32.67
N LEU F 148 -2.09 29.33 32.72
CA LEU F 148 -1.71 27.97 33.15
C LEU F 148 -2.29 27.52 34.49
N PRO F 149 -2.25 28.39 35.53
CA PRO F 149 -2.81 27.96 36.81
C PRO F 149 -4.30 27.63 36.72
N THR F 150 -5.05 28.42 35.95
CA THR F 150 -6.47 28.16 35.73
C THR F 150 -6.66 26.85 34.95
N LEU F 151 -5.88 26.65 33.90
CA LEU F 151 -5.96 25.41 33.12
C LEU F 151 -5.64 24.16 33.96
N TRP F 152 -4.69 24.30 34.87
CA TRP F 152 -4.28 23.17 35.71
C TRP F 152 -5.45 22.71 36.59
N MET F 153 -6.25 23.66 37.06
CA MET F 153 -7.47 23.32 37.80
C MET F 153 -8.53 22.74 36.84
N LEU F 154 -8.72 23.41 35.71
CA LEU F 154 -9.71 22.98 34.71
C LEU F 154 -9.51 21.51 34.30
N LYS F 155 -8.26 21.11 34.03
CA LYS F 155 -8.00 19.74 33.57
C LYS F 155 -8.46 18.68 34.57
N ASP F 156 -8.32 18.96 35.86
CA ASP F 156 -8.78 18.03 36.91
C ASP F 156 -10.31 17.99 37.03
N TYR F 157 -10.97 19.14 36.92
CA TYR F 157 -12.44 19.20 36.88
C TYR F 157 -12.96 18.43 35.67
N ALA F 158 -12.33 18.67 34.52
CA ALA F 158 -12.71 17.99 33.27
C ALA F 158 -12.53 16.48 33.39
N LEU F 159 -11.42 16.06 33.98
CA LEU F 159 -11.16 14.65 34.24
C LEU F 159 -12.23 14.04 35.15
N GLN F 160 -12.52 14.70 36.27
CA GLN F 160 -13.46 14.15 37.24
C GLN F 160 -14.86 14.01 36.62
N SER F 161 -15.31 15.07 35.97
CA SER F 161 -16.62 15.10 35.32
C SER F 161 -16.68 14.14 34.12
N GLY F 162 -15.68 14.23 33.24
CA GLY F 162 -15.59 13.38 32.05
C GLY F 162 -15.60 11.89 32.35
N ALA F 163 -14.86 11.49 33.39
CA ALA F 163 -14.80 10.10 33.80
C ALA F 163 -16.17 9.54 34.17
N GLY F 164 -16.98 10.38 34.80
CA GLY F 164 -18.36 10.02 35.19
C GLY F 164 -19.30 9.91 34.00
N LEU F 165 -19.08 10.76 33.01
CA LEU F 165 -19.88 10.73 31.78
C LEU F 165 -19.48 9.54 30.92
N ALA F 166 -18.17 9.35 30.75
CA ALA F 166 -17.65 8.31 29.87
C ALA F 166 -17.83 6.90 30.42
N PHE F 167 -17.74 6.75 31.74
CA PHE F 167 -17.66 5.41 32.35
C PHE F 167 -18.70 5.09 33.41
N GLU F 168 -19.18 6.10 34.12
CA GLU F 168 -20.09 5.87 35.24
C GLU F 168 -21.53 5.70 34.74
N MET G 1 -0.50 -25.87 -1.85
CA MET G 1 -1.58 -25.00 -1.29
C MET G 1 -2.59 -24.63 -2.36
N ALA G 2 -3.86 -24.65 -1.99
CA ALA G 2 -4.97 -24.30 -2.88
C ALA G 2 -4.87 -22.87 -3.39
N LEU G 3 -4.36 -21.97 -2.54
CA LEU G 3 -4.16 -20.57 -2.87
C LEU G 3 -3.48 -20.35 -4.23
N VAL G 4 -2.46 -21.14 -4.51
CA VAL G 4 -1.64 -20.97 -5.70
C VAL G 4 -1.92 -22.01 -6.81
N ASP G 5 -2.91 -22.87 -6.58
CA ASP G 5 -3.26 -23.92 -7.54
C ASP G 5 -3.43 -23.39 -8.97
N GLY G 6 -4.07 -22.23 -9.08
CA GLY G 6 -4.31 -21.60 -10.39
C GLY G 6 -3.04 -21.30 -11.17
N PHE G 7 -2.00 -20.85 -10.46
CA PHE G 7 -0.74 -20.45 -11.08
C PHE G 7 0.01 -21.62 -11.74
N LEU G 8 -0.26 -22.84 -11.29
CA LEU G 8 0.39 -24.04 -11.83
C LEU G 8 0.17 -24.25 -13.33
N GLU G 9 -0.94 -23.71 -13.84
CA GLU G 9 -1.33 -23.87 -15.24
C GLU G 9 -0.32 -23.26 -16.22
N LEU G 10 0.40 -22.23 -15.79
CA LEU G 10 1.40 -21.58 -16.63
C LEU G 10 2.56 -22.52 -16.97
N GLU G 11 2.94 -23.37 -16.01
CA GLU G 11 4.01 -24.35 -16.22
C GLU G 11 3.61 -25.55 -17.08
N ARG G 12 2.33 -25.87 -17.09
CA ARG G 12 1.85 -27.04 -17.81
C ARG G 12 1.34 -26.72 -19.20
N SER G 13 1.63 -25.52 -19.68
CA SER G 13 1.26 -25.11 -21.03
C SER G 13 2.22 -25.70 -22.05
N SER G 14 1.80 -25.69 -23.30
CA SER G 14 2.65 -26.09 -24.42
C SER G 14 2.74 -24.94 -25.40
N GLY G 15 3.92 -24.34 -25.50
CA GLY G 15 4.16 -23.30 -26.50
C GLY G 15 3.62 -21.92 -26.12
N LYS G 16 4.03 -20.93 -26.89
CA LYS G 16 3.70 -19.53 -26.62
C LYS G 16 2.20 -19.25 -26.71
N LEU G 17 1.53 -19.76 -27.74
CA LEU G 17 0.10 -19.49 -27.92
C LEU G 17 -0.74 -19.91 -26.71
N GLU G 18 -0.53 -21.14 -26.23
CA GLU G 18 -1.27 -21.62 -25.07
C GLU G 18 -0.92 -20.84 -23.79
N TRP G 19 0.38 -20.57 -23.62
CA TRP G 19 0.85 -19.80 -22.46
C TRP G 19 0.21 -18.42 -22.46
N SER G 20 0.21 -17.77 -23.62
CA SER G 20 -0.42 -16.46 -23.76
C SER G 20 -1.90 -16.52 -23.43
N ALA G 21 -2.59 -17.57 -23.88
CA ALA G 21 -4.02 -17.73 -23.62
C ALA G 21 -4.32 -17.85 -22.13
N ILE G 22 -3.52 -18.65 -21.43
CA ILE G 22 -3.66 -18.86 -19.99
C ILE G 22 -3.43 -17.57 -19.21
N LEU G 23 -2.33 -16.89 -19.50
CA LEU G 23 -1.99 -15.64 -18.80
C LEU G 23 -3.07 -14.57 -19.01
N GLN G 24 -3.53 -14.42 -20.24
CA GLN G 24 -4.60 -13.49 -20.60
C GLN G 24 -5.88 -13.75 -19.82
N LYS G 25 -6.27 -15.02 -19.71
CA LYS G 25 -7.46 -15.41 -18.98
C LYS G 25 -7.35 -15.15 -17.48
N MET G 26 -6.18 -15.44 -16.90
CA MET G 26 -5.95 -15.14 -15.49
C MET G 26 -6.14 -13.65 -15.26
N ALA G 27 -5.55 -12.84 -16.13
CA ALA G 27 -5.67 -11.39 -16.07
C ALA G 27 -7.12 -10.95 -16.25
N SER G 28 -7.80 -11.54 -17.22
CA SER G 28 -9.20 -11.23 -17.53
C SER G 28 -10.12 -11.52 -16.34
N ASP G 29 -9.91 -12.68 -15.72
CA ASP G 29 -10.68 -13.08 -14.54
C ASP G 29 -10.53 -12.09 -13.38
N LEU G 30 -9.36 -11.45 -13.30
CA LEU G 30 -9.04 -10.44 -12.30
C LEU G 30 -9.51 -9.04 -12.68
N GLY G 31 -10.09 -8.91 -13.88
CA GLY G 31 -10.68 -7.66 -14.34
C GLY G 31 -9.83 -6.84 -15.32
N PHE G 32 -8.75 -7.43 -15.82
CA PHE G 32 -7.85 -6.72 -16.75
C PHE G 32 -7.98 -7.29 -18.16
N SER G 33 -8.60 -6.52 -19.05
CA SER G 33 -8.89 -7.01 -20.39
C SER G 33 -7.70 -6.88 -21.34
N LYS G 34 -6.69 -6.13 -20.92
CA LYS G 34 -5.50 -5.90 -21.77
C LYS G 34 -4.24 -6.12 -20.94
N ILE G 35 -3.32 -6.94 -21.46
CA ILE G 35 -2.08 -7.28 -20.74
C ILE G 35 -0.92 -7.33 -21.72
N LEU G 36 0.27 -6.98 -21.24
CA LEU G 36 1.50 -7.21 -21.99
C LEU G 36 2.58 -7.70 -21.03
N PHE G 37 3.11 -8.87 -21.36
CA PHE G 37 4.26 -9.48 -20.66
C PHE G 37 5.44 -9.32 -21.60
N GLY G 38 6.47 -8.62 -21.14
CA GLY G 38 7.64 -8.35 -21.96
C GLY G 38 8.87 -8.81 -21.24
N LEU G 39 9.80 -9.46 -21.95
CA LEU G 39 10.99 -9.98 -21.27
C LEU G 39 12.22 -9.93 -22.16
N LEU G 40 13.32 -9.48 -21.55
CA LEU G 40 14.62 -9.40 -22.19
C LEU G 40 15.64 -10.20 -21.38
N PRO G 41 16.67 -10.75 -22.06
CA PRO G 41 17.73 -11.45 -21.35
C PRO G 41 18.66 -10.46 -20.63
N LYS G 42 19.49 -10.97 -19.73
CA LYS G 42 20.40 -10.14 -18.95
C LYS G 42 21.19 -9.15 -19.81
N ASP G 43 21.26 -7.91 -19.31
CA ASP G 43 22.03 -6.80 -19.92
C ASP G 43 21.58 -6.34 -21.32
N SER G 44 20.45 -6.84 -21.82
CA SER G 44 19.90 -6.33 -23.07
C SER G 44 19.11 -5.06 -22.83
N GLN G 45 19.18 -4.13 -23.78
CA GLN G 45 18.37 -2.92 -23.78
C GLN G 45 17.58 -2.86 -25.08
N ASP G 46 17.43 -4.02 -25.71
CA ASP G 46 16.85 -4.13 -27.04
C ASP G 46 15.33 -4.32 -26.95
N TYR G 47 14.66 -3.29 -26.46
CA TYR G 47 13.22 -3.32 -26.20
C TYR G 47 12.39 -3.67 -27.43
N GLU G 48 12.87 -3.25 -28.60
CA GLU G 48 12.18 -3.51 -29.87
C GLU G 48 12.25 -4.99 -30.28
N ASN G 49 13.08 -5.76 -29.60
CA ASN G 49 13.18 -7.21 -29.86
C ASN G 49 12.96 -8.07 -28.61
N ALA G 50 12.16 -7.57 -27.69
CA ALA G 50 11.81 -8.32 -26.49
C ALA G 50 10.89 -9.49 -26.82
N PHE G 51 10.88 -10.47 -25.93
CA PHE G 51 9.88 -11.52 -25.97
C PHE G 51 8.61 -10.86 -25.43
N ILE G 52 7.57 -10.79 -26.27
CA ILE G 52 6.32 -10.10 -25.91
C ILE G 52 5.16 -11.07 -25.99
N VAL G 53 4.33 -11.09 -24.95
CA VAL G 53 3.11 -11.89 -24.91
C VAL G 53 1.95 -10.97 -24.51
N GLY G 54 0.78 -11.17 -25.11
CA GLY G 54 -0.43 -10.51 -24.62
C GLY G 54 -1.38 -10.05 -25.69
N ASN G 55 -2.33 -9.20 -25.31
CA ASN G 55 -3.41 -8.79 -26.21
C ASN G 55 -3.56 -7.27 -26.40
N TYR G 56 -2.48 -6.52 -26.17
CA TYR G 56 -2.47 -5.11 -26.55
C TYR G 56 -2.76 -5.07 -28.05
N PRO G 57 -3.53 -4.06 -28.50
CA PRO G 57 -3.81 -3.93 -29.93
C PRO G 57 -2.52 -3.95 -30.74
N ALA G 58 -2.49 -4.77 -31.79
CA ALA G 58 -1.28 -4.95 -32.61
C ALA G 58 -0.72 -3.62 -33.12
N ALA G 59 -1.60 -2.73 -33.56
CA ALA G 59 -1.18 -1.45 -34.14
C ALA G 59 -0.48 -0.54 -33.12
N TRP G 60 -0.91 -0.63 -31.86
CA TRP G 60 -0.24 0.07 -30.76
C TRP G 60 1.15 -0.50 -30.50
N ARG G 61 1.25 -1.82 -30.41
CA ARG G 61 2.57 -2.46 -30.30
C ARG G 61 3.53 -2.01 -31.40
N GLU G 62 3.05 -1.97 -32.64
CA GLU G 62 3.86 -1.57 -33.79
C GLU G 62 4.28 -0.11 -33.69
N HIS G 63 3.35 0.73 -33.25
CA HIS G 63 3.60 2.16 -33.08
C HIS G 63 4.64 2.40 -31.97
N TYR G 64 4.45 1.74 -30.83
CA TYR G 64 5.38 1.80 -29.70
C TYR G 64 6.83 1.49 -30.14
N ASP G 65 7.00 0.42 -30.93
CA ASP G 65 8.31 0.08 -31.51
C ASP G 65 8.83 1.14 -32.47
N ARG G 66 8.00 1.53 -33.44
CA ARG G 66 8.38 2.49 -34.48
C ARG G 66 8.75 3.85 -33.88
N ALA G 67 8.00 4.27 -32.87
CA ALA G 67 8.22 5.56 -32.21
C ALA G 67 9.36 5.50 -31.19
N GLY G 68 9.83 4.28 -30.90
CA GLY G 68 10.84 4.06 -29.87
C GLY G 68 10.39 4.53 -28.49
N TYR G 69 9.13 4.26 -28.15
CA TYR G 69 8.57 4.72 -26.87
C TYR G 69 9.21 4.11 -25.63
N ALA G 70 10.00 3.05 -25.79
CA ALA G 70 10.71 2.49 -24.65
C ALA G 70 11.63 3.54 -24.01
N ARG G 71 12.03 4.52 -24.82
CA ARG G 71 12.90 5.59 -24.36
C ARG G 71 12.16 6.72 -23.63
N VAL G 72 10.82 6.68 -23.65
CA VAL G 72 10.00 7.77 -23.10
C VAL G 72 9.00 7.29 -22.04
N ASP G 73 8.42 6.11 -22.29
CA ASP G 73 7.55 5.42 -21.36
C ASP G 73 8.13 5.40 -19.94
N PRO G 74 7.48 6.11 -18.98
CA PRO G 74 8.05 6.21 -17.62
C PRO G 74 8.09 4.89 -16.86
N THR G 75 7.31 3.90 -17.29
CA THR G 75 7.33 2.60 -16.62
C THR G 75 8.61 1.83 -16.94
N VAL G 76 9.18 2.07 -18.12
CA VAL G 76 10.42 1.38 -18.54
C VAL G 76 11.58 1.77 -17.63
N SER G 77 11.82 3.07 -17.50
CA SER G 77 12.86 3.56 -16.61
C SER G 77 12.62 3.08 -15.16
N HIS G 78 11.37 3.11 -14.71
CA HIS G 78 11.01 2.60 -13.39
C HIS G 78 11.43 1.15 -13.18
N CYS G 79 11.18 0.30 -14.18
CA CYS G 79 11.55 -1.11 -14.09
C CYS G 79 13.08 -1.32 -13.93
N THR G 80 13.88 -0.43 -14.51
CA THR G 80 15.35 -0.54 -14.37
C THR G 80 15.82 -0.26 -12.95
N GLN G 81 14.95 0.35 -12.14
CA GLN G 81 15.35 0.87 -10.82
C GLN G 81 14.63 0.21 -9.66
N SER G 82 13.54 -0.53 -9.95
CA SER G 82 12.66 -1.02 -8.88
C SER G 82 12.08 -2.40 -9.17
N VAL G 83 11.71 -3.09 -8.09
CA VAL G 83 10.93 -4.32 -8.14
C VAL G 83 9.46 -4.06 -7.78
N LEU G 84 9.12 -2.81 -7.49
CA LEU G 84 7.78 -2.47 -7.03
C LEU G 84 6.88 -2.00 -8.18
N PRO G 85 5.57 -2.28 -8.10
CA PRO G 85 4.65 -1.85 -9.15
C PRO G 85 4.63 -0.33 -9.30
N ILE G 86 4.42 0.12 -10.54
CA ILE G 86 4.14 1.52 -10.82
C ILE G 86 2.73 1.65 -11.38
N PHE G 87 1.89 2.41 -10.69
CA PHE G 87 0.53 2.62 -11.17
C PHE G 87 0.52 3.76 -12.19
N TRP G 88 -0.32 3.61 -13.22
CA TRP G 88 -0.38 4.60 -14.29
C TRP G 88 -1.18 5.81 -13.81
N GLU G 89 -0.49 6.76 -13.19
CA GLU G 89 -1.12 7.96 -12.62
C GLU G 89 -0.60 9.16 -13.41
N PRO G 90 -1.40 10.25 -13.48
CA PRO G 90 -0.91 11.44 -14.18
C PRO G 90 0.50 11.86 -13.75
N SER G 91 0.83 11.63 -12.47
CA SER G 91 2.10 12.06 -11.89
C SER G 91 3.33 11.39 -12.51
N ILE G 92 3.17 10.21 -13.10
CA ILE G 92 4.31 9.52 -13.70
C ILE G 92 4.71 10.06 -15.07
N TYR G 93 3.81 10.84 -15.68
CA TYR G 93 4.07 11.48 -16.97
C TYR G 93 4.51 12.91 -16.69
N GLN G 94 5.81 13.17 -16.79
CA GLN G 94 6.40 14.40 -16.28
C GLN G 94 6.90 15.32 -17.39
N THR G 95 7.56 14.74 -18.38
CA THR G 95 8.11 15.49 -19.50
C THR G 95 7.05 15.69 -20.58
N ARG G 96 7.32 16.61 -21.50
CA ARG G 96 6.45 16.91 -22.63
C ARG G 96 6.27 15.69 -23.55
N LYS G 97 7.35 14.93 -23.74
CA LYS G 97 7.30 13.69 -24.54
C LYS G 97 6.51 12.58 -23.84
N GLN G 98 6.59 12.56 -22.51
CA GLN G 98 5.80 11.61 -21.70
C GLN G 98 4.31 11.95 -21.71
N HIS G 99 3.99 13.24 -21.75
CA HIS G 99 2.60 13.65 -21.93
C HIS G 99 2.07 13.22 -23.31
N GLU G 100 2.91 13.32 -24.34
CA GLU G 100 2.54 12.84 -25.68
C GLU G 100 2.28 11.34 -25.62
N PHE G 101 3.19 10.63 -24.95
CA PHE G 101 3.06 9.18 -24.78
C PHE G 101 1.74 8.78 -24.15
N PHE G 102 1.38 9.45 -23.06
CA PHE G 102 0.11 9.20 -22.38
C PHE G 102 -1.10 9.37 -23.31
N GLU G 103 -1.09 10.44 -24.10
CA GLU G 103 -2.14 10.70 -25.09
C GLU G 103 -2.28 9.58 -26.11
N GLU G 104 -1.15 9.11 -26.64
CA GLU G 104 -1.16 8.06 -27.66
C GLU G 104 -1.63 6.73 -27.06
N ALA G 105 -1.14 6.41 -25.88
CA ALA G 105 -1.54 5.18 -25.19
C ALA G 105 -3.03 5.20 -24.86
N SER G 106 -3.51 6.36 -24.41
CA SER G 106 -4.94 6.54 -24.13
C SER G 106 -5.80 6.23 -25.35
N ALA G 107 -5.34 6.65 -26.53
CA ALA G 107 -6.04 6.37 -27.80
C ALA G 107 -6.16 4.87 -28.08
N ALA G 108 -5.20 4.10 -27.59
CA ALA G 108 -5.21 2.65 -27.71
C ALA G 108 -6.09 1.98 -26.65
N GLY G 109 -6.68 2.81 -25.78
CA GLY G 109 -7.56 2.31 -24.72
C GLY G 109 -6.80 2.01 -23.45
N LEU G 110 -5.52 2.36 -23.42
CA LEU G 110 -4.67 2.08 -22.28
C LEU G 110 -4.48 3.33 -21.41
N VAL G 111 -5.44 3.54 -20.50
CA VAL G 111 -5.45 4.72 -19.64
C VAL G 111 -5.18 4.38 -18.16
N TYR G 112 -5.88 3.36 -17.64
CA TYR G 112 -5.71 2.95 -16.25
C TYR G 112 -5.03 1.60 -16.17
N GLY G 113 -4.15 1.45 -15.18
CA GLY G 113 -3.45 0.19 -15.02
C GLY G 113 -2.19 0.29 -14.19
N LEU G 114 -1.35 -0.72 -14.31
CA LEU G 114 -0.13 -0.80 -13.54
C LEU G 114 0.89 -1.63 -14.28
N THR G 115 2.15 -1.40 -13.98
CA THR G 115 3.26 -2.17 -14.52
C THR G 115 4.06 -2.79 -13.37
N MET G 116 4.19 -4.11 -13.41
CA MET G 116 4.97 -4.84 -12.42
C MET G 116 6.33 -5.15 -13.01
N PRO G 117 7.41 -4.56 -12.46
CA PRO G 117 8.73 -4.90 -12.98
C PRO G 117 9.02 -6.39 -12.79
N LEU G 118 9.75 -6.97 -13.74
CA LEU G 118 10.20 -8.35 -13.63
C LEU G 118 11.72 -8.39 -13.61
N HIS G 119 12.26 -9.05 -12.59
CA HIS G 119 13.70 -9.22 -12.47
C HIS G 119 13.98 -10.69 -12.13
N GLY G 120 14.43 -11.42 -13.14
CA GLY G 120 14.52 -12.88 -13.04
C GLY G 120 15.77 -13.36 -12.33
N ALA G 121 15.76 -14.62 -11.93
CA ALA G 121 16.86 -15.22 -11.19
C ALA G 121 18.18 -15.23 -11.99
N ARG G 122 18.07 -15.27 -13.31
CA ARG G 122 19.26 -15.25 -14.19
C ARG G 122 19.48 -13.88 -14.84
N GLY G 123 18.90 -12.85 -14.24
CA GLY G 123 19.12 -11.48 -14.69
C GLY G 123 18.18 -11.01 -15.79
N GLU G 124 17.16 -11.81 -16.08
CA GLU G 124 16.12 -11.42 -17.04
C GLU G 124 15.47 -10.11 -16.59
N LEU G 125 15.19 -9.23 -17.54
CA LEU G 125 14.56 -7.95 -17.25
C LEU G 125 13.27 -7.85 -18.05
N GLY G 126 12.17 -7.54 -17.36
CA GLY G 126 10.88 -7.49 -18.01
C GLY G 126 9.83 -6.66 -17.30
N ALA G 127 8.60 -6.79 -17.77
CA ALA G 127 7.46 -6.10 -17.21
C ALA G 127 6.18 -6.87 -17.48
N LEU G 128 5.30 -6.89 -16.49
CA LEU G 128 3.94 -7.34 -16.69
C LEU G 128 3.05 -6.12 -16.52
N SER G 129 2.48 -5.66 -17.63
CA SER G 129 1.61 -4.49 -17.60
C SER G 129 0.19 -4.96 -17.77
N LEU G 130 -0.72 -4.41 -16.97
CA LEU G 130 -2.12 -4.78 -17.05
C LEU G 130 -2.96 -3.52 -17.03
N SER G 131 -3.91 -3.44 -17.95
CA SER G 131 -4.79 -2.29 -18.04
C SER G 131 -6.22 -2.68 -17.67
N VAL G 132 -6.88 -1.80 -16.92
CA VAL G 132 -8.25 -2.05 -16.48
C VAL G 132 -9.15 -1.02 -17.13
N GLU G 133 -10.26 -1.48 -17.72
CA GLU G 133 -11.23 -0.59 -18.30
C GLU G 133 -12.05 0.03 -17.18
N ALA G 134 -12.10 1.36 -17.15
CA ALA G 134 -12.84 2.09 -16.13
C ALA G 134 -13.29 3.43 -16.68
N GLU G 135 -14.24 4.05 -15.97
CA GLU G 135 -14.79 5.36 -16.33
C GLU G 135 -13.97 6.51 -15.74
N ASN G 136 -13.39 6.26 -14.57
CA ASN G 136 -12.58 7.25 -13.87
C ASN G 136 -11.44 6.63 -13.07
N ARG G 137 -10.53 7.48 -12.60
CA ARG G 137 -9.31 7.05 -11.91
C ARG G 137 -9.57 6.38 -10.57
N ALA G 138 -10.58 6.86 -9.85
CA ALA G 138 -10.92 6.29 -8.56
C ALA G 138 -11.55 4.91 -8.68
N GLU G 139 -12.39 4.75 -9.71
CA GLU G 139 -12.99 3.45 -10.04
C GLU G 139 -11.90 2.43 -10.41
N ALA G 140 -10.98 2.86 -11.27
CA ALA G 140 -9.85 2.02 -11.68
C ALA G 140 -9.06 1.55 -10.46
N ASN G 141 -8.72 2.48 -9.58
CA ASN G 141 -7.93 2.19 -8.39
C ASN G 141 -8.62 1.21 -7.46
N ARG G 142 -9.94 1.37 -7.33
CA ARG G 142 -10.79 0.43 -6.61
C ARG G 142 -10.68 -1.00 -7.18
N PHE G 143 -10.74 -1.12 -8.50
CA PHE G 143 -10.64 -2.41 -9.18
C PHE G 143 -9.27 -3.08 -9.01
N MET G 144 -8.21 -2.27 -9.00
CA MET G 144 -6.83 -2.75 -8.95
C MET G 144 -6.39 -3.14 -7.54
N GLU G 145 -6.74 -2.29 -6.57
CA GLU G 145 -6.37 -2.50 -5.16
C GLU G 145 -6.91 -3.84 -4.63
N SER G 146 -8.09 -4.23 -5.11
CA SER G 146 -8.74 -5.46 -4.69
C SER G 146 -7.96 -6.73 -5.05
N VAL G 147 -7.18 -6.68 -6.12
CA VAL G 147 -6.49 -7.85 -6.65
C VAL G 147 -4.96 -7.75 -6.59
N LEU G 148 -4.45 -6.67 -6.00
CA LEU G 148 -3.01 -6.43 -6.00
C LEU G 148 -2.16 -7.60 -5.44
N PRO G 149 -2.52 -8.15 -4.25
CA PRO G 149 -1.74 -9.28 -3.73
C PRO G 149 -1.72 -10.48 -4.69
N THR G 150 -2.86 -10.76 -5.33
CA THR G 150 -2.93 -11.80 -6.35
C THR G 150 -2.02 -11.48 -7.54
N LEU G 151 -2.06 -10.23 -8.02
CA LEU G 151 -1.20 -9.81 -9.13
C LEU G 151 0.27 -9.92 -8.79
N TRP G 152 0.60 -9.61 -7.53
CA TRP G 152 1.99 -9.61 -7.08
C TRP G 152 2.54 -11.02 -7.11
N MET G 153 1.70 -12.00 -6.76
CA MET G 153 2.08 -13.40 -6.89
C MET G 153 2.18 -13.77 -8.36
N LEU G 154 1.15 -13.40 -9.13
CA LEU G 154 1.08 -13.73 -10.55
C LEU G 154 2.32 -13.29 -11.33
N LYS G 155 2.79 -12.07 -11.07
CA LYS G 155 3.93 -11.56 -11.84
C LYS G 155 5.19 -12.41 -11.68
N ASP G 156 5.39 -12.97 -10.48
CA ASP G 156 6.55 -13.85 -10.25
C ASP G 156 6.36 -15.24 -10.88
N TYR G 157 5.17 -15.80 -10.76
CA TYR G 157 4.85 -17.05 -11.48
C TYR G 157 4.95 -16.89 -12.98
N ALA G 158 4.44 -15.78 -13.52
CA ALA G 158 4.57 -15.50 -14.95
C ALA G 158 6.04 -15.34 -15.35
N LEU G 159 6.83 -14.64 -14.53
CA LEU G 159 8.26 -14.47 -14.80
C LEU G 159 9.01 -15.80 -14.84
N GLN G 160 8.77 -16.65 -13.84
CA GLN G 160 9.53 -17.89 -13.72
C GLN G 160 9.23 -18.82 -14.89
N SER G 161 7.95 -18.94 -15.22
CA SER G 161 7.52 -19.79 -16.34
C SER G 161 7.87 -19.14 -17.70
N GLY G 162 7.67 -17.83 -17.80
CA GLY G 162 7.95 -17.09 -19.03
C GLY G 162 9.40 -17.05 -19.45
N ALA G 163 10.30 -16.97 -18.47
CA ALA G 163 11.74 -17.02 -18.76
C ALA G 163 12.14 -18.33 -19.42
N GLY G 164 11.54 -19.43 -18.95
CA GLY G 164 11.72 -20.74 -19.57
C GLY G 164 11.24 -20.75 -21.01
N LEU G 165 10.01 -20.27 -21.21
CA LEU G 165 9.41 -20.15 -22.53
C LEU G 165 10.21 -19.27 -23.51
N ALA G 166 10.77 -18.18 -23.01
CA ALA G 166 11.46 -17.21 -23.86
C ALA G 166 12.88 -17.63 -24.23
N PHE G 167 13.56 -18.31 -23.31
CA PHE G 167 15.00 -18.59 -23.47
C PHE G 167 15.35 -20.07 -23.33
N GLU G 168 14.91 -20.68 -22.22
CA GLU G 168 15.20 -22.09 -21.92
C GLU G 168 14.37 -23.05 -22.77
N MET H 1 -14.83 31.57 -16.58
CA MET H 1 -15.72 32.65 -16.05
C MET H 1 -15.34 33.02 -14.61
N ALA H 2 -15.32 34.32 -14.33
CA ALA H 2 -14.98 34.85 -13.00
C ALA H 2 -16.04 34.54 -11.95
N LEU H 3 -17.28 34.32 -12.39
CA LEU H 3 -18.39 33.93 -11.50
C LEU H 3 -18.10 32.62 -10.77
N VAL H 4 -17.54 31.66 -11.50
CA VAL H 4 -17.27 30.33 -10.96
C VAL H 4 -15.80 30.13 -10.57
N ASP H 5 -14.99 31.16 -10.75
CA ASP H 5 -13.57 31.12 -10.41
C ASP H 5 -13.32 30.50 -9.04
N GLY H 6 -14.05 30.98 -8.04
CA GLY H 6 -13.90 30.53 -6.66
C GLY H 6 -14.05 29.04 -6.50
N PHE H 7 -15.00 28.45 -7.22
CA PHE H 7 -15.30 27.03 -7.12
C PHE H 7 -14.13 26.12 -7.51
N LEU H 8 -13.17 26.66 -8.25
CA LEU H 8 -12.04 25.89 -8.79
C LEU H 8 -11.11 25.31 -7.72
N GLU H 9 -11.04 25.95 -6.57
CA GLU H 9 -10.19 25.51 -5.46
C GLU H 9 -10.55 24.11 -4.95
N LEU H 10 -11.82 23.74 -5.09
CA LEU H 10 -12.30 22.42 -4.67
C LEU H 10 -11.56 21.30 -5.38
N GLU H 11 -11.29 21.49 -6.68
CA GLU H 11 -10.48 20.55 -7.45
C GLU H 11 -8.99 20.64 -7.14
N ARG H 12 -8.54 21.82 -6.73
CA ARG H 12 -7.13 22.07 -6.41
C ARG H 12 -6.82 21.88 -4.92
N SER H 13 -7.17 20.73 -4.36
CA SER H 13 -6.80 20.42 -2.99
C SER H 13 -6.15 19.05 -2.86
N SER H 14 -5.41 18.86 -1.77
CA SER H 14 -4.77 17.60 -1.48
C SER H 14 -5.33 17.03 -0.19
N GLY H 15 -6.10 15.96 -0.32
CA GLY H 15 -6.62 15.24 0.83
C GLY H 15 -7.92 15.80 1.39
N LYS H 16 -8.51 15.04 2.30
CA LYS H 16 -9.79 15.37 2.89
C LYS H 16 -9.72 16.62 3.79
N LEU H 17 -8.66 16.76 4.58
CA LEU H 17 -8.53 17.91 5.48
C LEU H 17 -8.59 19.24 4.71
N GLU H 18 -7.81 19.36 3.65
CA GLU H 18 -7.79 20.59 2.87
C GLU H 18 -9.11 20.82 2.14
N TRP H 19 -9.66 19.76 1.56
CA TRP H 19 -10.95 19.83 0.88
C TRP H 19 -12.04 20.32 1.84
N SER H 20 -12.09 19.74 3.05
CA SER H 20 -13.07 20.16 4.05
C SER H 20 -12.91 21.63 4.43
N ALA H 21 -11.66 22.09 4.55
CA ALA H 21 -11.37 23.47 4.88
C ALA H 21 -11.84 24.46 3.79
N ILE H 22 -11.63 24.07 2.54
CA ILE H 22 -12.06 24.89 1.41
C ILE H 22 -13.58 24.96 1.34
N LEU H 23 -14.23 23.80 1.46
CA LEU H 23 -15.69 23.76 1.40
C LEU H 23 -16.30 24.53 2.56
N GLN H 24 -15.77 24.34 3.77
CA GLN H 24 -16.26 25.07 4.94
C GLN H 24 -16.11 26.58 4.80
N LYS H 25 -15.00 27.03 4.21
CA LYS H 25 -14.81 28.46 3.99
C LYS H 25 -15.79 29.03 2.95
N MET H 26 -16.02 28.28 1.87
CA MET H 26 -16.97 28.70 0.84
C MET H 26 -18.38 28.85 1.43
N ALA H 27 -18.76 27.91 2.29
CA ALA H 27 -20.06 27.97 2.96
C ALA H 27 -20.13 29.15 3.93
N SER H 28 -19.05 29.37 4.68
CA SER H 28 -18.95 30.49 5.62
C SER H 28 -19.04 31.83 4.89
N ASP H 29 -18.42 31.89 3.71
CA ASP H 29 -18.42 33.08 2.87
C ASP H 29 -19.82 33.39 2.34
N LEU H 30 -20.69 32.39 2.35
CA LEU H 30 -22.07 32.57 1.92
C LEU H 30 -23.02 32.69 3.12
N GLY H 31 -22.44 32.69 4.32
CA GLY H 31 -23.17 32.97 5.55
C GLY H 31 -23.59 31.76 6.36
N PHE H 32 -23.01 30.60 6.08
CA PHE H 32 -23.33 29.36 6.80
C PHE H 32 -22.14 28.88 7.64
N SER H 33 -22.25 28.98 8.96
CA SER H 33 -21.14 28.61 9.84
C SER H 33 -21.04 27.10 10.10
N LYS H 34 -22.11 26.36 9.79
CA LYS H 34 -22.11 24.91 9.98
C LYS H 34 -22.56 24.21 8.69
N ILE H 35 -21.83 23.16 8.32
CA ILE H 35 -22.06 22.43 7.08
C ILE H 35 -21.77 20.94 7.26
N LEU H 36 -22.54 20.11 6.55
CA LEU H 36 -22.25 18.68 6.47
C LEU H 36 -22.45 18.20 5.04
N PHE H 37 -21.38 17.70 4.46
CA PHE H 37 -21.40 17.08 3.15
C PHE H 37 -21.38 15.57 3.38
N GLY H 38 -22.42 14.88 2.93
CA GLY H 38 -22.49 13.43 3.07
C GLY H 38 -22.67 12.77 1.72
N LEU H 39 -21.94 11.68 1.48
CA LEU H 39 -22.01 11.00 0.19
C LEU H 39 -21.93 9.47 0.32
N LEU H 40 -22.81 8.81 -0.42
CA LEU H 40 -22.84 7.35 -0.49
C LEU H 40 -22.71 6.90 -1.94
N PRO H 41 -22.15 5.69 -2.16
CA PRO H 41 -22.11 5.15 -3.52
C PRO H 41 -23.49 4.69 -3.98
N LYS H 42 -23.57 4.31 -5.25
CA LYS H 42 -24.80 3.80 -5.88
C LYS H 42 -25.51 2.76 -5.02
N ASP H 43 -26.83 2.92 -4.91
CA ASP H 43 -27.74 1.94 -4.28
C ASP H 43 -27.41 1.60 -2.81
N SER H 44 -27.03 2.62 -2.06
CA SER H 44 -26.75 2.44 -0.63
C SER H 44 -27.64 3.33 0.24
N GLN H 45 -28.18 2.75 1.31
CA GLN H 45 -28.91 3.50 2.32
C GLN H 45 -28.16 3.41 3.65
N ASP H 46 -26.85 3.19 3.56
CA ASP H 46 -26.00 3.00 4.75
C ASP H 46 -25.50 4.34 5.29
N TYR H 47 -26.43 5.14 5.81
CA TYR H 47 -26.14 6.51 6.23
C TYR H 47 -25.10 6.58 7.35
N GLU H 48 -25.14 5.61 8.26
CA GLU H 48 -24.16 5.48 9.33
C GLU H 48 -22.71 5.27 8.83
N ASN H 49 -22.55 4.89 7.57
CA ASN H 49 -21.23 4.66 6.97
C ASN H 49 -20.88 5.58 5.79
N ALA H 50 -21.61 6.68 5.67
CA ALA H 50 -21.38 7.65 4.59
C ALA H 50 -20.02 8.33 4.70
N PHE H 51 -19.52 8.81 3.56
CA PHE H 51 -18.41 9.73 3.55
C PHE H 51 -18.97 11.05 4.04
N ILE H 52 -18.41 11.57 5.14
CA ILE H 52 -18.90 12.82 5.71
C ILE H 52 -17.79 13.87 5.83
N VAL H 53 -18.09 15.09 5.39
CA VAL H 53 -17.19 16.23 5.52
C VAL H 53 -17.92 17.38 6.20
N GLY H 54 -17.24 18.10 7.08
CA GLY H 54 -17.80 19.33 7.62
C GLY H 54 -17.53 19.58 9.08
N ASN H 55 -18.27 20.54 9.64
CA ASN H 55 -18.01 21.04 10.99
C ASN H 55 -19.24 21.04 11.92
N TYR H 56 -20.19 20.16 11.64
CA TYR H 56 -21.23 19.85 12.61
C TYR H 56 -20.54 19.37 13.89
N PRO H 57 -21.09 19.73 15.07
CA PRO H 57 -20.49 19.26 16.32
C PRO H 57 -20.34 17.74 16.33
N ALA H 58 -19.14 17.25 16.64
CA ALA H 58 -18.85 15.80 16.64
C ALA H 58 -19.83 14.99 17.48
N ALA H 59 -20.17 15.50 18.67
CA ALA H 59 -21.13 14.81 19.55
C ALA H 59 -22.52 14.70 18.92
N TRP H 60 -22.91 15.72 18.15
CA TRP H 60 -24.17 15.66 17.39
C TRP H 60 -24.11 14.62 16.27
N ARG H 61 -23.00 14.59 15.52
CA ARG H 61 -22.80 13.56 14.50
C ARG H 61 -22.88 12.14 15.06
N GLU H 62 -22.26 11.92 16.23
CA GLU H 62 -22.29 10.62 16.91
C GLU H 62 -23.70 10.25 17.38
N HIS H 63 -24.40 11.20 17.97
CA HIS H 63 -25.77 11.01 18.46
C HIS H 63 -26.75 10.70 17.31
N TYR H 64 -26.58 11.41 16.20
CA TYR H 64 -27.39 11.20 14.99
C TYR H 64 -27.26 9.75 14.50
N ASP H 65 -26.03 9.24 14.49
CA ASP H 65 -25.76 7.86 14.11
C ASP H 65 -26.36 6.87 15.10
N ARG H 66 -26.07 7.06 16.39
CA ARG H 66 -26.52 6.15 17.45
C ARG H 66 -28.04 6.08 17.56
N ALA H 67 -28.70 7.24 17.49
CA ALA H 67 -30.17 7.32 17.54
C ALA H 67 -30.84 6.91 16.22
N GLY H 68 -30.03 6.67 15.18
CA GLY H 68 -30.52 6.27 13.86
C GLY H 68 -31.41 7.30 13.21
N TYR H 69 -31.06 8.57 13.39
CA TYR H 69 -31.91 9.68 12.93
C TYR H 69 -32.11 9.74 11.41
N ALA H 70 -31.26 9.02 10.66
CA ALA H 70 -31.38 8.91 9.21
C ALA H 70 -32.76 8.37 8.79
N ARG H 71 -33.34 7.54 9.64
CA ARG H 71 -34.66 6.95 9.37
C ARG H 71 -35.80 7.88 9.78
N VAL H 72 -35.45 9.03 10.37
CA VAL H 72 -36.42 9.97 10.92
C VAL H 72 -36.34 11.35 10.25
N ASP H 73 -35.13 11.90 10.25
CA ASP H 73 -34.79 13.15 9.57
C ASP H 73 -35.53 13.27 8.23
N PRO H 74 -36.48 14.23 8.13
CA PRO H 74 -37.29 14.36 6.90
C PRO H 74 -36.47 14.73 5.65
N THR H 75 -35.26 15.25 5.85
CA THR H 75 -34.43 15.64 4.71
C THR H 75 -33.81 14.44 3.98
N VAL H 76 -33.60 13.34 4.71
CA VAL H 76 -32.98 12.14 4.15
C VAL H 76 -33.89 11.47 3.12
N SER H 77 -35.15 11.22 3.49
CA SER H 77 -36.11 10.66 2.55
C SER H 77 -36.32 11.59 1.34
N HIS H 78 -36.35 12.90 1.61
CA HIS H 78 -36.46 13.88 0.52
C HIS H 78 -35.34 13.72 -0.51
N CYS H 79 -34.11 13.53 -0.02
CA CYS H 79 -32.95 13.38 -0.91
C CYS H 79 -33.03 12.15 -1.81
N THR H 80 -33.67 11.08 -1.34
CA THR H 80 -33.84 9.88 -2.17
C THR H 80 -34.81 10.09 -3.33
N GLN H 81 -35.63 11.13 -3.23
CA GLN H 81 -36.77 11.35 -4.14
C GLN H 81 -36.67 12.62 -4.99
N SER H 82 -35.71 13.50 -4.70
CA SER H 82 -35.68 14.80 -5.34
C SER H 82 -34.27 15.35 -5.55
N VAL H 83 -34.14 16.24 -6.53
CA VAL H 83 -32.90 17.02 -6.73
C VAL H 83 -33.03 18.46 -6.21
N LEU H 84 -34.18 18.79 -5.63
CA LEU H 84 -34.46 20.16 -5.18
C LEU H 84 -34.17 20.34 -3.69
N PRO H 85 -33.72 21.54 -3.29
CA PRO H 85 -33.48 21.79 -1.86
C PRO H 85 -34.72 21.64 -1.00
N ILE H 86 -34.50 21.22 0.24
CA ILE H 86 -35.54 21.23 1.24
C ILE H 86 -35.09 22.13 2.38
N PHE H 87 -35.90 23.14 2.66
CA PHE H 87 -35.58 24.09 3.71
C PHE H 87 -36.05 23.54 5.04
N TRP H 88 -35.30 23.85 6.10
CA TRP H 88 -35.63 23.37 7.43
C TRP H 88 -36.76 24.24 8.00
N GLU H 89 -37.97 23.97 7.52
CA GLU H 89 -39.17 24.68 7.93
C GLU H 89 -39.97 23.83 8.91
N PRO H 90 -40.71 24.47 9.86
CA PRO H 90 -41.49 23.71 10.83
C PRO H 90 -42.38 22.65 10.19
N SER H 91 -42.93 22.96 9.01
CA SER H 91 -43.84 22.07 8.28
C SER H 91 -43.26 20.71 7.87
N ILE H 92 -41.93 20.58 7.83
CA ILE H 92 -41.32 19.31 7.39
C ILE H 92 -41.22 18.26 8.51
N TYR H 93 -41.36 18.70 9.75
CA TYR H 93 -41.30 17.80 10.90
C TYR H 93 -42.73 17.43 11.30
N GLN H 94 -43.19 16.28 10.82
CA GLN H 94 -44.62 15.92 10.88
C GLN H 94 -44.96 14.98 12.04
N THR H 95 -44.23 13.88 12.15
CA THR H 95 -44.48 12.88 13.18
C THR H 95 -43.93 13.32 14.54
N ARG H 96 -44.28 12.59 15.59
CA ARG H 96 -43.72 12.82 16.93
C ARG H 96 -42.19 12.71 16.92
N LYS H 97 -41.67 11.68 16.27
CA LYS H 97 -40.23 11.43 16.22
C LYS H 97 -39.50 12.55 15.48
N GLN H 98 -40.14 13.11 14.46
CA GLN H 98 -39.57 14.20 13.67
C GLN H 98 -39.57 15.52 14.44
N HIS H 99 -40.58 15.70 15.29
CA HIS H 99 -40.62 16.84 16.18
C HIS H 99 -39.55 16.71 17.26
N GLU H 100 -39.30 15.46 17.68
CA GLU H 100 -38.26 15.13 18.64
C GLU H 100 -36.88 15.31 18.01
N PHE H 101 -36.75 14.95 16.73
CA PHE H 101 -35.53 15.19 15.96
C PHE H 101 -35.21 16.69 15.87
N PHE H 102 -36.22 17.48 15.49
CA PHE H 102 -36.09 18.94 15.40
C PHE H 102 -35.61 19.55 16.72
N GLU H 103 -36.12 19.04 17.84
CA GLU H 103 -35.73 19.50 19.17
C GLU H 103 -34.24 19.28 19.43
N GLU H 104 -33.80 18.05 19.20
CA GLU H 104 -32.42 17.66 19.46
C GLU H 104 -31.46 18.47 18.59
N ALA H 105 -31.79 18.59 17.31
CA ALA H 105 -30.97 19.34 16.36
C ALA H 105 -30.82 20.80 16.78
N SER H 106 -31.93 21.42 17.20
CA SER H 106 -31.90 22.83 17.60
C SER H 106 -31.12 23.02 18.90
N ALA H 107 -31.21 22.04 19.79
CA ALA H 107 -30.42 22.03 21.03
C ALA H 107 -28.94 21.96 20.72
N ALA H 108 -28.61 21.32 19.60
CA ALA H 108 -27.22 21.23 19.12
C ALA H 108 -26.82 22.49 18.37
N GLY H 109 -27.77 23.40 18.16
CA GLY H 109 -27.51 24.70 17.54
C GLY H 109 -27.91 24.78 16.07
N LEU H 110 -28.49 23.71 15.56
CA LEU H 110 -28.88 23.61 14.16
C LEU H 110 -30.39 23.82 14.00
N VAL H 111 -30.79 25.07 13.80
CA VAL H 111 -32.22 25.43 13.75
C VAL H 111 -32.69 25.85 12.34
N TYR H 112 -32.00 26.82 11.75
CA TYR H 112 -32.34 27.31 10.42
C TYR H 112 -31.34 26.77 9.41
N GLY H 113 -31.82 26.42 8.23
CA GLY H 113 -30.94 25.96 7.16
C GLY H 113 -31.67 25.27 6.04
N LEU H 114 -30.92 24.52 5.24
CA LEU H 114 -31.47 23.78 4.11
C LEU H 114 -30.57 22.60 3.78
N THR H 115 -31.14 21.62 3.09
CA THR H 115 -30.41 20.44 2.62
C THR H 115 -30.55 20.36 1.10
N MET H 116 -29.41 20.33 0.41
CA MET H 116 -29.37 20.21 -1.05
C MET H 116 -29.07 18.76 -1.38
N PRO H 117 -30.03 18.03 -2.00
CA PRO H 117 -29.75 16.65 -2.37
C PRO H 117 -28.62 16.57 -3.41
N LEU H 118 -27.82 15.51 -3.34
CA LEU H 118 -26.74 15.29 -4.30
C LEU H 118 -26.97 14.00 -5.05
N HIS H 119 -26.95 14.08 -6.37
CA HIS H 119 -27.10 12.90 -7.21
C HIS H 119 -26.05 12.95 -8.29
N GLY H 120 -25.03 12.11 -8.14
CA GLY H 120 -23.85 12.16 -9.00
C GLY H 120 -24.00 11.43 -10.31
N ALA H 121 -23.05 11.68 -11.20
CA ALA H 121 -23.06 11.09 -12.54
C ALA H 121 -22.92 9.57 -12.51
N ARG H 122 -22.36 9.03 -11.42
CA ARG H 122 -22.15 7.58 -11.31
C ARG H 122 -23.07 6.92 -10.29
N GLY H 123 -24.18 7.60 -9.98
CA GLY H 123 -25.19 7.08 -9.07
C GLY H 123 -24.92 7.38 -7.61
N GLU H 124 -23.90 8.19 -7.33
CA GLU H 124 -23.63 8.64 -5.96
C GLU H 124 -24.85 9.37 -5.41
N LEU H 125 -25.18 9.09 -4.14
CA LEU H 125 -26.31 9.71 -3.45
C LEU H 125 -25.78 10.45 -2.23
N GLY H 126 -26.18 11.71 -2.08
CA GLY H 126 -25.73 12.49 -0.92
C GLY H 126 -26.57 13.70 -0.58
N ALA H 127 -25.99 14.53 0.28
CA ALA H 127 -26.63 15.76 0.72
C ALA H 127 -25.55 16.78 1.09
N LEU H 128 -25.79 18.03 0.74
CA LEU H 128 -25.06 19.13 1.33
C LEU H 128 -26.03 19.90 2.20
N SER H 129 -25.86 19.78 3.52
CA SER H 129 -26.69 20.49 4.48
C SER H 129 -25.94 21.68 5.04
N LEU H 130 -26.64 22.80 5.14
CA LEU H 130 -26.05 24.05 5.61
C LEU H 130 -26.98 24.73 6.62
N SER H 131 -26.42 25.12 7.76
CA SER H 131 -27.19 25.82 8.78
C SER H 131 -26.72 27.27 8.89
N VAL H 132 -27.69 28.17 8.99
CA VAL H 132 -27.40 29.59 9.09
C VAL H 132 -27.71 30.10 10.50
N GLU H 133 -26.79 30.87 11.07
CA GLU H 133 -27.00 31.54 12.34
C GLU H 133 -27.92 32.73 12.11
N ALA H 134 -29.06 32.74 12.80
CA ALA H 134 -30.05 33.81 12.66
C ALA H 134 -30.87 33.99 13.94
N GLU H 135 -31.41 35.19 14.10
CA GLU H 135 -32.17 35.55 15.30
C GLU H 135 -33.68 35.39 15.10
N ASN H 136 -34.11 35.40 13.84
CA ASN H 136 -35.51 35.19 13.48
C ASN H 136 -35.64 34.52 12.11
N ARG H 137 -36.82 33.96 11.80
CA ARG H 137 -37.03 33.20 10.56
C ARG H 137 -37.02 34.07 9.29
N ALA H 138 -37.59 35.27 9.38
CA ALA H 138 -37.55 36.20 8.26
C ALA H 138 -36.09 36.49 7.89
N GLU H 139 -35.27 36.66 8.92
CA GLU H 139 -33.84 36.86 8.77
C GLU H 139 -33.17 35.67 8.11
N ALA H 140 -33.39 34.47 8.65
CA ALA H 140 -32.78 33.25 8.13
C ALA H 140 -33.13 33.06 6.65
N ASN H 141 -34.40 33.27 6.32
CA ASN H 141 -34.88 33.13 4.95
C ASN H 141 -34.30 34.16 3.99
N ARG H 142 -34.19 35.41 4.45
CA ARG H 142 -33.56 36.46 3.66
C ARG H 142 -32.09 36.16 3.41
N PHE H 143 -31.42 35.66 4.45
CA PHE H 143 -30.03 35.25 4.35
C PHE H 143 -29.87 34.15 3.31
N MET H 144 -30.71 33.11 3.43
CA MET H 144 -30.64 31.96 2.53
C MET H 144 -31.05 32.27 1.08
N GLU H 145 -32.17 32.97 0.92
CA GLU H 145 -32.64 33.40 -0.41
C GLU H 145 -31.61 34.24 -1.17
N SER H 146 -30.91 35.11 -0.45
CA SER H 146 -29.94 36.02 -1.05
C SER H 146 -28.72 35.33 -1.67
N VAL H 147 -28.42 34.12 -1.22
CA VAL H 147 -27.25 33.38 -1.73
C VAL H 147 -27.64 32.06 -2.40
N LEU H 148 -28.93 31.79 -2.49
CA LEU H 148 -29.41 30.50 -3.00
C LEU H 148 -28.87 30.10 -4.40
N PRO H 149 -28.88 31.02 -5.39
CA PRO H 149 -28.34 30.61 -6.69
C PRO H 149 -26.86 30.21 -6.64
N THR H 150 -26.07 30.90 -5.83
CA THR H 150 -24.68 30.56 -5.59
C THR H 150 -24.51 29.20 -4.90
N LEU H 151 -25.32 28.96 -3.86
CA LEU H 151 -25.35 27.64 -3.21
C LEU H 151 -25.71 26.52 -4.17
N TRP H 152 -26.64 26.81 -5.08
CA TRP H 152 -27.13 25.81 -6.04
C TRP H 152 -25.99 25.36 -6.94
N MET H 153 -25.13 26.30 -7.31
CA MET H 153 -23.93 25.97 -8.07
C MET H 153 -22.92 25.24 -7.19
N LEU H 154 -22.71 25.75 -5.98
CA LEU H 154 -21.78 25.13 -5.02
C LEU H 154 -21.99 23.63 -4.81
N LYS H 155 -23.24 23.22 -4.58
CA LYS H 155 -23.52 21.82 -4.27
C LYS H 155 -23.09 20.87 -5.39
N ASP H 156 -23.22 21.30 -6.64
CA ASP H 156 -22.82 20.46 -7.77
C ASP H 156 -21.30 20.43 -7.94
N TYR H 157 -20.65 21.59 -7.77
CA TYR H 157 -19.19 21.65 -7.72
C TYR H 157 -18.64 20.77 -6.59
N ALA H 158 -19.29 20.82 -5.42
CA ALA H 158 -18.86 20.03 -4.26
C ALA H 158 -19.03 18.54 -4.55
N LEU H 159 -20.15 18.20 -5.16
CA LEU H 159 -20.45 16.82 -5.54
C LEU H 159 -19.41 16.28 -6.54
N GLN H 160 -19.15 17.06 -7.59
CA GLN H 160 -18.27 16.59 -8.67
C GLN H 160 -16.84 16.36 -8.17
N SER H 161 -16.37 17.29 -7.34
CA SER H 161 -15.03 17.23 -6.73
C SER H 161 -14.98 16.17 -5.63
N GLY H 162 -16.00 16.18 -4.77
CA GLY H 162 -16.06 15.33 -3.58
C GLY H 162 -16.18 13.84 -3.87
N ALA H 163 -16.91 13.49 -4.93
CA ALA H 163 -17.04 12.09 -5.33
C ALA H 163 -15.66 11.45 -5.48
N GLY H 164 -14.75 12.19 -6.11
CA GLY H 164 -13.35 11.75 -6.31
C GLY H 164 -12.54 11.57 -5.04
N LEU H 165 -12.98 12.19 -3.96
CA LEU H 165 -12.29 12.09 -2.67
C LEU H 165 -12.90 11.04 -1.76
N ALA H 166 -14.20 10.83 -1.90
CA ALA H 166 -14.97 9.94 -1.04
C ALA H 166 -14.51 8.49 -1.09
N PHE H 167 -14.57 7.91 -2.28
CA PHE H 167 -14.30 6.49 -2.52
C PHE H 167 -13.85 6.44 -3.96
N GLU H 168 -14.73 6.97 -4.80
CA GLU H 168 -14.42 7.34 -6.15
C GLU H 168 -13.52 8.57 -6.08
#